data_2D58
# 
_entry.id   2D58 
# 
_audit_conform.dict_name       mmcif_pdbx.dic 
_audit_conform.dict_version    5.388 
_audit_conform.dict_location   http://mmcif.pdb.org/dictionaries/ascii/mmcif_pdbx.dic 
# 
loop_
_database_2.database_id 
_database_2.database_code 
_database_2.pdbx_database_accession 
_database_2.pdbx_DOI 
PDB   2D58         pdb_00002d58 10.2210/pdb2d58/pdb 
RCSB  RCSB025001   ?            ?                   
WWPDB D_1000025001 ?            ?                   
# 
loop_
_pdbx_audit_revision_history.ordinal 
_pdbx_audit_revision_history.data_content_type 
_pdbx_audit_revision_history.major_revision 
_pdbx_audit_revision_history.minor_revision 
_pdbx_audit_revision_history.revision_date 
1 'Structure model' 1 0 2006-10-10 
2 'Structure model' 1 1 2008-04-30 
3 'Structure model' 1 2 2011-07-13 
4 'Structure model' 1 3 2024-03-13 
# 
_pdbx_audit_revision_details.ordinal             1 
_pdbx_audit_revision_details.revision_ordinal    1 
_pdbx_audit_revision_details.data_content_type   'Structure model' 
_pdbx_audit_revision_details.provider            repository 
_pdbx_audit_revision_details.type                'Initial release' 
_pdbx_audit_revision_details.description         ? 
_pdbx_audit_revision_details.details             ? 
# 
loop_
_pdbx_audit_revision_group.ordinal 
_pdbx_audit_revision_group.revision_ordinal 
_pdbx_audit_revision_group.data_content_type 
_pdbx_audit_revision_group.group 
1 2 'Structure model' 'Version format compliance' 
2 3 'Structure model' 'Version format compliance' 
3 4 'Structure model' 'Data collection'           
4 4 'Structure model' 'Database references'       
5 4 'Structure model' 'Derived calculations'      
# 
loop_
_pdbx_audit_revision_category.ordinal 
_pdbx_audit_revision_category.revision_ordinal 
_pdbx_audit_revision_category.data_content_type 
_pdbx_audit_revision_category.category 
1 4 'Structure model' chem_comp_atom         
2 4 'Structure model' chem_comp_bond         
3 4 'Structure model' database_2             
4 4 'Structure model' pdbx_struct_conn_angle 
5 4 'Structure model' struct_conn            
6 4 'Structure model' struct_site            
# 
loop_
_pdbx_audit_revision_item.ordinal 
_pdbx_audit_revision_item.revision_ordinal 
_pdbx_audit_revision_item.data_content_type 
_pdbx_audit_revision_item.item 
1  4 'Structure model' '_database_2.pdbx_DOI'                      
2  4 'Structure model' '_database_2.pdbx_database_accession'       
3  4 'Structure model' '_pdbx_struct_conn_angle.ptnr1_auth_seq_id' 
4  4 'Structure model' '_pdbx_struct_conn_angle.ptnr3_auth_seq_id' 
5  4 'Structure model' '_pdbx_struct_conn_angle.value'             
6  4 'Structure model' '_struct_conn.pdbx_dist_value'              
7  4 'Structure model' '_struct_conn.ptnr1_auth_comp_id'           
8  4 'Structure model' '_struct_conn.ptnr1_auth_seq_id'            
9  4 'Structure model' '_struct_conn.ptnr1_label_asym_id'          
10 4 'Structure model' '_struct_conn.ptnr1_label_atom_id'          
11 4 'Structure model' '_struct_conn.ptnr1_label_comp_id'          
12 4 'Structure model' '_struct_conn.ptnr1_label_seq_id'           
13 4 'Structure model' '_struct_conn.ptnr2_auth_comp_id'           
14 4 'Structure model' '_struct_conn.ptnr2_auth_seq_id'            
15 4 'Structure model' '_struct_conn.ptnr2_label_asym_id'          
16 4 'Structure model' '_struct_conn.ptnr2_label_atom_id'          
17 4 'Structure model' '_struct_conn.ptnr2_label_comp_id'          
18 4 'Structure model' '_struct_conn.ptnr2_label_seq_id'           
19 4 'Structure model' '_struct_site.pdbx_auth_asym_id'            
20 4 'Structure model' '_struct_site.pdbx_auth_comp_id'            
21 4 'Structure model' '_struct_site.pdbx_auth_seq_id'             
# 
_pdbx_database_status.status_code                     REL 
_pdbx_database_status.entry_id                        2D58 
_pdbx_database_status.recvd_initial_deposition_date   2005-10-31 
_pdbx_database_status.deposit_site                    PDBJ 
_pdbx_database_status.process_site                    PDBJ 
_pdbx_database_status.status_code_sf                  REL 
_pdbx_database_status.status_code_mr                  ? 
_pdbx_database_status.SG_entry                        ? 
_pdbx_database_status.pdb_format_compatible           Y 
_pdbx_database_status.status_code_cs                  ? 
_pdbx_database_status.status_code_nmr_data            ? 
_pdbx_database_status.methods_development_category    ? 
# 
_pdbx_database_related.db_name        PDB 
_pdbx_database_related.db_id          1WY9 
_pdbx_database_related.details        'Mouse Iba1' 
_pdbx_database_related.content_type   unspecified 
# 
_audit_author.name           'Kamitori, S.' 
_audit_author.pdbx_ordinal   1 
# 
_citation.id                        primary 
_citation.title                     
;X-ray Structures of the Microglia/Macrophage-specific Protein Iba1 from Human and Mouse Demonstrate Novel Molecular Conformation Change Induced by Calcium binding
;
_citation.journal_abbrev            J.Mol.Biol. 
_citation.journal_volume            364 
_citation.page_first                449 
_citation.page_last                 457 
_citation.year                      2006 
_citation.journal_id_ASTM           JMOBAK 
_citation.country                   UK 
_citation.journal_id_ISSN           0022-2836 
_citation.journal_id_CSD            0070 
_citation.book_publisher            ? 
_citation.pdbx_database_id_PubMed   17011575 
_citation.pdbx_database_id_DOI      10.1016/j.jmb.2006.09.027 
# 
loop_
_citation_author.citation_id 
_citation_author.name 
_citation_author.ordinal 
_citation_author.identifier_ORCID 
primary 'Yamada, M.'   1 ? 
primary 'Ohsawa, K.'   2 ? 
primary 'Imai, Y.'     3 ? 
primary 'Kohsaka, S.'  4 ? 
primary 'Kamitori, S.' 5 ? 
# 
loop_
_entity.id 
_entity.type 
_entity.src_method 
_entity.pdbx_description 
_entity.formula_weight 
_entity.pdbx_number_of_molecules 
_entity.pdbx_ec 
_entity.pdbx_mutation 
_entity.pdbx_fragment 
_entity.details 
1 polymer     man 'Allograft inflammatory factor 1' 12338.285 1   ? ? 'residues 17-123' ? 
2 non-polymer syn 'NICKEL (II) ION'                 58.693    1   ? ? ?                 ? 
3 water       nat water                             18.015    107 ? ? ?                 ? 
# 
_entity_name_com.entity_id   1 
_entity_name_com.name        'AIF-1, Ionized calcium-binding adapter molecule 1, G1 protein' 
# 
_entity_poly.entity_id                      1 
_entity_poly.type                           'polypeptide(L)' 
_entity_poly.nstd_linkage                   no 
_entity_poly.nstd_monomer                   no 
_entity_poly.pdbx_seq_one_letter_code       
;KAQQEERLDEINKQFLDDPKYSSDEDLPSKLEGFKEKYMEFDLNGNGDIDIMSLKRMLEKLGVPKTHLELKKLIGEVSSG
SGETFSYPDFLRMMLGKRSAILKMILM
;
_entity_poly.pdbx_seq_one_letter_code_can   
;KAQQEERLDEINKQFLDDPKYSSDEDLPSKLEGFKEKYMEFDLNGNGDIDIMSLKRMLEKLGVPKTHLELKKLIGEVSSG
SGETFSYPDFLRMMLGKRSAILKMILM
;
_entity_poly.pdbx_strand_id                 A 
_entity_poly.pdbx_target_identifier         ? 
# 
loop_
_pdbx_entity_nonpoly.entity_id 
_pdbx_entity_nonpoly.name 
_pdbx_entity_nonpoly.comp_id 
2 'NICKEL (II) ION' NI  
3 water             HOH 
# 
loop_
_entity_poly_seq.entity_id 
_entity_poly_seq.num 
_entity_poly_seq.mon_id 
_entity_poly_seq.hetero 
1 1   LYS n 
1 2   ALA n 
1 3   GLN n 
1 4   GLN n 
1 5   GLU n 
1 6   GLU n 
1 7   ARG n 
1 8   LEU n 
1 9   ASP n 
1 10  GLU n 
1 11  ILE n 
1 12  ASN n 
1 13  LYS n 
1 14  GLN n 
1 15  PHE n 
1 16  LEU n 
1 17  ASP n 
1 18  ASP n 
1 19  PRO n 
1 20  LYS n 
1 21  TYR n 
1 22  SER n 
1 23  SER n 
1 24  ASP n 
1 25  GLU n 
1 26  ASP n 
1 27  LEU n 
1 28  PRO n 
1 29  SER n 
1 30  LYS n 
1 31  LEU n 
1 32  GLU n 
1 33  GLY n 
1 34  PHE n 
1 35  LYS n 
1 36  GLU n 
1 37  LYS n 
1 38  TYR n 
1 39  MET n 
1 40  GLU n 
1 41  PHE n 
1 42  ASP n 
1 43  LEU n 
1 44  ASN n 
1 45  GLY n 
1 46  ASN n 
1 47  GLY n 
1 48  ASP n 
1 49  ILE n 
1 50  ASP n 
1 51  ILE n 
1 52  MET n 
1 53  SER n 
1 54  LEU n 
1 55  LYS n 
1 56  ARG n 
1 57  MET n 
1 58  LEU n 
1 59  GLU n 
1 60  LYS n 
1 61  LEU n 
1 62  GLY n 
1 63  VAL n 
1 64  PRO n 
1 65  LYS n 
1 66  THR n 
1 67  HIS n 
1 68  LEU n 
1 69  GLU n 
1 70  LEU n 
1 71  LYS n 
1 72  LYS n 
1 73  LEU n 
1 74  ILE n 
1 75  GLY n 
1 76  GLU n 
1 77  VAL n 
1 78  SER n 
1 79  SER n 
1 80  GLY n 
1 81  SER n 
1 82  GLY n 
1 83  GLU n 
1 84  THR n 
1 85  PHE n 
1 86  SER n 
1 87  TYR n 
1 88  PRO n 
1 89  ASP n 
1 90  PHE n 
1 91  LEU n 
1 92  ARG n 
1 93  MET n 
1 94  MET n 
1 95  LEU n 
1 96  GLY n 
1 97  LYS n 
1 98  ARG n 
1 99  SER n 
1 100 ALA n 
1 101 ILE n 
1 102 LEU n 
1 103 LYS n 
1 104 MET n 
1 105 ILE n 
1 106 LEU n 
1 107 MET n 
# 
_entity_src_gen.entity_id                          1 
_entity_src_gen.pdbx_src_id                        1 
_entity_src_gen.pdbx_alt_source_flag               sample 
_entity_src_gen.pdbx_seq_type                      ? 
_entity_src_gen.pdbx_beg_seq_num                   ? 
_entity_src_gen.pdbx_end_seq_num                   ? 
_entity_src_gen.gene_src_common_name               human 
_entity_src_gen.gene_src_genus                     Homo 
_entity_src_gen.pdbx_gene_src_gene                 ? 
_entity_src_gen.gene_src_species                   ? 
_entity_src_gen.gene_src_strain                    ? 
_entity_src_gen.gene_src_tissue                    ? 
_entity_src_gen.gene_src_tissue_fraction           ? 
_entity_src_gen.gene_src_details                   ? 
_entity_src_gen.pdbx_gene_src_fragment             ? 
_entity_src_gen.pdbx_gene_src_scientific_name      'Homo sapiens' 
_entity_src_gen.pdbx_gene_src_ncbi_taxonomy_id     9606 
_entity_src_gen.pdbx_gene_src_variant              ? 
_entity_src_gen.pdbx_gene_src_cell_line            ? 
_entity_src_gen.pdbx_gene_src_atcc                 ? 
_entity_src_gen.pdbx_gene_src_organ                ? 
_entity_src_gen.pdbx_gene_src_organelle            ? 
_entity_src_gen.pdbx_gene_src_cell                 ? 
_entity_src_gen.pdbx_gene_src_cellular_location    ? 
_entity_src_gen.host_org_common_name               ? 
_entity_src_gen.pdbx_host_org_scientific_name      'Escherichia coli' 
_entity_src_gen.pdbx_host_org_ncbi_taxonomy_id     562 
_entity_src_gen.host_org_genus                     Escherichia 
_entity_src_gen.pdbx_host_org_gene                 ? 
_entity_src_gen.pdbx_host_org_organ                ? 
_entity_src_gen.host_org_species                   ? 
_entity_src_gen.pdbx_host_org_tissue               ? 
_entity_src_gen.pdbx_host_org_tissue_fraction      ? 
_entity_src_gen.pdbx_host_org_strain               ? 
_entity_src_gen.pdbx_host_org_variant              ? 
_entity_src_gen.pdbx_host_org_cell_line            ? 
_entity_src_gen.pdbx_host_org_atcc                 ? 
_entity_src_gen.pdbx_host_org_culture_collection   ? 
_entity_src_gen.pdbx_host_org_cell                 ? 
_entity_src_gen.pdbx_host_org_organelle            ? 
_entity_src_gen.pdbx_host_org_cellular_location    ? 
_entity_src_gen.pdbx_host_org_vector_type          plasmid 
_entity_src_gen.pdbx_host_org_vector               ? 
_entity_src_gen.host_org_details                   ? 
_entity_src_gen.expression_system_id               ? 
_entity_src_gen.plasmid_name                       ? 
_entity_src_gen.plasmid_details                    ? 
_entity_src_gen.pdbx_description                   ? 
# 
loop_
_chem_comp.id 
_chem_comp.type 
_chem_comp.mon_nstd_flag 
_chem_comp.name 
_chem_comp.pdbx_synonyms 
_chem_comp.formula 
_chem_comp.formula_weight 
ALA 'L-peptide linking' y ALANINE           ? 'C3 H7 N O2'     89.093  
ARG 'L-peptide linking' y ARGININE          ? 'C6 H15 N4 O2 1' 175.209 
ASN 'L-peptide linking' y ASPARAGINE        ? 'C4 H8 N2 O3'    132.118 
ASP 'L-peptide linking' y 'ASPARTIC ACID'   ? 'C4 H7 N O4'     133.103 
GLN 'L-peptide linking' y GLUTAMINE         ? 'C5 H10 N2 O3'   146.144 
GLU 'L-peptide linking' y 'GLUTAMIC ACID'   ? 'C5 H9 N O4'     147.129 
GLY 'peptide linking'   y GLYCINE           ? 'C2 H5 N O2'     75.067  
HIS 'L-peptide linking' y HISTIDINE         ? 'C6 H10 N3 O2 1' 156.162 
HOH non-polymer         . WATER             ? 'H2 O'           18.015  
ILE 'L-peptide linking' y ISOLEUCINE        ? 'C6 H13 N O2'    131.173 
LEU 'L-peptide linking' y LEUCINE           ? 'C6 H13 N O2'    131.173 
LYS 'L-peptide linking' y LYSINE            ? 'C6 H15 N2 O2 1' 147.195 
MET 'L-peptide linking' y METHIONINE        ? 'C5 H11 N O2 S'  149.211 
NI  non-polymer         . 'NICKEL (II) ION' ? 'Ni 2'           58.693  
PHE 'L-peptide linking' y PHENYLALANINE     ? 'C9 H11 N O2'    165.189 
PRO 'L-peptide linking' y PROLINE           ? 'C5 H9 N O2'     115.130 
SER 'L-peptide linking' y SERINE            ? 'C3 H7 N O3'     105.093 
THR 'L-peptide linking' y THREONINE         ? 'C4 H9 N O3'     119.119 
TYR 'L-peptide linking' y TYROSINE          ? 'C9 H11 N O3'    181.189 
VAL 'L-peptide linking' y VALINE            ? 'C5 H11 N O2'    117.146 
# 
loop_
_pdbx_poly_seq_scheme.asym_id 
_pdbx_poly_seq_scheme.entity_id 
_pdbx_poly_seq_scheme.seq_id 
_pdbx_poly_seq_scheme.mon_id 
_pdbx_poly_seq_scheme.ndb_seq_num 
_pdbx_poly_seq_scheme.pdb_seq_num 
_pdbx_poly_seq_scheme.auth_seq_num 
_pdbx_poly_seq_scheme.pdb_mon_id 
_pdbx_poly_seq_scheme.auth_mon_id 
_pdbx_poly_seq_scheme.pdb_strand_id 
_pdbx_poly_seq_scheme.pdb_ins_code 
_pdbx_poly_seq_scheme.hetero 
A 1 1   LYS 1   17  17  LYS LYS A . n 
A 1 2   ALA 2   18  18  ALA ALA A . n 
A 1 3   GLN 3   19  19  GLN GLN A . n 
A 1 4   GLN 4   20  20  GLN GLN A . n 
A 1 5   GLU 5   21  21  GLU GLU A . n 
A 1 6   GLU 6   22  22  GLU GLU A . n 
A 1 7   ARG 7   23  23  ARG ARG A . n 
A 1 8   LEU 8   24  24  LEU LEU A . n 
A 1 9   ASP 9   25  25  ASP ASP A . n 
A 1 10  GLU 10  26  26  GLU GLU A . n 
A 1 11  ILE 11  27  27  ILE ILE A . n 
A 1 12  ASN 12  28  28  ASN ASN A . n 
A 1 13  LYS 13  29  29  LYS LYS A . n 
A 1 14  GLN 14  30  30  GLN GLN A . n 
A 1 15  PHE 15  31  31  PHE PHE A . n 
A 1 16  LEU 16  32  32  LEU LEU A . n 
A 1 17  ASP 17  33  33  ASP ASP A . n 
A 1 18  ASP 18  34  34  ASP ASP A . n 
A 1 19  PRO 19  35  35  PRO PRO A . n 
A 1 20  LYS 20  36  36  LYS LYS A . n 
A 1 21  TYR 21  37  37  TYR TYR A . n 
A 1 22  SER 22  38  38  SER SER A . n 
A 1 23  SER 23  39  39  SER SER A . n 
A 1 24  ASP 24  40  40  ASP ASP A . n 
A 1 25  GLU 25  41  41  GLU GLU A . n 
A 1 26  ASP 26  42  42  ASP ASP A . n 
A 1 27  LEU 27  43  43  LEU LEU A . n 
A 1 28  PRO 28  44  44  PRO PRO A . n 
A 1 29  SER 29  45  45  SER SER A . n 
A 1 30  LYS 30  46  46  LYS LYS A . n 
A 1 31  LEU 31  47  47  LEU LEU A . n 
A 1 32  GLU 32  48  48  GLU GLU A . n 
A 1 33  GLY 33  49  49  GLY GLY A . n 
A 1 34  PHE 34  50  50  PHE PHE A . n 
A 1 35  LYS 35  51  51  LYS LYS A . n 
A 1 36  GLU 36  52  52  GLU GLU A . n 
A 1 37  LYS 37  53  53  LYS LYS A . n 
A 1 38  TYR 38  54  54  TYR TYR A . n 
A 1 39  MET 39  55  55  MET MET A . n 
A 1 40  GLU 40  56  56  GLU GLU A . n 
A 1 41  PHE 41  57  57  PHE PHE A . n 
A 1 42  ASP 42  58  58  ASP ASP A . n 
A 1 43  LEU 43  59  59  LEU LEU A . n 
A 1 44  ASN 44  60  60  ASN ASN A . n 
A 1 45  GLY 45  61  61  GLY GLY A . n 
A 1 46  ASN 46  62  62  ASN ASN A . n 
A 1 47  GLY 47  63  63  GLY GLY A . n 
A 1 48  ASP 48  64  64  ASP ASP A . n 
A 1 49  ILE 49  65  65  ILE ILE A . n 
A 1 50  ASP 50  66  66  ASP ASP A . n 
A 1 51  ILE 51  67  67  ILE ILE A . n 
A 1 52  MET 52  68  68  MET MET A . n 
A 1 53  SER 53  69  69  SER SER A . n 
A 1 54  LEU 54  70  70  LEU LEU A . n 
A 1 55  LYS 55  71  71  LYS LYS A . n 
A 1 56  ARG 56  72  72  ARG ARG A . n 
A 1 57  MET 57  73  73  MET MET A . n 
A 1 58  LEU 58  74  74  LEU LEU A . n 
A 1 59  GLU 59  75  75  GLU GLU A . n 
A 1 60  LYS 60  76  76  LYS LYS A . n 
A 1 61  LEU 61  77  77  LEU LEU A . n 
A 1 62  GLY 62  78  78  GLY GLY A . n 
A 1 63  VAL 63  79  79  VAL VAL A . n 
A 1 64  PRO 64  80  80  PRO PRO A . n 
A 1 65  LYS 65  81  81  LYS LYS A . n 
A 1 66  THR 66  82  82  THR THR A . n 
A 1 67  HIS 67  83  83  HIS HIS A . n 
A 1 68  LEU 68  84  84  LEU LEU A . n 
A 1 69  GLU 69  85  85  GLU GLU A . n 
A 1 70  LEU 70  86  86  LEU LEU A . n 
A 1 71  LYS 71  87  87  LYS LYS A . n 
A 1 72  LYS 72  88  88  LYS LYS A . n 
A 1 73  LEU 73  89  89  LEU LEU A . n 
A 1 74  ILE 74  90  90  ILE ILE A . n 
A 1 75  GLY 75  91  91  GLY GLY A . n 
A 1 76  GLU 76  92  92  GLU GLU A . n 
A 1 77  VAL 77  93  93  VAL VAL A . n 
A 1 78  SER 78  94  94  SER SER A . n 
A 1 79  SER 79  95  95  SER SER A . n 
A 1 80  GLY 80  96  96  GLY GLY A . n 
A 1 81  SER 81  97  97  SER SER A . n 
A 1 82  GLY 82  98  98  GLY GLY A . n 
A 1 83  GLU 83  99  99  GLU GLU A . n 
A 1 84  THR 84  100 100 THR THR A . n 
A 1 85  PHE 85  101 101 PHE PHE A . n 
A 1 86  SER 86  102 102 SER SER A . n 
A 1 87  TYR 87  103 103 TYR TYR A . n 
A 1 88  PRO 88  104 104 PRO PRO A . n 
A 1 89  ASP 89  105 105 ASP ASP A . n 
A 1 90  PHE 90  106 106 PHE PHE A . n 
A 1 91  LEU 91  107 107 LEU LEU A . n 
A 1 92  ARG 92  108 108 ARG ARG A . n 
A 1 93  MET 93  109 109 MET MET A . n 
A 1 94  MET 94  110 110 MET MET A . n 
A 1 95  LEU 95  111 111 LEU LEU A . n 
A 1 96  GLY 96  112 112 GLY GLY A . n 
A 1 97  LYS 97  113 113 LYS LYS A . n 
A 1 98  ARG 98  114 114 ARG ARG A . n 
A 1 99  SER 99  115 115 SER SER A . n 
A 1 100 ALA 100 116 116 ALA ALA A . n 
A 1 101 ILE 101 117 117 ILE ILE A . n 
A 1 102 LEU 102 118 118 LEU LEU A . n 
A 1 103 LYS 103 119 119 LYS LYS A . n 
A 1 104 MET 104 120 120 MET MET A . n 
A 1 105 ILE 105 121 121 ILE ILE A . n 
A 1 106 LEU 106 122 122 LEU LEU A . n 
A 1 107 MET 107 123 123 MET MET A . n 
# 
loop_
_pdbx_nonpoly_scheme.asym_id 
_pdbx_nonpoly_scheme.entity_id 
_pdbx_nonpoly_scheme.mon_id 
_pdbx_nonpoly_scheme.ndb_seq_num 
_pdbx_nonpoly_scheme.pdb_seq_num 
_pdbx_nonpoly_scheme.auth_seq_num 
_pdbx_nonpoly_scheme.pdb_mon_id 
_pdbx_nonpoly_scheme.auth_mon_id 
_pdbx_nonpoly_scheme.pdb_strand_id 
_pdbx_nonpoly_scheme.pdb_ins_code 
B 2 NI  1   201 201 NI  NI  A . 
C 3 HOH 1   301 301 HOH HOH A . 
C 3 HOH 2   302 302 HOH HOH A . 
C 3 HOH 3   303 303 HOH HOH A . 
C 3 HOH 4   304 304 HOH HOH A . 
C 3 HOH 5   305 305 HOH HOH A . 
C 3 HOH 6   306 306 HOH HOH A . 
C 3 HOH 7   307 307 HOH HOH A . 
C 3 HOH 8   308 308 HOH HOH A . 
C 3 HOH 9   309 309 HOH HOH A . 
C 3 HOH 10  310 310 HOH HOH A . 
C 3 HOH 11  311 311 HOH HOH A . 
C 3 HOH 12  312 312 HOH HOH A . 
C 3 HOH 13  313 313 HOH HOH A . 
C 3 HOH 14  314 314 HOH HOH A . 
C 3 HOH 15  315 315 HOH HOH A . 
C 3 HOH 16  316 316 HOH HOH A . 
C 3 HOH 17  317 317 HOH HOH A . 
C 3 HOH 18  318 318 HOH HOH A . 
C 3 HOH 19  319 319 HOH HOH A . 
C 3 HOH 20  320 320 HOH HOH A . 
C 3 HOH 21  321 321 HOH HOH A . 
C 3 HOH 22  322 322 HOH HOH A . 
C 3 HOH 23  323 323 HOH HOH A . 
C 3 HOH 24  324 324 HOH HOH A . 
C 3 HOH 25  325 325 HOH HOH A . 
C 3 HOH 26  326 326 HOH HOH A . 
C 3 HOH 27  328 328 HOH HOH A . 
C 3 HOH 28  329 329 HOH HOH A . 
C 3 HOH 29  330 330 HOH HOH A . 
C 3 HOH 30  331 331 HOH HOH A . 
C 3 HOH 31  332 332 HOH HOH A . 
C 3 HOH 32  333 333 HOH HOH A . 
C 3 HOH 33  334 334 HOH HOH A . 
C 3 HOH 34  335 335 HOH HOH A . 
C 3 HOH 35  336 336 HOH HOH A . 
C 3 HOH 36  337 337 HOH HOH A . 
C 3 HOH 37  338 338 HOH HOH A . 
C 3 HOH 38  339 339 HOH HOH A . 
C 3 HOH 39  341 341 HOH HOH A . 
C 3 HOH 40  342 342 HOH HOH A . 
C 3 HOH 41  343 343 HOH HOH A . 
C 3 HOH 42  344 344 HOH HOH A . 
C 3 HOH 43  345 345 HOH HOH A . 
C 3 HOH 44  347 347 HOH HOH A . 
C 3 HOH 45  348 348 HOH HOH A . 
C 3 HOH 46  349 349 HOH HOH A . 
C 3 HOH 47  350 350 HOH HOH A . 
C 3 HOH 48  351 351 HOH HOH A . 
C 3 HOH 49  352 352 HOH HOH A . 
C 3 HOH 50  353 353 HOH HOH A . 
C 3 HOH 51  354 354 HOH HOH A . 
C 3 HOH 52  355 355 HOH HOH A . 
C 3 HOH 53  356 356 HOH HOH A . 
C 3 HOH 54  359 359 HOH HOH A . 
C 3 HOH 55  360 360 HOH HOH A . 
C 3 HOH 56  361 361 HOH HOH A . 
C 3 HOH 57  362 362 HOH HOH A . 
C 3 HOH 58  363 363 HOH HOH A . 
C 3 HOH 59  364 364 HOH HOH A . 
C 3 HOH 60  365 365 HOH HOH A . 
C 3 HOH 61  366 366 HOH HOH A . 
C 3 HOH 62  367 367 HOH HOH A . 
C 3 HOH 63  368 368 HOH HOH A . 
C 3 HOH 64  369 369 HOH HOH A . 
C 3 HOH 65  370 370 HOH HOH A . 
C 3 HOH 66  371 371 HOH HOH A . 
C 3 HOH 67  372 372 HOH HOH A . 
C 3 HOH 68  373 373 HOH HOH A . 
C 3 HOH 69  374 374 HOH HOH A . 
C 3 HOH 70  375 375 HOH HOH A . 
C 3 HOH 71  376 376 HOH HOH A . 
C 3 HOH 72  377 377 HOH HOH A . 
C 3 HOH 73  378 378 HOH HOH A . 
C 3 HOH 74  379 379 HOH HOH A . 
C 3 HOH 75  380 380 HOH HOH A . 
C 3 HOH 76  381 381 HOH HOH A . 
C 3 HOH 77  382 382 HOH HOH A . 
C 3 HOH 78  383 383 HOH HOH A . 
C 3 HOH 79  385 385 HOH HOH A . 
C 3 HOH 80  386 386 HOH HOH A . 
C 3 HOH 81  387 387 HOH HOH A . 
C 3 HOH 82  388 388 HOH HOH A . 
C 3 HOH 83  389 389 HOH HOH A . 
C 3 HOH 84  391 391 HOH HOH A . 
C 3 HOH 85  392 392 HOH HOH A . 
C 3 HOH 86  394 394 HOH HOH A . 
C 3 HOH 87  395 395 HOH HOH A . 
C 3 HOH 88  396 396 HOH HOH A . 
C 3 HOH 89  397 397 HOH HOH A . 
C 3 HOH 90  398 398 HOH HOH A . 
C 3 HOH 91  399 399 HOH HOH A . 
C 3 HOH 92  401 401 HOH HOH A . 
C 3 HOH 93  402 402 HOH HOH A . 
C 3 HOH 94  403 403 HOH HOH A . 
C 3 HOH 95  404 404 HOH HOH A . 
C 3 HOH 96  405 405 HOH HOH A . 
C 3 HOH 97  406 406 HOH HOH A . 
C 3 HOH 98  408 408 HOH HOH A . 
C 3 HOH 99  410 410 HOH HOH A . 
C 3 HOH 100 411 411 HOH HOH A . 
C 3 HOH 101 412 412 HOH HOH A . 
C 3 HOH 102 413 413 HOH HOH A . 
C 3 HOH 103 415 415 HOH HOH A . 
C 3 HOH 104 416 416 HOH HOH A . 
C 3 HOH 105 418 418 HOH HOH A . 
C 3 HOH 106 419 419 HOH HOH A . 
C 3 HOH 107 420 420 HOH HOH A . 
# 
loop_
_software.name 
_software.classification 
_software.version 
_software.citation_id 
_software.pdbx_ordinal 
CNS      refinement       1.1       ? 1 
HKL-2000 'data reduction' .         ? 2 
CCP4     'data scaling'   '(SCALA)' ? 3 
CNS      phasing          .         ? 4 
# 
_cell.entry_id           2D58 
_cell.length_a           60.748 
_cell.length_b           36.617 
_cell.length_c           44.024 
_cell.angle_alpha        90.00 
_cell.angle_beta         99.71 
_cell.angle_gamma        90.00 
_cell.Z_PDB              4 
_cell.pdbx_unique_axis   ? 
_cell.length_a_esd       ? 
_cell.length_b_esd       ? 
_cell.length_c_esd       ? 
_cell.angle_alpha_esd    ? 
_cell.angle_beta_esd     ? 
_cell.angle_gamma_esd    ? 
# 
_symmetry.entry_id                         2D58 
_symmetry.space_group_name_H-M             'C 1 2 1' 
_symmetry.pdbx_full_space_group_name_H-M   ? 
_symmetry.cell_setting                     ? 
_symmetry.Int_Tables_number                5 
_symmetry.space_group_name_Hall            ? 
# 
_exptl.entry_id          2D58 
_exptl.method            'X-RAY DIFFRACTION' 
_exptl.crystals_number   1 
# 
_exptl_crystal.id                    1 
_exptl_crystal.density_meas          ? 
_exptl_crystal.density_Matthews      1.94 
_exptl_crystal.density_percent_sol   36.66 
_exptl_crystal.description           ? 
_exptl_crystal.F_000                 ? 
_exptl_crystal.preparation           ? 
# 
_exptl_crystal_grow.crystal_id      1 
_exptl_crystal_grow.method          'VAPOR DIFFUSION' 
_exptl_crystal_grow.temp            300 
_exptl_crystal_grow.temp_details    ? 
_exptl_crystal_grow.pH              7.3 
_exptl_crystal_grow.pdbx_details    
;20% (w/v) polyethylene glycol (PEG) 4000, 10% (w/v) 2-propanol, 0.01M NiCl2 in 100mM of Tris-HCl (pH 7.3), VAPOR DIFFUSION, temperature 300K
;
_exptl_crystal_grow.pdbx_pH_range   . 
# 
_diffrn.id                     1 
_diffrn.ambient_temp           100 
_diffrn.ambient_temp_details   ? 
_diffrn.crystal_id             1 
# 
_diffrn_detector.diffrn_id              1 
_diffrn_detector.detector               CCD 
_diffrn_detector.type                   'ADSC QUANTUM 4' 
_diffrn_detector.pdbx_collection_date   2004-06-28 
_diffrn_detector.details                ? 
# 
_diffrn_radiation.diffrn_id                        1 
_diffrn_radiation.wavelength_id                    1 
_diffrn_radiation.pdbx_monochromatic_or_laue_m_l   M 
_diffrn_radiation.monochromator                    graphite 
_diffrn_radiation.pdbx_diffrn_protocol             'SINGLE WAVELENGTH' 
_diffrn_radiation.pdbx_scattering_type             x-ray 
# 
_diffrn_radiation_wavelength.id           1 
_diffrn_radiation_wavelength.wavelength   1.0 
_diffrn_radiation_wavelength.wt           1.0 
# 
_diffrn_source.diffrn_id                   1 
_diffrn_source.source                      SYNCHROTRON 
_diffrn_source.type                        'PHOTON FACTORY BEAMLINE BL-6A' 
_diffrn_source.pdbx_synchrotron_site       'Photon Factory' 
_diffrn_source.pdbx_synchrotron_beamline   BL-6A 
_diffrn_source.pdbx_wavelength             ? 
_diffrn_source.pdbx_wavelength_list        1.0 
# 
_reflns.entry_id                     2D58 
_reflns.observed_criterion_sigma_I   0.0 
_reflns.observed_criterion_sigma_F   0.0 
_reflns.d_resolution_low             31.24 
_reflns.d_resolution_high            1.9 
_reflns.number_obs                   7462 
_reflns.number_all                   7462 
_reflns.percent_possible_obs         97.4 
_reflns.pdbx_Rmerge_I_obs            0.76 
_reflns.pdbx_Rsym_value              ? 
_reflns.pdbx_netI_over_sigmaI        ? 
_reflns.B_iso_Wilson_estimate        12.6 
_reflns.pdbx_redundancy              ? 
_reflns.R_free_details               ? 
_reflns.limit_h_max                  ? 
_reflns.limit_h_min                  ? 
_reflns.limit_k_max                  ? 
_reflns.limit_k_min                  ? 
_reflns.limit_l_max                  ? 
_reflns.limit_l_min                  ? 
_reflns.observed_criterion_F_max     ? 
_reflns.observed_criterion_F_min     ? 
_reflns.pdbx_chi_squared             ? 
_reflns.pdbx_scaling_rejects         ? 
_reflns.pdbx_diffrn_id               1 
_reflns.pdbx_ordinal                 1 
# 
_reflns_shell.d_res_high             1.9 
_reflns_shell.d_res_low              2.02 
_reflns_shell.percent_possible_all   90.1 
_reflns_shell.Rmerge_I_obs           ? 
_reflns_shell.pdbx_Rsym_value        ? 
_reflns_shell.meanI_over_sigI_obs    ? 
_reflns_shell.pdbx_redundancy        ? 
_reflns_shell.percent_possible_obs   ? 
_reflns_shell.number_unique_all      ? 
_reflns_shell.number_measured_all    ? 
_reflns_shell.number_measured_obs    ? 
_reflns_shell.number_unique_obs      ? 
_reflns_shell.pdbx_chi_squared       ? 
_reflns_shell.pdbx_diffrn_id         ? 
_reflns_shell.pdbx_ordinal           1 
# 
_refine.entry_id                                 2D58 
_refine.ls_number_reflns_obs                     7462 
_refine.ls_number_reflns_all                     7462 
_refine.pdbx_ls_sigma_I                          ? 
_refine.pdbx_ls_sigma_F                          0.0 
_refine.pdbx_data_cutoff_high_absF               116478.66 
_refine.pdbx_data_cutoff_low_absF                0.000000 
_refine.pdbx_data_cutoff_high_rms_absF           ? 
_refine.ls_d_res_low                             31.24 
_refine.ls_d_res_high                            1.90 
_refine.ls_percent_reflns_obs                    97.4 
_refine.ls_R_factor_obs                          0.195 
_refine.ls_R_factor_all                          ? 
_refine.ls_R_factor_R_work                       0.195 
_refine.ls_R_factor_R_free                       0.249 
_refine.ls_R_factor_R_free_error                 0.009 
_refine.ls_R_factor_R_free_error_details         ? 
_refine.ls_percent_reflns_R_free                 10.7 
_refine.ls_number_reflns_R_free                  798 
_refine.ls_number_parameters                     ? 
_refine.ls_number_restraints                     ? 
_refine.occupancy_min                            ? 
_refine.occupancy_max                            ? 
_refine.correlation_coeff_Fo_to_Fc               ? 
_refine.correlation_coeff_Fo_to_Fc_free          ? 
_refine.B_iso_mean                               20.7 
_refine.aniso_B[1][1]                            0.51 
_refine.aniso_B[2][2]                            -2.30 
_refine.aniso_B[3][3]                            1.78 
_refine.aniso_B[1][2]                            0.00 
_refine.aniso_B[1][3]                            2.66 
_refine.aniso_B[2][3]                            0.00 
_refine.solvent_model_details                    'FLAT MODEL' 
_refine.solvent_model_param_ksol                 0.350076 
_refine.solvent_model_param_bsol                 52.6003 
_refine.pdbx_solvent_vdw_probe_radii             ? 
_refine.pdbx_solvent_ion_probe_radii             ? 
_refine.pdbx_solvent_shrinkage_radii             ? 
_refine.pdbx_ls_cross_valid_method               THROUGHOUT 
_refine.details                                  ? 
_refine.pdbx_starting_model                      ? 
_refine.pdbx_method_to_determine_struct          'MOLECULAR REPLACEMENT' 
_refine.pdbx_isotropic_thermal_model             RESTRAINED 
_refine.pdbx_stereochemistry_target_values       'Engh & Huber' 
_refine.pdbx_stereochem_target_val_spec_case     ? 
_refine.pdbx_R_Free_selection_details            RANDOM 
_refine.pdbx_overall_ESU_R                       ? 
_refine.pdbx_overall_ESU_R_Free                  ? 
_refine.overall_SU_ML                            ? 
_refine.overall_SU_B                             ? 
_refine.ls_redundancy_reflns_obs                 ? 
_refine.B_iso_min                                ? 
_refine.B_iso_max                                ? 
_refine.overall_SU_R_Cruickshank_DPI             ? 
_refine.overall_SU_R_free                        ? 
_refine.ls_wR_factor_R_free                      ? 
_refine.ls_wR_factor_R_work                      ? 
_refine.overall_FOM_free_R_set                   ? 
_refine.overall_FOM_work_R_set                   ? 
_refine.pdbx_refine_id                           'X-RAY DIFFRACTION' 
_refine.pdbx_diffrn_id                           1 
_refine.pdbx_TLS_residual_ADP_flag               ? 
_refine.pdbx_overall_phase_error                 ? 
_refine.pdbx_overall_SU_R_free_Cruickshank_DPI   ? 
_refine.pdbx_overall_SU_R_Blow_DPI               ? 
_refine.pdbx_overall_SU_R_free_Blow_DPI          ? 
# 
_refine_analyze.entry_id                        2D58 
_refine_analyze.Luzzati_coordinate_error_obs    0.20 
_refine_analyze.Luzzati_sigma_a_obs             0.08 
_refine_analyze.Luzzati_d_res_low_obs           5.00 
_refine_analyze.Luzzati_coordinate_error_free   0.27 
_refine_analyze.Luzzati_sigma_a_free            0.16 
_refine_analyze.Luzzati_d_res_low_free          ? 
_refine_analyze.number_disordered_residues      ? 
_refine_analyze.occupancy_sum_hydrogen          ? 
_refine_analyze.occupancy_sum_non_hydrogen      ? 
_refine_analyze.pdbx_Luzzati_d_res_high_obs     ? 
_refine_analyze.pdbx_refine_id                  'X-RAY DIFFRACTION' 
# 
_refine_hist.pdbx_refine_id                   'X-RAY DIFFRACTION' 
_refine_hist.cycle_id                         LAST 
_refine_hist.pdbx_number_atoms_protein        861 
_refine_hist.pdbx_number_atoms_nucleic_acid   0 
_refine_hist.pdbx_number_atoms_ligand         1 
_refine_hist.number_atoms_solvent             107 
_refine_hist.number_atoms_total               969 
_refine_hist.d_res_high                       1.90 
_refine_hist.d_res_low                        31.24 
# 
loop_
_refine_ls_restr.type 
_refine_ls_restr.dev_ideal 
_refine_ls_restr.dev_ideal_target 
_refine_ls_restr.weight 
_refine_ls_restr.number 
_refine_ls_restr.pdbx_refine_id 
_refine_ls_restr.pdbx_restraint_function 
c_bond_d                0.005 ?    ? ? 'X-RAY DIFFRACTION' ? 
c_bond_d_na             ?     ?    ? ? 'X-RAY DIFFRACTION' ? 
c_bond_d_prot           ?     ?    ? ? 'X-RAY DIFFRACTION' ? 
c_angle_d               ?     ?    ? ? 'X-RAY DIFFRACTION' ? 
c_angle_d_na            ?     ?    ? ? 'X-RAY DIFFRACTION' ? 
c_angle_d_prot          ?     ?    ? ? 'X-RAY DIFFRACTION' ? 
c_angle_deg             1.1   ?    ? ? 'X-RAY DIFFRACTION' ? 
c_angle_deg_na          ?     ?    ? ? 'X-RAY DIFFRACTION' ? 
c_angle_deg_prot        ?     ?    ? ? 'X-RAY DIFFRACTION' ? 
c_dihedral_angle_d      18.8  ?    ? ? 'X-RAY DIFFRACTION' ? 
c_dihedral_angle_d_na   ?     ?    ? ? 'X-RAY DIFFRACTION' ? 
c_dihedral_angle_d_prot ?     ?    ? ? 'X-RAY DIFFRACTION' ? 
c_improper_angle_d      0.72  ?    ? ? 'X-RAY DIFFRACTION' ? 
c_improper_angle_d_na   ?     ?    ? ? 'X-RAY DIFFRACTION' ? 
c_improper_angle_d_prot ?     ?    ? ? 'X-RAY DIFFRACTION' ? 
c_mcbond_it             1.81  1.50 ? ? 'X-RAY DIFFRACTION' ? 
c_mcangle_it            2.71  2.00 ? ? 'X-RAY DIFFRACTION' ? 
c_scbond_it             2.95  2.00 ? ? 'X-RAY DIFFRACTION' ? 
c_scangle_it            4.26  2.50 ? ? 'X-RAY DIFFRACTION' ? 
# 
_refine_ls_shell.pdbx_total_number_of_bins_used   6 
_refine_ls_shell.d_res_high                       1.90 
_refine_ls_shell.d_res_low                        2.02 
_refine_ls_shell.number_reflns_R_work             1142 
_refine_ls_shell.R_factor_R_work                  0.21 
_refine_ls_shell.percent_reflns_obs               90.1 
_refine_ls_shell.R_factor_R_free                  ? 
_refine_ls_shell.R_factor_R_free_error            ? 
_refine_ls_shell.percent_reflns_R_free            ? 
_refine_ls_shell.number_reflns_R_free             ? 
_refine_ls_shell.number_reflns_all                ? 
_refine_ls_shell.R_factor_all                     ? 
_refine_ls_shell.redundancy_reflns_obs            ? 
_refine_ls_shell.number_reflns_obs                ? 
_refine_ls_shell.pdbx_refine_id                   'X-RAY DIFFRACTION' 
# 
loop_
_pdbx_xplor_file.serial_no 
_pdbx_xplor_file.param_file 
_pdbx_xplor_file.topol_file 
_pdbx_xplor_file.pdbx_refine_id 
1 protein_rep.param  protein.top 'X-RAY DIFFRACTION' 
2 carbohydrate.param ?           'X-RAY DIFFRACTION' 
3 ion.param          ?           'X-RAY DIFFRACTION' 
4 water_rep.param    ?           'X-RAY DIFFRACTION' 
# 
_struct.entry_id                  2D58 
_struct.title                     'Human microglia-specific protein Iba1' 
_struct.pdbx_model_details        ? 
_struct.pdbx_CASP_flag            ? 
_struct.pdbx_model_type_details   ? 
# 
_struct_keywords.entry_id        2D58 
_struct_keywords.pdbx_keywords   'METAL BINDING PROTEIN' 
_struct_keywords.text            'EF-hand, METAL BINDING PROTEIN' 
# 
loop_
_struct_asym.id 
_struct_asym.pdbx_blank_PDB_chainid_flag 
_struct_asym.pdbx_modified 
_struct_asym.entity_id 
_struct_asym.details 
A N N 1 ? 
B N N 2 ? 
C N N 3 ? 
# 
_struct_ref.id                         1 
_struct_ref.db_name                    UNP 
_struct_ref.db_code                    AIF1_HUMAN 
_struct_ref.pdbx_db_accession          P55008 
_struct_ref.entity_id                  1 
_struct_ref.pdbx_seq_one_letter_code   
;KAQQEERLDEINKQFLDDPKYSSDEDLPSKLEGFKEKYMEFDLNGNGDIDIMSLKRMLEKLGVPKTHLELKKLIGEVSSG
SGETFSYPDFLRMMLGKRSAILKMILM
;
_struct_ref.pdbx_align_begin           17 
_struct_ref.pdbx_db_isoform            ? 
# 
_struct_ref_seq.align_id                      1 
_struct_ref_seq.ref_id                        1 
_struct_ref_seq.pdbx_PDB_id_code              2D58 
_struct_ref_seq.pdbx_strand_id                A 
_struct_ref_seq.seq_align_beg                 1 
_struct_ref_seq.pdbx_seq_align_beg_ins_code   ? 
_struct_ref_seq.seq_align_end                 107 
_struct_ref_seq.pdbx_seq_align_end_ins_code   ? 
_struct_ref_seq.pdbx_db_accession             P55008 
_struct_ref_seq.db_align_beg                  17 
_struct_ref_seq.pdbx_db_align_beg_ins_code    ? 
_struct_ref_seq.db_align_end                  123 
_struct_ref_seq.pdbx_db_align_end_ins_code    ? 
_struct_ref_seq.pdbx_auth_seq_align_beg       17 
_struct_ref_seq.pdbx_auth_seq_align_end       123 
# 
_pdbx_struct_assembly.id                   1 
_pdbx_struct_assembly.details              author_defined_assembly 
_pdbx_struct_assembly.method_details       ? 
_pdbx_struct_assembly.oligomeric_details   monomeric 
_pdbx_struct_assembly.oligomeric_count     1 
# 
_pdbx_struct_assembly_gen.assembly_id       1 
_pdbx_struct_assembly_gen.oper_expression   1 
_pdbx_struct_assembly_gen.asym_id_list      A,B,C 
# 
_pdbx_struct_oper_list.id                   1 
_pdbx_struct_oper_list.type                 'identity operation' 
_pdbx_struct_oper_list.name                 1_555 
_pdbx_struct_oper_list.symmetry_operation   x,y,z 
_pdbx_struct_oper_list.matrix[1][1]         1.0000000000 
_pdbx_struct_oper_list.matrix[1][2]         0.0000000000 
_pdbx_struct_oper_list.matrix[1][3]         0.0000000000 
_pdbx_struct_oper_list.vector[1]            0.0000000000 
_pdbx_struct_oper_list.matrix[2][1]         0.0000000000 
_pdbx_struct_oper_list.matrix[2][2]         1.0000000000 
_pdbx_struct_oper_list.matrix[2][3]         0.0000000000 
_pdbx_struct_oper_list.vector[2]            0.0000000000 
_pdbx_struct_oper_list.matrix[3][1]         0.0000000000 
_pdbx_struct_oper_list.matrix[3][2]         0.0000000000 
_pdbx_struct_oper_list.matrix[3][3]         1.0000000000 
_pdbx_struct_oper_list.vector[3]            0.0000000000 
# 
loop_
_struct_conf.conf_type_id 
_struct_conf.id 
_struct_conf.pdbx_PDB_helix_id 
_struct_conf.beg_label_comp_id 
_struct_conf.beg_label_asym_id 
_struct_conf.beg_label_seq_id 
_struct_conf.pdbx_beg_PDB_ins_code 
_struct_conf.end_label_comp_id 
_struct_conf.end_label_asym_id 
_struct_conf.end_label_seq_id 
_struct_conf.pdbx_end_PDB_ins_code 
_struct_conf.beg_auth_comp_id 
_struct_conf.beg_auth_asym_id 
_struct_conf.beg_auth_seq_id 
_struct_conf.end_auth_comp_id 
_struct_conf.end_auth_asym_id 
_struct_conf.end_auth_seq_id 
_struct_conf.pdbx_PDB_helix_class 
_struct_conf.details 
_struct_conf.pdbx_PDB_helix_length 
HELX_P HELX_P1 1 GLN A 3   ? ASP A 17  ? GLN A 19  ASP A 33  1 ? 15 
HELX_P HELX_P2 2 ASP A 18  ? SER A 22  ? ASP A 34  SER A 38  5 ? 5  
HELX_P HELX_P3 3 ASP A 26  ? MET A 39  ? ASP A 42  MET A 55  1 ? 14 
HELX_P HELX_P4 4 ILE A 51  ? LEU A 61  ? ILE A 67  LEU A 77  1 ? 11 
HELX_P HELX_P5 5 THR A 66  ? SER A 78  ? THR A 82  SER A 94  1 ? 13 
HELX_P HELX_P6 6 SER A 86  ? LEU A 95  ? SER A 102 LEU A 111 1 ? 10 
HELX_P HELX_P7 7 ALA A 100 ? MET A 107 ? ALA A 116 MET A 123 1 ? 8  
# 
_struct_conf_type.id          HELX_P 
_struct_conf_type.criteria    ? 
_struct_conf_type.reference   ? 
# 
loop_
_struct_conn.id 
_struct_conn.conn_type_id 
_struct_conn.pdbx_leaving_atom_flag 
_struct_conn.pdbx_PDB_id 
_struct_conn.ptnr1_label_asym_id 
_struct_conn.ptnr1_label_comp_id 
_struct_conn.ptnr1_label_seq_id 
_struct_conn.ptnr1_label_atom_id 
_struct_conn.pdbx_ptnr1_label_alt_id 
_struct_conn.pdbx_ptnr1_PDB_ins_code 
_struct_conn.pdbx_ptnr1_standard_comp_id 
_struct_conn.ptnr1_symmetry 
_struct_conn.ptnr2_label_asym_id 
_struct_conn.ptnr2_label_comp_id 
_struct_conn.ptnr2_label_seq_id 
_struct_conn.ptnr2_label_atom_id 
_struct_conn.pdbx_ptnr2_label_alt_id 
_struct_conn.pdbx_ptnr2_PDB_ins_code 
_struct_conn.ptnr1_auth_asym_id 
_struct_conn.ptnr1_auth_comp_id 
_struct_conn.ptnr1_auth_seq_id 
_struct_conn.ptnr2_auth_asym_id 
_struct_conn.ptnr2_auth_comp_id 
_struct_conn.ptnr2_auth_seq_id 
_struct_conn.ptnr2_symmetry 
_struct_conn.pdbx_ptnr3_label_atom_id 
_struct_conn.pdbx_ptnr3_label_seq_id 
_struct_conn.pdbx_ptnr3_label_comp_id 
_struct_conn.pdbx_ptnr3_label_asym_id 
_struct_conn.pdbx_ptnr3_label_alt_id 
_struct_conn.pdbx_ptnr3_PDB_ins_code 
_struct_conn.details 
_struct_conn.pdbx_dist_value 
_struct_conn.pdbx_value_order 
_struct_conn.pdbx_role 
metalc1 metalc ? ? A ASP 50 OD2 ? ? ? 1_555 B NI  . NI ? ? A ASP 66  A NI  201 1_555 ? ? ? ? ? ? ? 2.184 ? ? 
metalc2 metalc ? ? B NI  .  NI  ? ? ? 1_555 C HOH . O  ? ? A NI  201 A HOH 305 1_555 ? ? ? ? ? ? ? 2.166 ? ? 
metalc3 metalc ? ? B NI  .  NI  ? ? ? 1_555 C HOH . O  ? ? A NI  201 A HOH 312 1_555 ? ? ? ? ? ? ? 2.071 ? ? 
metalc4 metalc ? ? B NI  .  NI  ? ? ? 1_555 C HOH . O  ? ? A NI  201 A HOH 331 1_555 ? ? ? ? ? ? ? 2.163 ? ? 
metalc5 metalc ? ? B NI  .  NI  ? ? ? 1_555 C HOH . O  ? ? A NI  201 A HOH 343 1_555 ? ? ? ? ? ? ? 2.227 ? ? 
metalc6 metalc ? ? B NI  .  NI  ? ? ? 1_555 C HOH . O  ? ? A NI  201 A HOH 355 1_555 ? ? ? ? ? ? ? 2.065 ? ? 
# 
_struct_conn_type.id          metalc 
_struct_conn_type.criteria    ? 
_struct_conn_type.reference   ? 
# 
loop_
_pdbx_struct_conn_angle.id 
_pdbx_struct_conn_angle.ptnr1_label_atom_id 
_pdbx_struct_conn_angle.ptnr1_label_alt_id 
_pdbx_struct_conn_angle.ptnr1_label_asym_id 
_pdbx_struct_conn_angle.ptnr1_label_comp_id 
_pdbx_struct_conn_angle.ptnr1_label_seq_id 
_pdbx_struct_conn_angle.ptnr1_auth_atom_id 
_pdbx_struct_conn_angle.ptnr1_auth_asym_id 
_pdbx_struct_conn_angle.ptnr1_auth_comp_id 
_pdbx_struct_conn_angle.ptnr1_auth_seq_id 
_pdbx_struct_conn_angle.ptnr1_PDB_ins_code 
_pdbx_struct_conn_angle.ptnr1_symmetry 
_pdbx_struct_conn_angle.ptnr2_label_atom_id 
_pdbx_struct_conn_angle.ptnr2_label_alt_id 
_pdbx_struct_conn_angle.ptnr2_label_asym_id 
_pdbx_struct_conn_angle.ptnr2_label_comp_id 
_pdbx_struct_conn_angle.ptnr2_label_seq_id 
_pdbx_struct_conn_angle.ptnr2_auth_atom_id 
_pdbx_struct_conn_angle.ptnr2_auth_asym_id 
_pdbx_struct_conn_angle.ptnr2_auth_comp_id 
_pdbx_struct_conn_angle.ptnr2_auth_seq_id 
_pdbx_struct_conn_angle.ptnr2_PDB_ins_code 
_pdbx_struct_conn_angle.ptnr2_symmetry 
_pdbx_struct_conn_angle.ptnr3_label_atom_id 
_pdbx_struct_conn_angle.ptnr3_label_alt_id 
_pdbx_struct_conn_angle.ptnr3_label_asym_id 
_pdbx_struct_conn_angle.ptnr3_label_comp_id 
_pdbx_struct_conn_angle.ptnr3_label_seq_id 
_pdbx_struct_conn_angle.ptnr3_auth_atom_id 
_pdbx_struct_conn_angle.ptnr3_auth_asym_id 
_pdbx_struct_conn_angle.ptnr3_auth_comp_id 
_pdbx_struct_conn_angle.ptnr3_auth_seq_id 
_pdbx_struct_conn_angle.ptnr3_PDB_ins_code 
_pdbx_struct_conn_angle.ptnr3_symmetry 
_pdbx_struct_conn_angle.value 
_pdbx_struct_conn_angle.value_esd 
1  OD2 ? A ASP 50 ? A ASP 66  ? 1_555 NI ? B NI . ? A NI 201 ? 1_555 O ? C HOH . ? A HOH 305 ? 1_555 86.8  ? 
2  OD2 ? A ASP 50 ? A ASP 66  ? 1_555 NI ? B NI . ? A NI 201 ? 1_555 O ? C HOH . ? A HOH 312 ? 1_555 90.8  ? 
3  O   ? C HOH .  ? A HOH 305 ? 1_555 NI ? B NI . ? A NI 201 ? 1_555 O ? C HOH . ? A HOH 312 ? 1_555 90.4  ? 
4  OD2 ? A ASP 50 ? A ASP 66  ? 1_555 NI ? B NI . ? A NI 201 ? 1_555 O ? C HOH . ? A HOH 331 ? 1_555 173.8 ? 
5  O   ? C HOH .  ? A HOH 305 ? 1_555 NI ? B NI . ? A NI 201 ? 1_555 O ? C HOH . ? A HOH 331 ? 1_555 96.6  ? 
6  O   ? C HOH .  ? A HOH 312 ? 1_555 NI ? B NI . ? A NI 201 ? 1_555 O ? C HOH . ? A HOH 331 ? 1_555 94.4  ? 
7  OD2 ? A ASP 50 ? A ASP 66  ? 1_555 NI ? B NI . ? A NI 201 ? 1_555 O ? C HOH . ? A HOH 343 ? 1_555 90.8  ? 
8  O   ? C HOH .  ? A HOH 305 ? 1_555 NI ? B NI . ? A NI 201 ? 1_555 O ? C HOH . ? A HOH 343 ? 1_555 88.0  ? 
9  O   ? C HOH .  ? A HOH 312 ? 1_555 NI ? B NI . ? A NI 201 ? 1_555 O ? C HOH . ? A HOH 343 ? 1_555 177.7 ? 
10 O   ? C HOH .  ? A HOH 331 ? 1_555 NI ? B NI . ? A NI 201 ? 1_555 O ? C HOH . ? A HOH 343 ? 1_555 84.1  ? 
11 OD2 ? A ASP 50 ? A ASP 66  ? 1_555 NI ? B NI . ? A NI 201 ? 1_555 O ? C HOH . ? A HOH 355 ? 1_555 90.8  ? 
12 O   ? C HOH .  ? A HOH 305 ? 1_555 NI ? B NI . ? A NI 201 ? 1_555 O ? C HOH . ? A HOH 355 ? 1_555 177.5 ? 
13 O   ? C HOH .  ? A HOH 312 ? 1_555 NI ? B NI . ? A NI 201 ? 1_555 O ? C HOH . ? A HOH 355 ? 1_555 90.1  ? 
14 O   ? C HOH .  ? A HOH 331 ? 1_555 NI ? B NI . ? A NI 201 ? 1_555 O ? C HOH . ? A HOH 355 ? 1_555 85.8  ? 
15 O   ? C HOH .  ? A HOH 343 ? 1_555 NI ? B NI . ? A NI 201 ? 1_555 O ? C HOH . ? A HOH 355 ? 1_555 91.6  ? 
# 
_struct_sheet.id               A 
_struct_sheet.type             ? 
_struct_sheet.number_strands   2 
_struct_sheet.details          ? 
# 
_struct_sheet_order.sheet_id     A 
_struct_sheet_order.range_id_1   1 
_struct_sheet_order.range_id_2   2 
_struct_sheet_order.offset       ? 
_struct_sheet_order.sense        anti-parallel 
# 
loop_
_struct_sheet_range.sheet_id 
_struct_sheet_range.id 
_struct_sheet_range.beg_label_comp_id 
_struct_sheet_range.beg_label_asym_id 
_struct_sheet_range.beg_label_seq_id 
_struct_sheet_range.pdbx_beg_PDB_ins_code 
_struct_sheet_range.end_label_comp_id 
_struct_sheet_range.end_label_asym_id 
_struct_sheet_range.end_label_seq_id 
_struct_sheet_range.pdbx_end_PDB_ins_code 
_struct_sheet_range.beg_auth_comp_id 
_struct_sheet_range.beg_auth_asym_id 
_struct_sheet_range.beg_auth_seq_id 
_struct_sheet_range.end_auth_comp_id 
_struct_sheet_range.end_auth_asym_id 
_struct_sheet_range.end_auth_seq_id 
A 1 ILE A 49 ? ASP A 50 ? ILE A 65  ASP A 66  
A 2 THR A 84 ? PHE A 85 ? THR A 100 PHE A 101 
# 
_pdbx_struct_sheet_hbond.sheet_id                A 
_pdbx_struct_sheet_hbond.range_id_1              1 
_pdbx_struct_sheet_hbond.range_id_2              2 
_pdbx_struct_sheet_hbond.range_1_label_atom_id   N 
_pdbx_struct_sheet_hbond.range_1_label_comp_id   ILE 
_pdbx_struct_sheet_hbond.range_1_label_asym_id   A 
_pdbx_struct_sheet_hbond.range_1_label_seq_id    49 
_pdbx_struct_sheet_hbond.range_1_PDB_ins_code    ? 
_pdbx_struct_sheet_hbond.range_1_auth_atom_id    N 
_pdbx_struct_sheet_hbond.range_1_auth_comp_id    ILE 
_pdbx_struct_sheet_hbond.range_1_auth_asym_id    A 
_pdbx_struct_sheet_hbond.range_1_auth_seq_id     65 
_pdbx_struct_sheet_hbond.range_2_label_atom_id   O 
_pdbx_struct_sheet_hbond.range_2_label_comp_id   PHE 
_pdbx_struct_sheet_hbond.range_2_label_asym_id   A 
_pdbx_struct_sheet_hbond.range_2_label_seq_id    85 
_pdbx_struct_sheet_hbond.range_2_PDB_ins_code    ? 
_pdbx_struct_sheet_hbond.range_2_auth_atom_id    O 
_pdbx_struct_sheet_hbond.range_2_auth_comp_id    PHE 
_pdbx_struct_sheet_hbond.range_2_auth_asym_id    A 
_pdbx_struct_sheet_hbond.range_2_auth_seq_id     101 
# 
_struct_site.id                   AC1 
_struct_site.pdbx_evidence_code   Software 
_struct_site.pdbx_auth_asym_id    A 
_struct_site.pdbx_auth_comp_id    NI 
_struct_site.pdbx_auth_seq_id     201 
_struct_site.pdbx_auth_ins_code   ? 
_struct_site.pdbx_num_residues    6 
_struct_site.details              'BINDING SITE FOR RESIDUE NI A 201' 
# 
loop_
_struct_site_gen.id 
_struct_site_gen.site_id 
_struct_site_gen.pdbx_num_res 
_struct_site_gen.label_comp_id 
_struct_site_gen.label_asym_id 
_struct_site_gen.label_seq_id 
_struct_site_gen.pdbx_auth_ins_code 
_struct_site_gen.auth_comp_id 
_struct_site_gen.auth_asym_id 
_struct_site_gen.auth_seq_id 
_struct_site_gen.label_atom_id 
_struct_site_gen.label_alt_id 
_struct_site_gen.symmetry 
_struct_site_gen.details 
1 AC1 6 ASP A 50 ? ASP A 66  . ? 1_555 ? 
2 AC1 6 HOH C .  ? HOH A 305 . ? 1_555 ? 
3 AC1 6 HOH C .  ? HOH A 312 . ? 1_555 ? 
4 AC1 6 HOH C .  ? HOH A 331 . ? 1_555 ? 
5 AC1 6 HOH C .  ? HOH A 343 . ? 1_555 ? 
6 AC1 6 HOH C .  ? HOH A 355 . ? 1_555 ? 
# 
_pdbx_validate_symm_contact.id                1 
_pdbx_validate_symm_contact.PDB_model_num     1 
_pdbx_validate_symm_contact.auth_atom_id_1    O 
_pdbx_validate_symm_contact.auth_asym_id_1    A 
_pdbx_validate_symm_contact.auth_comp_id_1    HOH 
_pdbx_validate_symm_contact.auth_seq_id_1     365 
_pdbx_validate_symm_contact.PDB_ins_code_1    ? 
_pdbx_validate_symm_contact.label_alt_id_1    ? 
_pdbx_validate_symm_contact.site_symmetry_1   1_555 
_pdbx_validate_symm_contact.auth_atom_id_2    O 
_pdbx_validate_symm_contact.auth_asym_id_2    A 
_pdbx_validate_symm_contact.auth_comp_id_2    HOH 
_pdbx_validate_symm_contact.auth_seq_id_2     365 
_pdbx_validate_symm_contact.PDB_ins_code_2    ? 
_pdbx_validate_symm_contact.label_alt_id_2    ? 
_pdbx_validate_symm_contact.site_symmetry_2   2_656 
_pdbx_validate_symm_contact.dist              2.14 
# 
loop_
_pdbx_validate_torsion.id 
_pdbx_validate_torsion.PDB_model_num 
_pdbx_validate_torsion.auth_comp_id 
_pdbx_validate_torsion.auth_asym_id 
_pdbx_validate_torsion.auth_seq_id 
_pdbx_validate_torsion.PDB_ins_code 
_pdbx_validate_torsion.label_alt_id 
_pdbx_validate_torsion.phi 
_pdbx_validate_torsion.psi 
1 1 VAL A 79  ? ? -118.44 72.37   
2 1 GLU A 99  ? ? 154.01  -33.60  
3 1 LEU A 111 ? ? -90.22  -144.54 
# 
loop_
_chem_comp_atom.comp_id 
_chem_comp_atom.atom_id 
_chem_comp_atom.type_symbol 
_chem_comp_atom.pdbx_aromatic_flag 
_chem_comp_atom.pdbx_stereo_config 
_chem_comp_atom.pdbx_ordinal 
ALA N    N  N N 1   
ALA CA   C  N S 2   
ALA C    C  N N 3   
ALA O    O  N N 4   
ALA CB   C  N N 5   
ALA OXT  O  N N 6   
ALA H    H  N N 7   
ALA H2   H  N N 8   
ALA HA   H  N N 9   
ALA HB1  H  N N 10  
ALA HB2  H  N N 11  
ALA HB3  H  N N 12  
ALA HXT  H  N N 13  
ARG N    N  N N 14  
ARG CA   C  N S 15  
ARG C    C  N N 16  
ARG O    O  N N 17  
ARG CB   C  N N 18  
ARG CG   C  N N 19  
ARG CD   C  N N 20  
ARG NE   N  N N 21  
ARG CZ   C  N N 22  
ARG NH1  N  N N 23  
ARG NH2  N  N N 24  
ARG OXT  O  N N 25  
ARG H    H  N N 26  
ARG H2   H  N N 27  
ARG HA   H  N N 28  
ARG HB2  H  N N 29  
ARG HB3  H  N N 30  
ARG HG2  H  N N 31  
ARG HG3  H  N N 32  
ARG HD2  H  N N 33  
ARG HD3  H  N N 34  
ARG HE   H  N N 35  
ARG HH11 H  N N 36  
ARG HH12 H  N N 37  
ARG HH21 H  N N 38  
ARG HH22 H  N N 39  
ARG HXT  H  N N 40  
ASN N    N  N N 41  
ASN CA   C  N S 42  
ASN C    C  N N 43  
ASN O    O  N N 44  
ASN CB   C  N N 45  
ASN CG   C  N N 46  
ASN OD1  O  N N 47  
ASN ND2  N  N N 48  
ASN OXT  O  N N 49  
ASN H    H  N N 50  
ASN H2   H  N N 51  
ASN HA   H  N N 52  
ASN HB2  H  N N 53  
ASN HB3  H  N N 54  
ASN HD21 H  N N 55  
ASN HD22 H  N N 56  
ASN HXT  H  N N 57  
ASP N    N  N N 58  
ASP CA   C  N S 59  
ASP C    C  N N 60  
ASP O    O  N N 61  
ASP CB   C  N N 62  
ASP CG   C  N N 63  
ASP OD1  O  N N 64  
ASP OD2  O  N N 65  
ASP OXT  O  N N 66  
ASP H    H  N N 67  
ASP H2   H  N N 68  
ASP HA   H  N N 69  
ASP HB2  H  N N 70  
ASP HB3  H  N N 71  
ASP HD2  H  N N 72  
ASP HXT  H  N N 73  
GLN N    N  N N 74  
GLN CA   C  N S 75  
GLN C    C  N N 76  
GLN O    O  N N 77  
GLN CB   C  N N 78  
GLN CG   C  N N 79  
GLN CD   C  N N 80  
GLN OE1  O  N N 81  
GLN NE2  N  N N 82  
GLN OXT  O  N N 83  
GLN H    H  N N 84  
GLN H2   H  N N 85  
GLN HA   H  N N 86  
GLN HB2  H  N N 87  
GLN HB3  H  N N 88  
GLN HG2  H  N N 89  
GLN HG3  H  N N 90  
GLN HE21 H  N N 91  
GLN HE22 H  N N 92  
GLN HXT  H  N N 93  
GLU N    N  N N 94  
GLU CA   C  N S 95  
GLU C    C  N N 96  
GLU O    O  N N 97  
GLU CB   C  N N 98  
GLU CG   C  N N 99  
GLU CD   C  N N 100 
GLU OE1  O  N N 101 
GLU OE2  O  N N 102 
GLU OXT  O  N N 103 
GLU H    H  N N 104 
GLU H2   H  N N 105 
GLU HA   H  N N 106 
GLU HB2  H  N N 107 
GLU HB3  H  N N 108 
GLU HG2  H  N N 109 
GLU HG3  H  N N 110 
GLU HE2  H  N N 111 
GLU HXT  H  N N 112 
GLY N    N  N N 113 
GLY CA   C  N N 114 
GLY C    C  N N 115 
GLY O    O  N N 116 
GLY OXT  O  N N 117 
GLY H    H  N N 118 
GLY H2   H  N N 119 
GLY HA2  H  N N 120 
GLY HA3  H  N N 121 
GLY HXT  H  N N 122 
HIS N    N  N N 123 
HIS CA   C  N S 124 
HIS C    C  N N 125 
HIS O    O  N N 126 
HIS CB   C  N N 127 
HIS CG   C  Y N 128 
HIS ND1  N  Y N 129 
HIS CD2  C  Y N 130 
HIS CE1  C  Y N 131 
HIS NE2  N  Y N 132 
HIS OXT  O  N N 133 
HIS H    H  N N 134 
HIS H2   H  N N 135 
HIS HA   H  N N 136 
HIS HB2  H  N N 137 
HIS HB3  H  N N 138 
HIS HD1  H  N N 139 
HIS HD2  H  N N 140 
HIS HE1  H  N N 141 
HIS HE2  H  N N 142 
HIS HXT  H  N N 143 
HOH O    O  N N 144 
HOH H1   H  N N 145 
HOH H2   H  N N 146 
ILE N    N  N N 147 
ILE CA   C  N S 148 
ILE C    C  N N 149 
ILE O    O  N N 150 
ILE CB   C  N S 151 
ILE CG1  C  N N 152 
ILE CG2  C  N N 153 
ILE CD1  C  N N 154 
ILE OXT  O  N N 155 
ILE H    H  N N 156 
ILE H2   H  N N 157 
ILE HA   H  N N 158 
ILE HB   H  N N 159 
ILE HG12 H  N N 160 
ILE HG13 H  N N 161 
ILE HG21 H  N N 162 
ILE HG22 H  N N 163 
ILE HG23 H  N N 164 
ILE HD11 H  N N 165 
ILE HD12 H  N N 166 
ILE HD13 H  N N 167 
ILE HXT  H  N N 168 
LEU N    N  N N 169 
LEU CA   C  N S 170 
LEU C    C  N N 171 
LEU O    O  N N 172 
LEU CB   C  N N 173 
LEU CG   C  N N 174 
LEU CD1  C  N N 175 
LEU CD2  C  N N 176 
LEU OXT  O  N N 177 
LEU H    H  N N 178 
LEU H2   H  N N 179 
LEU HA   H  N N 180 
LEU HB2  H  N N 181 
LEU HB3  H  N N 182 
LEU HG   H  N N 183 
LEU HD11 H  N N 184 
LEU HD12 H  N N 185 
LEU HD13 H  N N 186 
LEU HD21 H  N N 187 
LEU HD22 H  N N 188 
LEU HD23 H  N N 189 
LEU HXT  H  N N 190 
LYS N    N  N N 191 
LYS CA   C  N S 192 
LYS C    C  N N 193 
LYS O    O  N N 194 
LYS CB   C  N N 195 
LYS CG   C  N N 196 
LYS CD   C  N N 197 
LYS CE   C  N N 198 
LYS NZ   N  N N 199 
LYS OXT  O  N N 200 
LYS H    H  N N 201 
LYS H2   H  N N 202 
LYS HA   H  N N 203 
LYS HB2  H  N N 204 
LYS HB3  H  N N 205 
LYS HG2  H  N N 206 
LYS HG3  H  N N 207 
LYS HD2  H  N N 208 
LYS HD3  H  N N 209 
LYS HE2  H  N N 210 
LYS HE3  H  N N 211 
LYS HZ1  H  N N 212 
LYS HZ2  H  N N 213 
LYS HZ3  H  N N 214 
LYS HXT  H  N N 215 
MET N    N  N N 216 
MET CA   C  N S 217 
MET C    C  N N 218 
MET O    O  N N 219 
MET CB   C  N N 220 
MET CG   C  N N 221 
MET SD   S  N N 222 
MET CE   C  N N 223 
MET OXT  O  N N 224 
MET H    H  N N 225 
MET H2   H  N N 226 
MET HA   H  N N 227 
MET HB2  H  N N 228 
MET HB3  H  N N 229 
MET HG2  H  N N 230 
MET HG3  H  N N 231 
MET HE1  H  N N 232 
MET HE2  H  N N 233 
MET HE3  H  N N 234 
MET HXT  H  N N 235 
NI  NI   NI N N 236 
PHE N    N  N N 237 
PHE CA   C  N S 238 
PHE C    C  N N 239 
PHE O    O  N N 240 
PHE CB   C  N N 241 
PHE CG   C  Y N 242 
PHE CD1  C  Y N 243 
PHE CD2  C  Y N 244 
PHE CE1  C  Y N 245 
PHE CE2  C  Y N 246 
PHE CZ   C  Y N 247 
PHE OXT  O  N N 248 
PHE H    H  N N 249 
PHE H2   H  N N 250 
PHE HA   H  N N 251 
PHE HB2  H  N N 252 
PHE HB3  H  N N 253 
PHE HD1  H  N N 254 
PHE HD2  H  N N 255 
PHE HE1  H  N N 256 
PHE HE2  H  N N 257 
PHE HZ   H  N N 258 
PHE HXT  H  N N 259 
PRO N    N  N N 260 
PRO CA   C  N S 261 
PRO C    C  N N 262 
PRO O    O  N N 263 
PRO CB   C  N N 264 
PRO CG   C  N N 265 
PRO CD   C  N N 266 
PRO OXT  O  N N 267 
PRO H    H  N N 268 
PRO HA   H  N N 269 
PRO HB2  H  N N 270 
PRO HB3  H  N N 271 
PRO HG2  H  N N 272 
PRO HG3  H  N N 273 
PRO HD2  H  N N 274 
PRO HD3  H  N N 275 
PRO HXT  H  N N 276 
SER N    N  N N 277 
SER CA   C  N S 278 
SER C    C  N N 279 
SER O    O  N N 280 
SER CB   C  N N 281 
SER OG   O  N N 282 
SER OXT  O  N N 283 
SER H    H  N N 284 
SER H2   H  N N 285 
SER HA   H  N N 286 
SER HB2  H  N N 287 
SER HB3  H  N N 288 
SER HG   H  N N 289 
SER HXT  H  N N 290 
THR N    N  N N 291 
THR CA   C  N S 292 
THR C    C  N N 293 
THR O    O  N N 294 
THR CB   C  N R 295 
THR OG1  O  N N 296 
THR CG2  C  N N 297 
THR OXT  O  N N 298 
THR H    H  N N 299 
THR H2   H  N N 300 
THR HA   H  N N 301 
THR HB   H  N N 302 
THR HG1  H  N N 303 
THR HG21 H  N N 304 
THR HG22 H  N N 305 
THR HG23 H  N N 306 
THR HXT  H  N N 307 
TYR N    N  N N 308 
TYR CA   C  N S 309 
TYR C    C  N N 310 
TYR O    O  N N 311 
TYR CB   C  N N 312 
TYR CG   C  Y N 313 
TYR CD1  C  Y N 314 
TYR CD2  C  Y N 315 
TYR CE1  C  Y N 316 
TYR CE2  C  Y N 317 
TYR CZ   C  Y N 318 
TYR OH   O  N N 319 
TYR OXT  O  N N 320 
TYR H    H  N N 321 
TYR H2   H  N N 322 
TYR HA   H  N N 323 
TYR HB2  H  N N 324 
TYR HB3  H  N N 325 
TYR HD1  H  N N 326 
TYR HD2  H  N N 327 
TYR HE1  H  N N 328 
TYR HE2  H  N N 329 
TYR HH   H  N N 330 
TYR HXT  H  N N 331 
VAL N    N  N N 332 
VAL CA   C  N S 333 
VAL C    C  N N 334 
VAL O    O  N N 335 
VAL CB   C  N N 336 
VAL CG1  C  N N 337 
VAL CG2  C  N N 338 
VAL OXT  O  N N 339 
VAL H    H  N N 340 
VAL H2   H  N N 341 
VAL HA   H  N N 342 
VAL HB   H  N N 343 
VAL HG11 H  N N 344 
VAL HG12 H  N N 345 
VAL HG13 H  N N 346 
VAL HG21 H  N N 347 
VAL HG22 H  N N 348 
VAL HG23 H  N N 349 
VAL HXT  H  N N 350 
# 
loop_
_chem_comp_bond.comp_id 
_chem_comp_bond.atom_id_1 
_chem_comp_bond.atom_id_2 
_chem_comp_bond.value_order 
_chem_comp_bond.pdbx_aromatic_flag 
_chem_comp_bond.pdbx_stereo_config 
_chem_comp_bond.pdbx_ordinal 
ALA N   CA   sing N N 1   
ALA N   H    sing N N 2   
ALA N   H2   sing N N 3   
ALA CA  C    sing N N 4   
ALA CA  CB   sing N N 5   
ALA CA  HA   sing N N 6   
ALA C   O    doub N N 7   
ALA C   OXT  sing N N 8   
ALA CB  HB1  sing N N 9   
ALA CB  HB2  sing N N 10  
ALA CB  HB3  sing N N 11  
ALA OXT HXT  sing N N 12  
ARG N   CA   sing N N 13  
ARG N   H    sing N N 14  
ARG N   H2   sing N N 15  
ARG CA  C    sing N N 16  
ARG CA  CB   sing N N 17  
ARG CA  HA   sing N N 18  
ARG C   O    doub N N 19  
ARG C   OXT  sing N N 20  
ARG CB  CG   sing N N 21  
ARG CB  HB2  sing N N 22  
ARG CB  HB3  sing N N 23  
ARG CG  CD   sing N N 24  
ARG CG  HG2  sing N N 25  
ARG CG  HG3  sing N N 26  
ARG CD  NE   sing N N 27  
ARG CD  HD2  sing N N 28  
ARG CD  HD3  sing N N 29  
ARG NE  CZ   sing N N 30  
ARG NE  HE   sing N N 31  
ARG CZ  NH1  sing N N 32  
ARG CZ  NH2  doub N N 33  
ARG NH1 HH11 sing N N 34  
ARG NH1 HH12 sing N N 35  
ARG NH2 HH21 sing N N 36  
ARG NH2 HH22 sing N N 37  
ARG OXT HXT  sing N N 38  
ASN N   CA   sing N N 39  
ASN N   H    sing N N 40  
ASN N   H2   sing N N 41  
ASN CA  C    sing N N 42  
ASN CA  CB   sing N N 43  
ASN CA  HA   sing N N 44  
ASN C   O    doub N N 45  
ASN C   OXT  sing N N 46  
ASN CB  CG   sing N N 47  
ASN CB  HB2  sing N N 48  
ASN CB  HB3  sing N N 49  
ASN CG  OD1  doub N N 50  
ASN CG  ND2  sing N N 51  
ASN ND2 HD21 sing N N 52  
ASN ND2 HD22 sing N N 53  
ASN OXT HXT  sing N N 54  
ASP N   CA   sing N N 55  
ASP N   H    sing N N 56  
ASP N   H2   sing N N 57  
ASP CA  C    sing N N 58  
ASP CA  CB   sing N N 59  
ASP CA  HA   sing N N 60  
ASP C   O    doub N N 61  
ASP C   OXT  sing N N 62  
ASP CB  CG   sing N N 63  
ASP CB  HB2  sing N N 64  
ASP CB  HB3  sing N N 65  
ASP CG  OD1  doub N N 66  
ASP CG  OD2  sing N N 67  
ASP OD2 HD2  sing N N 68  
ASP OXT HXT  sing N N 69  
GLN N   CA   sing N N 70  
GLN N   H    sing N N 71  
GLN N   H2   sing N N 72  
GLN CA  C    sing N N 73  
GLN CA  CB   sing N N 74  
GLN CA  HA   sing N N 75  
GLN C   O    doub N N 76  
GLN C   OXT  sing N N 77  
GLN CB  CG   sing N N 78  
GLN CB  HB2  sing N N 79  
GLN CB  HB3  sing N N 80  
GLN CG  CD   sing N N 81  
GLN CG  HG2  sing N N 82  
GLN CG  HG3  sing N N 83  
GLN CD  OE1  doub N N 84  
GLN CD  NE2  sing N N 85  
GLN NE2 HE21 sing N N 86  
GLN NE2 HE22 sing N N 87  
GLN OXT HXT  sing N N 88  
GLU N   CA   sing N N 89  
GLU N   H    sing N N 90  
GLU N   H2   sing N N 91  
GLU CA  C    sing N N 92  
GLU CA  CB   sing N N 93  
GLU CA  HA   sing N N 94  
GLU C   O    doub N N 95  
GLU C   OXT  sing N N 96  
GLU CB  CG   sing N N 97  
GLU CB  HB2  sing N N 98  
GLU CB  HB3  sing N N 99  
GLU CG  CD   sing N N 100 
GLU CG  HG2  sing N N 101 
GLU CG  HG3  sing N N 102 
GLU CD  OE1  doub N N 103 
GLU CD  OE2  sing N N 104 
GLU OE2 HE2  sing N N 105 
GLU OXT HXT  sing N N 106 
GLY N   CA   sing N N 107 
GLY N   H    sing N N 108 
GLY N   H2   sing N N 109 
GLY CA  C    sing N N 110 
GLY CA  HA2  sing N N 111 
GLY CA  HA3  sing N N 112 
GLY C   O    doub N N 113 
GLY C   OXT  sing N N 114 
GLY OXT HXT  sing N N 115 
HIS N   CA   sing N N 116 
HIS N   H    sing N N 117 
HIS N   H2   sing N N 118 
HIS CA  C    sing N N 119 
HIS CA  CB   sing N N 120 
HIS CA  HA   sing N N 121 
HIS C   O    doub N N 122 
HIS C   OXT  sing N N 123 
HIS CB  CG   sing N N 124 
HIS CB  HB2  sing N N 125 
HIS CB  HB3  sing N N 126 
HIS CG  ND1  sing Y N 127 
HIS CG  CD2  doub Y N 128 
HIS ND1 CE1  doub Y N 129 
HIS ND1 HD1  sing N N 130 
HIS CD2 NE2  sing Y N 131 
HIS CD2 HD2  sing N N 132 
HIS CE1 NE2  sing Y N 133 
HIS CE1 HE1  sing N N 134 
HIS NE2 HE2  sing N N 135 
HIS OXT HXT  sing N N 136 
HOH O   H1   sing N N 137 
HOH O   H2   sing N N 138 
ILE N   CA   sing N N 139 
ILE N   H    sing N N 140 
ILE N   H2   sing N N 141 
ILE CA  C    sing N N 142 
ILE CA  CB   sing N N 143 
ILE CA  HA   sing N N 144 
ILE C   O    doub N N 145 
ILE C   OXT  sing N N 146 
ILE CB  CG1  sing N N 147 
ILE CB  CG2  sing N N 148 
ILE CB  HB   sing N N 149 
ILE CG1 CD1  sing N N 150 
ILE CG1 HG12 sing N N 151 
ILE CG1 HG13 sing N N 152 
ILE CG2 HG21 sing N N 153 
ILE CG2 HG22 sing N N 154 
ILE CG2 HG23 sing N N 155 
ILE CD1 HD11 sing N N 156 
ILE CD1 HD12 sing N N 157 
ILE CD1 HD13 sing N N 158 
ILE OXT HXT  sing N N 159 
LEU N   CA   sing N N 160 
LEU N   H    sing N N 161 
LEU N   H2   sing N N 162 
LEU CA  C    sing N N 163 
LEU CA  CB   sing N N 164 
LEU CA  HA   sing N N 165 
LEU C   O    doub N N 166 
LEU C   OXT  sing N N 167 
LEU CB  CG   sing N N 168 
LEU CB  HB2  sing N N 169 
LEU CB  HB3  sing N N 170 
LEU CG  CD1  sing N N 171 
LEU CG  CD2  sing N N 172 
LEU CG  HG   sing N N 173 
LEU CD1 HD11 sing N N 174 
LEU CD1 HD12 sing N N 175 
LEU CD1 HD13 sing N N 176 
LEU CD2 HD21 sing N N 177 
LEU CD2 HD22 sing N N 178 
LEU CD2 HD23 sing N N 179 
LEU OXT HXT  sing N N 180 
LYS N   CA   sing N N 181 
LYS N   H    sing N N 182 
LYS N   H2   sing N N 183 
LYS CA  C    sing N N 184 
LYS CA  CB   sing N N 185 
LYS CA  HA   sing N N 186 
LYS C   O    doub N N 187 
LYS C   OXT  sing N N 188 
LYS CB  CG   sing N N 189 
LYS CB  HB2  sing N N 190 
LYS CB  HB3  sing N N 191 
LYS CG  CD   sing N N 192 
LYS CG  HG2  sing N N 193 
LYS CG  HG3  sing N N 194 
LYS CD  CE   sing N N 195 
LYS CD  HD2  sing N N 196 
LYS CD  HD3  sing N N 197 
LYS CE  NZ   sing N N 198 
LYS CE  HE2  sing N N 199 
LYS CE  HE3  sing N N 200 
LYS NZ  HZ1  sing N N 201 
LYS NZ  HZ2  sing N N 202 
LYS NZ  HZ3  sing N N 203 
LYS OXT HXT  sing N N 204 
MET N   CA   sing N N 205 
MET N   H    sing N N 206 
MET N   H2   sing N N 207 
MET CA  C    sing N N 208 
MET CA  CB   sing N N 209 
MET CA  HA   sing N N 210 
MET C   O    doub N N 211 
MET C   OXT  sing N N 212 
MET CB  CG   sing N N 213 
MET CB  HB2  sing N N 214 
MET CB  HB3  sing N N 215 
MET CG  SD   sing N N 216 
MET CG  HG2  sing N N 217 
MET CG  HG3  sing N N 218 
MET SD  CE   sing N N 219 
MET CE  HE1  sing N N 220 
MET CE  HE2  sing N N 221 
MET CE  HE3  sing N N 222 
MET OXT HXT  sing N N 223 
PHE N   CA   sing N N 224 
PHE N   H    sing N N 225 
PHE N   H2   sing N N 226 
PHE CA  C    sing N N 227 
PHE CA  CB   sing N N 228 
PHE CA  HA   sing N N 229 
PHE C   O    doub N N 230 
PHE C   OXT  sing N N 231 
PHE CB  CG   sing N N 232 
PHE CB  HB2  sing N N 233 
PHE CB  HB3  sing N N 234 
PHE CG  CD1  doub Y N 235 
PHE CG  CD2  sing Y N 236 
PHE CD1 CE1  sing Y N 237 
PHE CD1 HD1  sing N N 238 
PHE CD2 CE2  doub Y N 239 
PHE CD2 HD2  sing N N 240 
PHE CE1 CZ   doub Y N 241 
PHE CE1 HE1  sing N N 242 
PHE CE2 CZ   sing Y N 243 
PHE CE2 HE2  sing N N 244 
PHE CZ  HZ   sing N N 245 
PHE OXT HXT  sing N N 246 
PRO N   CA   sing N N 247 
PRO N   CD   sing N N 248 
PRO N   H    sing N N 249 
PRO CA  C    sing N N 250 
PRO CA  CB   sing N N 251 
PRO CA  HA   sing N N 252 
PRO C   O    doub N N 253 
PRO C   OXT  sing N N 254 
PRO CB  CG   sing N N 255 
PRO CB  HB2  sing N N 256 
PRO CB  HB3  sing N N 257 
PRO CG  CD   sing N N 258 
PRO CG  HG2  sing N N 259 
PRO CG  HG3  sing N N 260 
PRO CD  HD2  sing N N 261 
PRO CD  HD3  sing N N 262 
PRO OXT HXT  sing N N 263 
SER N   CA   sing N N 264 
SER N   H    sing N N 265 
SER N   H2   sing N N 266 
SER CA  C    sing N N 267 
SER CA  CB   sing N N 268 
SER CA  HA   sing N N 269 
SER C   O    doub N N 270 
SER C   OXT  sing N N 271 
SER CB  OG   sing N N 272 
SER CB  HB2  sing N N 273 
SER CB  HB3  sing N N 274 
SER OG  HG   sing N N 275 
SER OXT HXT  sing N N 276 
THR N   CA   sing N N 277 
THR N   H    sing N N 278 
THR N   H2   sing N N 279 
THR CA  C    sing N N 280 
THR CA  CB   sing N N 281 
THR CA  HA   sing N N 282 
THR C   O    doub N N 283 
THR C   OXT  sing N N 284 
THR CB  OG1  sing N N 285 
THR CB  CG2  sing N N 286 
THR CB  HB   sing N N 287 
THR OG1 HG1  sing N N 288 
THR CG2 HG21 sing N N 289 
THR CG2 HG22 sing N N 290 
THR CG2 HG23 sing N N 291 
THR OXT HXT  sing N N 292 
TYR N   CA   sing N N 293 
TYR N   H    sing N N 294 
TYR N   H2   sing N N 295 
TYR CA  C    sing N N 296 
TYR CA  CB   sing N N 297 
TYR CA  HA   sing N N 298 
TYR C   O    doub N N 299 
TYR C   OXT  sing N N 300 
TYR CB  CG   sing N N 301 
TYR CB  HB2  sing N N 302 
TYR CB  HB3  sing N N 303 
TYR CG  CD1  doub Y N 304 
TYR CG  CD2  sing Y N 305 
TYR CD1 CE1  sing Y N 306 
TYR CD1 HD1  sing N N 307 
TYR CD2 CE2  doub Y N 308 
TYR CD2 HD2  sing N N 309 
TYR CE1 CZ   doub Y N 310 
TYR CE1 HE1  sing N N 311 
TYR CE2 CZ   sing Y N 312 
TYR CE2 HE2  sing N N 313 
TYR CZ  OH   sing N N 314 
TYR OH  HH   sing N N 315 
TYR OXT HXT  sing N N 316 
VAL N   CA   sing N N 317 
VAL N   H    sing N N 318 
VAL N   H2   sing N N 319 
VAL CA  C    sing N N 320 
VAL CA  CB   sing N N 321 
VAL CA  HA   sing N N 322 
VAL C   O    doub N N 323 
VAL C   OXT  sing N N 324 
VAL CB  CG1  sing N N 325 
VAL CB  CG2  sing N N 326 
VAL CB  HB   sing N N 327 
VAL CG1 HG11 sing N N 328 
VAL CG1 HG12 sing N N 329 
VAL CG1 HG13 sing N N 330 
VAL CG2 HG21 sing N N 331 
VAL CG2 HG22 sing N N 332 
VAL CG2 HG23 sing N N 333 
VAL OXT HXT  sing N N 334 
# 
_atom_sites.entry_id                    2D58 
_atom_sites.fract_transf_matrix[1][1]   0.00980449 
_atom_sites.fract_transf_matrix[1][2]   -0.01351061 
_atom_sites.fract_transf_matrix[1][3]   0.00048513 
_atom_sites.fract_transf_matrix[2][1]   -0.01991182 
_atom_sites.fract_transf_matrix[2][2]   -0.01485701 
_atom_sites.fract_transf_matrix[2][3]   -0.01134128 
_atom_sites.fract_transf_matrix[3][1]   0.01027242 
_atom_sites.fract_transf_matrix[3][2]   0.00191209 
_atom_sites.fract_transf_matrix[3][3]   -0.02054004 
_atom_sites.fract_transf_vector[1]      0.344312 
_atom_sites.fract_transf_vector[2]      0.026516 
_atom_sites.fract_transf_vector[3]      0.253287 
# 
loop_
_atom_type.symbol 
C  
N  
NI 
O  
S  
# 
loop_
_atom_site.group_PDB 
_atom_site.id 
_atom_site.type_symbol 
_atom_site.label_atom_id 
_atom_site.label_alt_id 
_atom_site.label_comp_id 
_atom_site.label_asym_id 
_atom_site.label_entity_id 
_atom_site.label_seq_id 
_atom_site.pdbx_PDB_ins_code 
_atom_site.Cartn_x 
_atom_site.Cartn_y 
_atom_site.Cartn_z 
_atom_site.occupancy 
_atom_site.B_iso_or_equiv 
_atom_site.pdbx_formal_charge 
_atom_site.auth_seq_id 
_atom_site.auth_comp_id 
_atom_site.auth_asym_id 
_atom_site.auth_atom_id 
_atom_site.pdbx_PDB_model_num 
ATOM   1   N  N   . LYS A 1 1   ? 10.328  -10.115 7.432   1.00 30.21 ? 17  LYS A N   1 
ATOM   2   C  CA  . LYS A 1 1   ? 9.334   -9.233  8.111   1.00 31.78 ? 17  LYS A CA  1 
ATOM   3   C  C   . LYS A 1 1   ? 10.029  -7.946  8.538   1.00 30.88 ? 17  LYS A C   1 
ATOM   4   O  O   . LYS A 1 1   ? 9.861   -6.893  7.918   1.00 26.41 ? 17  LYS A O   1 
ATOM   5   C  CB  . LYS A 1 1   ? 8.758   -9.942  9.337   1.00 34.99 ? 17  LYS A CB  1 
ATOM   6   C  CG  . LYS A 1 1   ? 8.143   -11.300 9.035   1.00 36.77 ? 17  LYS A CG  1 
ATOM   7   C  CD  . LYS A 1 1   ? 7.651   -11.967 10.305  1.00 39.46 ? 17  LYS A CD  1 
ATOM   8   C  CE  . LYS A 1 1   ? 7.162   -13.381 10.035  1.00 42.80 ? 17  LYS A CE  1 
ATOM   9   N  NZ  . LYS A 1 1   ? 6.743   -14.071 11.290  1.00 42.46 ? 17  LYS A NZ  1 
ATOM   10  N  N   . ALA A 1 2   ? 10.807  -8.038  9.610   1.00 29.97 ? 18  ALA A N   1 
ATOM   11  C  CA  . ALA A 1 2   ? 11.553  -6.892  10.097  1.00 30.96 ? 18  ALA A CA  1 
ATOM   12  C  C   . ALA A 1 2   ? 12.654  -6.638  9.073   1.00 30.20 ? 18  ALA A C   1 
ATOM   13  O  O   . ALA A 1 2   ? 13.190  -5.538  8.978   1.00 30.30 ? 18  ALA A O   1 
ATOM   14  C  CB  . ALA A 1 2   ? 12.153  -7.198  11.462  1.00 32.02 ? 18  ALA A CB  1 
ATOM   15  N  N   . GLN A 1 3   ? 12.979  -7.675  8.304   1.00 29.81 ? 19  GLN A N   1 
ATOM   16  C  CA  . GLN A 1 3   ? 14.005  -7.580  7.273   1.00 28.70 ? 19  GLN A CA  1 
ATOM   17  C  C   . GLN A 1 3   ? 13.463  -6.799  6.084   1.00 28.51 ? 19  GLN A C   1 
ATOM   18  O  O   . GLN A 1 3   ? 14.125  -5.903  5.563   1.00 28.43 ? 19  GLN A O   1 
ATOM   19  C  CB  . GLN A 1 3   ? 14.430  -8.976  6.812   1.00 31.05 ? 19  GLN A CB  1 
ATOM   20  C  CG  . GLN A 1 3   ? 15.501  -8.976  5.730   1.00 33.78 ? 19  GLN A CG  1 
ATOM   21  C  CD  . GLN A 1 3   ? 15.873  -10.377 5.279   1.00 35.98 ? 19  GLN A CD  1 
ATOM   22  O  OE1 . GLN A 1 3   ? 15.047  -11.103 4.725   1.00 34.63 ? 19  GLN A OE1 1 
ATOM   23  N  NE2 . GLN A 1 3   ? 17.120  -10.767 5.521   1.00 33.38 ? 19  GLN A NE2 1 
ATOM   24  N  N   . GLN A 1 4   ? 12.251  -7.145  5.660   1.00 25.84 ? 20  GLN A N   1 
ATOM   25  C  CA  . GLN A 1 4   ? 11.614  -6.477  4.530   1.00 25.30 ? 20  GLN A CA  1 
ATOM   26  C  C   . GLN A 1 4   ? 11.432  -4.986  4.801   1.00 23.53 ? 20  GLN A C   1 
ATOM   27  O  O   . GLN A 1 4   ? 11.301  -4.187  3.872   1.00 22.26 ? 20  GLN A O   1 
ATOM   28  C  CB  . GLN A 1 4   ? 10.259  -7.133  4.233   1.00 25.42 ? 20  GLN A CB  1 
ATOM   29  C  CG  . GLN A 1 4   ? 10.382  -8.611  3.865   1.00 24.84 ? 20  GLN A CG  1 
ATOM   30  C  CD  . GLN A 1 4   ? 9.042   -9.295  3.662   1.00 27.78 ? 20  GLN A CD  1 
ATOM   31  O  OE1 . GLN A 1 4   ? 8.168   -9.253  4.531   1.00 26.36 ? 20  GLN A OE1 1 
ATOM   32  N  NE2 . GLN A 1 4   ? 8.878   -9.941  2.512   1.00 24.94 ? 20  GLN A NE2 1 
ATOM   33  N  N   . GLU A 1 5   ? 11.429  -4.613  6.079   1.00 23.91 ? 21  GLU A N   1 
ATOM   34  C  CA  . GLU A 1 5   ? 11.267  -3.214  6.455   1.00 24.33 ? 21  GLU A CA  1 
ATOM   35  C  C   . GLU A 1 5   ? 12.424  -2.391  5.909   1.00 24.34 ? 21  GLU A C   1 
ATOM   36  O  O   . GLU A 1 5   ? 12.262  -1.211  5.590   1.00 20.00 ? 21  GLU A O   1 
ATOM   37  C  CB  . GLU A 1 5   ? 11.216  -3.063  7.974   1.00 26.63 ? 21  GLU A CB  1 
ATOM   38  C  CG  . GLU A 1 5   ? 10.693  -1.708  8.423   1.00 28.28 ? 21  GLU A CG  1 
ATOM   39  C  CD  . GLU A 1 5   ? 10.721  -1.534  9.925   1.00 28.84 ? 21  GLU A CD  1 
ATOM   40  O  OE1 . GLU A 1 5   ? 10.637  -2.552  10.643  1.00 31.89 ? 21  GLU A OE1 1 
ATOM   41  O  OE2 . GLU A 1 5   ? 10.811  -0.377  10.390  1.00 29.73 ? 21  GLU A OE2 1 
ATOM   42  N  N   . GLU A 1 6   ? 13.591  -3.024  5.814   1.00 24.33 ? 22  GLU A N   1 
ATOM   43  C  CA  . GLU A 1 6   ? 14.789  -2.371  5.297   1.00 25.97 ? 22  GLU A CA  1 
ATOM   44  C  C   . GLU A 1 6   ? 14.493  -1.836  3.905   1.00 23.69 ? 22  GLU A C   1 
ATOM   45  O  O   . GLU A 1 6   ? 14.794  -0.685  3.591   1.00 23.74 ? 22  GLU A O   1 
ATOM   46  C  CB  . GLU A 1 6   ? 15.953  -3.369  5.219   1.00 29.14 ? 22  GLU A CB  1 
ATOM   47  C  CG  . GLU A 1 6   ? 17.244  -2.780  4.661   1.00 36.55 ? 22  GLU A CG  1 
ATOM   48  C  CD  . GLU A 1 6   ? 18.312  -3.832  4.386   1.00 40.11 ? 22  GLU A CD  1 
ATOM   49  O  OE1 . GLU A 1 6   ? 19.436  -3.453  3.990   1.00 42.18 ? 22  GLU A OE1 1 
ATOM   50  O  OE2 . GLU A 1 6   ? 18.029  -5.036  4.560   1.00 43.58 ? 22  GLU A OE2 1 
ATOM   51  N  N   . ARG A 1 7   ? 13.900  -2.682  3.069   1.00 21.50 ? 23  ARG A N   1 
ATOM   52  C  CA  . ARG A 1 7   ? 13.569  -2.282  1.712   1.00 20.16 ? 23  ARG A CA  1 
ATOM   53  C  C   . ARG A 1 7   ? 12.525  -1.174  1.705   1.00 17.35 ? 23  ARG A C   1 
ATOM   54  O  O   . ARG A 1 7   ? 12.617  -0.236  0.913   1.00 17.40 ? 23  ARG A O   1 
ATOM   55  C  CB  . ARG A 1 7   ? 13.059  -3.475  0.903   1.00 23.30 ? 23  ARG A CB  1 
ATOM   56  C  CG  . ARG A 1 7   ? 12.605  -3.091  -0.500  1.00 28.24 ? 23  ARG A CG  1 
ATOM   57  C  CD  . ARG A 1 7   ? 13.662  -2.247  -1.205  1.00 29.41 ? 23  ARG A CD  1 
ATOM   58  N  NE  . ARG A 1 7   ? 13.181  -1.714  -2.474  1.00 33.65 ? 23  ARG A NE  1 
ATOM   59  C  CZ  . ARG A 1 7   ? 13.852  -0.841  -3.217  1.00 36.30 ? 23  ARG A CZ  1 
ATOM   60  N  NH1 . ARG A 1 7   ? 15.038  -0.403  -2.815  1.00 38.90 ? 23  ARG A NH1 1 
ATOM   61  N  NH2 . ARG A 1 7   ? 13.335  -0.401  -4.358  1.00 34.51 ? 23  ARG A NH2 1 
ATOM   62  N  N   . LEU A 1 8   ? 11.533  -1.278  2.586   1.00 15.33 ? 24  LEU A N   1 
ATOM   63  C  CA  . LEU A 1 8   ? 10.496  -0.257  2.658   1.00 15.30 ? 24  LEU A CA  1 
ATOM   64  C  C   . LEU A 1 8   ? 11.145  1.089   2.998   1.00 15.20 ? 24  LEU A C   1 
ATOM   65  O  O   . LEU A 1 8   ? 10.773  2.125   2.448   1.00 15.89 ? 24  LEU A O   1 
ATOM   66  C  CB  . LEU A 1 8   ? 9.448   -0.636  3.715   1.00 12.89 ? 24  LEU A CB  1 
ATOM   67  C  CG  . LEU A 1 8   ? 8.752   -1.989  3.493   1.00 13.24 ? 24  LEU A CG  1 
ATOM   68  C  CD1 . LEU A 1 8   ? 7.704   -2.210  4.571   1.00 13.50 ? 24  LEU A CD1 1 
ATOM   69  C  CD2 . LEU A 1 8   ? 8.112   -2.036  2.102   1.00 10.64 ? 24  LEU A CD2 1 
ATOM   70  N  N   . ASP A 1 9   ? 12.127  1.066   3.896   1.00 13.55 ? 25  ASP A N   1 
ATOM   71  C  CA  . ASP A 1 9   ? 12.832  2.285   4.290   1.00 15.00 ? 25  ASP A CA  1 
ATOM   72  C  C   . ASP A 1 9   ? 13.535  2.952   3.107   1.00 15.67 ? 25  ASP A C   1 
ATOM   73  O  O   . ASP A 1 9   ? 13.516  4.181   2.965   1.00 13.55 ? 25  ASP A O   1 
ATOM   74  C  CB  . ASP A 1 9   ? 13.855  1.967   5.384   1.00 15.72 ? 25  ASP A CB  1 
ATOM   75  C  CG  . ASP A 1 9   ? 13.228  1.892   6.763   1.00 19.64 ? 25  ASP A CG  1 
ATOM   76  O  OD1 . ASP A 1 9   ? 13.904  1.408   7.697   1.00 24.24 ? 25  ASP A OD1 1 
ATOM   77  O  OD2 . ASP A 1 9   ? 12.065  2.324   6.918   1.00 20.13 ? 25  ASP A OD2 1 
ATOM   78  N  N   . GLU A 1 10  ? 14.170  2.142   2.266   1.00 16.92 ? 26  GLU A N   1 
ATOM   79  C  CA  . GLU A 1 10  ? 14.871  2.665   1.097   1.00 18.86 ? 26  GLU A CA  1 
ATOM   80  C  C   . GLU A 1 10  ? 13.876  3.326   0.155   1.00 16.53 ? 26  GLU A C   1 
ATOM   81  O  O   . GLU A 1 10  ? 14.157  4.374   -0.429  1.00 16.86 ? 26  GLU A O   1 
ATOM   82  C  CB  . GLU A 1 10  ? 15.609  1.540   0.366   1.00 22.18 ? 26  GLU A CB  1 
ATOM   83  C  CG  . GLU A 1 10  ? 16.724  0.903   1.179   1.00 31.49 ? 26  GLU A CG  1 
ATOM   84  C  CD  . GLU A 1 10  ? 17.481  -0.161  0.405   1.00 36.27 ? 26  GLU A CD  1 
ATOM   85  O  OE1 . GLU A 1 10  ? 16.858  -1.166  0.003   1.00 40.01 ? 26  GLU A OE1 1 
ATOM   86  O  OE2 . GLU A 1 10  ? 18.704  0.010   0.196   1.00 39.50 ? 26  GLU A OE2 1 
ATOM   87  N  N   . ILE A 1 11  ? 12.707  2.709   0.015   1.00 15.42 ? 27  ILE A N   1 
ATOM   88  C  CA  . ILE A 1 11  ? 11.667  3.247   -0.849  1.00 14.11 ? 27  ILE A CA  1 
ATOM   89  C  C   . ILE A 1 11  ? 11.161  4.572   -0.288  1.00 14.30 ? 27  ILE A C   1 
ATOM   90  O  O   . ILE A 1 11  ? 10.962  5.535   -1.032  1.00 13.63 ? 27  ILE A O   1 
ATOM   91  C  CB  . ILE A 1 11  ? 10.492  2.242   -0.994  1.00 14.79 ? 27  ILE A CB  1 
ATOM   92  C  CG1 . ILE A 1 11  ? 10.983  0.995   -1.742  1.00 17.49 ? 27  ILE A CG1 1 
ATOM   93  C  CG2 . ILE A 1 11  ? 9.319   2.898   -1.714  1.00 11.27 ? 27  ILE A CG2 1 
ATOM   94  C  CD1 . ILE A 1 11  ? 9.960   -0.112  -1.875  1.00 14.61 ? 27  ILE A CD1 1 
ATOM   95  N  N   . ASN A 1 12  ? 10.958  4.627   1.027   1.00 15.08 ? 28  ASN A N   1 
ATOM   96  C  CA  . ASN A 1 12  ? 10.490  5.857   1.662   1.00 14.12 ? 28  ASN A CA  1 
ATOM   97  C  C   . ASN A 1 12  ? 11.453  6.999   1.358   1.00 15.15 ? 28  ASN A C   1 
ATOM   98  O  O   . ASN A 1 12  ? 11.031  8.129   1.105   1.00 13.13 ? 28  ASN A O   1 
ATOM   99  C  CB  . ASN A 1 12  ? 10.375  5.683   3.181   1.00 11.30 ? 28  ASN A CB  1 
ATOM   100 C  CG  . ASN A 1 12  ? 9.043   5.093   3.604   1.00 13.63 ? 28  ASN A CG  1 
ATOM   101 O  OD1 . ASN A 1 12  ? 8.158   4.869   2.779   1.00 13.64 ? 28  ASN A OD1 1 
ATOM   102 N  ND2 . ASN A 1 12  ? 8.892   4.843   4.906   1.00 14.43 ? 28  ASN A ND2 1 
ATOM   103 N  N   . LYS A 1 13  ? 12.746  6.695   1.384   1.00 15.56 ? 29  LYS A N   1 
ATOM   104 C  CA  . LYS A 1 13  ? 13.769  7.695   1.111   1.00 18.35 ? 29  LYS A CA  1 
ATOM   105 C  C   . LYS A 1 13  ? 13.647  8.164   -0.329  1.00 16.68 ? 29  LYS A C   1 
ATOM   106 O  O   . LYS A 1 13  ? 13.800  9.348   -0.627  1.00 17.27 ? 29  LYS A O   1 
ATOM   107 C  CB  . LYS A 1 13  ? 15.161  7.110   1.352   1.00 20.62 ? 29  LYS A CB  1 
ATOM   108 C  CG  . LYS A 1 13  ? 16.282  8.127   1.197   1.00 23.26 ? 29  LYS A CG  1 
ATOM   109 C  CD  . LYS A 1 13  ? 16.029  9.355   2.061   1.00 24.99 ? 29  LYS A CD  1 
ATOM   110 C  CE  . LYS A 1 13  ? 17.164  10.359  1.934   1.00 27.51 ? 29  LYS A CE  1 
ATOM   111 N  NZ  . LYS A 1 13  ? 18.464  9.749   2.327   1.00 30.09 ? 29  LYS A NZ  1 
ATOM   112 N  N   . GLN A 1 14  ? 13.367  7.222   -1.219  1.00 16.39 ? 30  GLN A N   1 
ATOM   113 C  CA  . GLN A 1 14  ? 13.197  7.528   -2.628  1.00 17.21 ? 30  GLN A CA  1 
ATOM   114 C  C   . GLN A 1 14  ? 12.018  8.484   -2.806  1.00 17.61 ? 30  GLN A C   1 
ATOM   115 O  O   . GLN A 1 14  ? 12.115  9.475   -3.534  1.00 14.43 ? 30  GLN A O   1 
ATOM   116 C  CB  . GLN A 1 14  ? 12.966  6.236   -3.416  1.00 19.87 ? 30  GLN A CB  1 
ATOM   117 C  CG  . GLN A 1 14  ? 14.226  5.398   -3.605  1.00 26.73 ? 30  GLN A CG  1 
ATOM   118 C  CD  . GLN A 1 14  ? 13.937  4.014   -4.157  1.00 27.82 ? 30  GLN A CD  1 
ATOM   119 O  OE1 . GLN A 1 14  ? 13.194  3.859   -5.126  1.00 31.12 ? 30  GLN A OE1 1 
ATOM   120 N  NE2 . GLN A 1 14  ? 14.530  2.998   -3.542  1.00 32.89 ? 30  GLN A NE2 1 
ATOM   121 N  N   . PHE A 1 15  ? 10.915  8.205   -2.120  1.00 14.89 ? 31  PHE A N   1 
ATOM   122 C  CA  . PHE A 1 15  ? 9.742   9.062   -2.230  1.00 14.16 ? 31  PHE A CA  1 
ATOM   123 C  C   . PHE A 1 15  ? 9.943   10.420  -1.568  1.00 14.11 ? 31  PHE A C   1 
ATOM   124 O  O   . PHE A 1 15  ? 9.450   11.435  -2.060  1.00 14.15 ? 31  PHE A O   1 
ATOM   125 C  CB  . PHE A 1 15  ? 8.506   8.366   -1.645  1.00 12.70 ? 31  PHE A CB  1 
ATOM   126 C  CG  . PHE A 1 15  ? 7.813   7.453   -2.620  1.00 14.50 ? 31  PHE A CG  1 
ATOM   127 C  CD1 . PHE A 1 15  ? 8.413   6.270   -3.036  1.00 15.05 ? 31  PHE A CD1 1 
ATOM   128 C  CD2 . PHE A 1 15  ? 6.573   7.799   -3.151  1.00 11.93 ? 31  PHE A CD2 1 
ATOM   129 C  CE1 . PHE A 1 15  ? 7.784   5.440   -3.973  1.00 18.31 ? 31  PHE A CE1 1 
ATOM   130 C  CE2 . PHE A 1 15  ? 5.937   6.983   -4.086  1.00 13.97 ? 31  PHE A CE2 1 
ATOM   131 C  CZ  . PHE A 1 15  ? 6.547   5.798   -4.498  1.00 15.60 ? 31  PHE A CZ  1 
ATOM   132 N  N   . LEU A 1 16  ? 10.662  10.435  -0.453  1.00 15.78 ? 32  LEU A N   1 
ATOM   133 C  CA  . LEU A 1 16  ? 10.926  11.677  0.256   1.00 19.16 ? 32  LEU A CA  1 
ATOM   134 C  C   . LEU A 1 16  ? 11.557  12.713  -0.676  1.00 21.45 ? 32  LEU A C   1 
ATOM   135 O  O   . LEU A 1 16  ? 11.295  13.908  -0.561  1.00 20.89 ? 32  LEU A O   1 
ATOM   136 C  CB  . LEU A 1 16  ? 11.865  11.416  1.434   1.00 20.72 ? 32  LEU A CB  1 
ATOM   137 C  CG  . LEU A 1 16  ? 12.298  12.657  2.218   1.00 23.38 ? 32  LEU A CG  1 
ATOM   138 C  CD1 . LEU A 1 16  ? 11.089  13.268  2.925   1.00 23.29 ? 32  LEU A CD1 1 
ATOM   139 C  CD2 . LEU A 1 16  ? 13.375  12.279  3.216   1.00 22.88 ? 32  LEU A CD2 1 
ATOM   140 N  N   . ASP A 1 17  ? 12.381  12.243  -1.606  1.00 22.95 ? 33  ASP A N   1 
ATOM   141 C  CA  . ASP A 1 17  ? 13.067  13.120  -2.547  1.00 24.10 ? 33  ASP A CA  1 
ATOM   142 C  C   . ASP A 1 17  ? 12.307  13.337  -3.849  1.00 22.73 ? 33  ASP A C   1 
ATOM   143 O  O   . ASP A 1 17  ? 12.816  13.971  -4.774  1.00 20.63 ? 33  ASP A O   1 
ATOM   144 C  CB  . ASP A 1 17  ? 14.454  12.548  -2.855  1.00 27.90 ? 33  ASP A CB  1 
ATOM   145 C  CG  . ASP A 1 17  ? 15.367  12.546  -1.640  1.00 31.67 ? 33  ASP A CG  1 
ATOM   146 O  OD1 . ASP A 1 17  ? 16.386  11.823  -1.658  1.00 33.84 ? 33  ASP A OD1 1 
ATOM   147 O  OD2 . ASP A 1 17  ? 15.069  13.273  -0.672  1.00 34.82 ? 33  ASP A OD2 1 
ATOM   148 N  N   . ASP A 1 18  ? 11.087  12.818  -3.919  1.00 21.14 ? 34  ASP A N   1 
ATOM   149 C  CA  . ASP A 1 18  ? 10.277  12.953  -5.124  1.00 19.12 ? 34  ASP A CA  1 
ATOM   150 C  C   . ASP A 1 18  ? 9.519   14.281  -5.122  1.00 18.85 ? 34  ASP A C   1 
ATOM   151 O  O   . ASP A 1 18  ? 8.614   14.488  -4.311  1.00 17.79 ? 34  ASP A O   1 
ATOM   152 C  CB  . ASP A 1 18  ? 9.282   11.800  -5.215  1.00 15.99 ? 34  ASP A CB  1 
ATOM   153 C  CG  . ASP A 1 18  ? 8.701   11.643  -6.602  1.00 16.99 ? 34  ASP A CG  1 
ATOM   154 O  OD1 . ASP A 1 18  ? 8.602   12.655  -7.331  1.00 17.85 ? 34  ASP A OD1 1 
ATOM   155 O  OD2 . ASP A 1 18  ? 8.328   10.511  -6.959  1.00 13.26 ? 34  ASP A OD2 1 
ATOM   156 N  N   . PRO A 1 19  ? 9.876   15.195  -6.041  1.00 18.39 ? 35  PRO A N   1 
ATOM   157 C  CA  . PRO A 1 19  ? 9.240   16.512  -6.154  1.00 17.47 ? 35  PRO A CA  1 
ATOM   158 C  C   . PRO A 1 19  ? 7.722   16.450  -6.246  1.00 16.54 ? 35  PRO A C   1 
ATOM   159 O  O   . PRO A 1 19  ? 7.024   17.363  -5.801  1.00 17.57 ? 35  PRO A O   1 
ATOM   160 C  CB  . PRO A 1 19  ? 9.860   17.085  -7.428  1.00 16.30 ? 35  PRO A CB  1 
ATOM   161 C  CG  . PRO A 1 19  ? 11.213  16.473  -7.443  1.00 18.62 ? 35  PRO A CG  1 
ATOM   162 C  CD  . PRO A 1 19  ? 10.926  15.038  -7.063  1.00 17.97 ? 35  PRO A CD  1 
ATOM   163 N  N   . LYS A 1 20  ? 7.220   15.371  -6.837  1.00 16.31 ? 36  LYS A N   1 
ATOM   164 C  CA  . LYS A 1 20  ? 5.788   15.176  -7.012  1.00 18.18 ? 36  LYS A CA  1 
ATOM   165 C  C   . LYS A 1 20  ? 5.043   15.157  -5.673  1.00 18.27 ? 36  LYS A C   1 
ATOM   166 O  O   . LYS A 1 20  ? 3.844   15.451  -5.614  1.00 16.75 ? 36  LYS A O   1 
ATOM   167 C  CB  . LYS A 1 20  ? 5.546   13.866  -7.771  1.00 19.77 ? 36  LYS A CB  1 
ATOM   168 C  CG  . LYS A 1 20  ? 4.128   13.660  -8.267  1.00 25.61 ? 36  LYS A CG  1 
ATOM   169 C  CD  . LYS A 1 20  ? 4.013   12.372  -9.077  1.00 29.73 ? 36  LYS A CD  1 
ATOM   170 C  CE  . LYS A 1 20  ? 4.960   12.375  -10.269 1.00 34.03 ? 36  LYS A CE  1 
ATOM   171 N  NZ  . LYS A 1 20  ? 4.873   11.119  -11.069 1.00 38.70 ? 36  LYS A NZ  1 
ATOM   172 N  N   . TYR A 1 21  ? 5.757   14.829  -4.601  1.00 15.99 ? 37  TYR A N   1 
ATOM   173 C  CA  . TYR A 1 21  ? 5.150   14.751  -3.272  1.00 17.24 ? 37  TYR A CA  1 
ATOM   174 C  C   . TYR A 1 21  ? 5.694   15.783  -2.287  1.00 17.16 ? 37  TYR A C   1 
ATOM   175 O  O   . TYR A 1 21  ? 5.323   15.789  -1.112  1.00 17.63 ? 37  TYR A O   1 
ATOM   176 C  CB  . TYR A 1 21  ? 5.353   13.341  -2.715  1.00 17.10 ? 37  TYR A CB  1 
ATOM   177 C  CG  . TYR A 1 21  ? 4.838   12.279  -3.653  1.00 16.91 ? 37  TYR A CG  1 
ATOM   178 C  CD1 . TYR A 1 21  ? 3.479   12.193  -3.956  1.00 15.48 ? 37  TYR A CD1 1 
ATOM   179 C  CD2 . TYR A 1 21  ? 5.711   11.388  -4.276  1.00 14.54 ? 37  TYR A CD2 1 
ATOM   180 C  CE1 . TYR A 1 21  ? 3.001   11.246  -4.860  1.00 17.56 ? 37  TYR A CE1 1 
ATOM   181 C  CE2 . TYR A 1 21  ? 5.241   10.438  -5.183  1.00 15.06 ? 37  TYR A CE2 1 
ATOM   182 C  CZ  . TYR A 1 21  ? 3.889   10.374  -5.470  1.00 16.65 ? 37  TYR A CZ  1 
ATOM   183 O  OH  . TYR A 1 21  ? 3.420   9.449   -6.369  1.00 17.39 ? 37  TYR A OH  1 
ATOM   184 N  N   . SER A 1 22  ? 6.556   16.664  -2.780  1.00 19.56 ? 38  SER A N   1 
ATOM   185 C  CA  . SER A 1 22  ? 7.168   17.701  -1.956  1.00 20.07 ? 38  SER A CA  1 
ATOM   186 C  C   . SER A 1 22  ? 6.198   18.701  -1.343  1.00 17.78 ? 38  SER A C   1 
ATOM   187 O  O   . SER A 1 22  ? 6.496   19.298  -0.310  1.00 21.31 ? 38  SER A O   1 
ATOM   188 C  CB  . SER A 1 22  ? 8.213   18.463  -2.771  1.00 19.27 ? 38  SER A CB  1 
ATOM   189 O  OG  . SER A 1 22  ? 9.341   17.642  -3.013  1.00 28.19 ? 38  SER A OG  1 
ATOM   190 N  N   . SER A 1 23  ? 5.048   18.894  -1.977  1.00 18.14 ? 39  SER A N   1 
ATOM   191 C  CA  . SER A 1 23  ? 4.066   19.849  -1.474  1.00 17.94 ? 39  SER A CA  1 
ATOM   192 C  C   . SER A 1 23  ? 3.433   19.412  -0.157  1.00 17.05 ? 39  SER A C   1 
ATOM   193 O  O   . SER A 1 23  ? 2.782   20.210  0.518   1.00 15.30 ? 39  SER A O   1 
ATOM   194 C  CB  . SER A 1 23  ? 2.971   20.086  -2.519  1.00 18.05 ? 39  SER A CB  1 
ATOM   195 O  OG  . SER A 1 23  ? 2.163   18.935  -2.681  1.00 17.73 ? 39  SER A OG  1 
ATOM   196 N  N   . ASP A 1 24  ? 3.613   18.145  0.206   1.00 14.31 ? 40  ASP A N   1 
ATOM   197 C  CA  . ASP A 1 24  ? 3.051   17.649  1.461   1.00 13.54 ? 40  ASP A CA  1 
ATOM   198 C  C   . ASP A 1 24  ? 4.045   17.895  2.590   1.00 13.72 ? 40  ASP A C   1 
ATOM   199 O  O   . ASP A 1 24  ? 5.010   17.142  2.761   1.00 12.98 ? 40  ASP A O   1 
ATOM   200 C  CB  . ASP A 1 24  ? 2.753   16.155  1.373   1.00 14.50 ? 40  ASP A CB  1 
ATOM   201 C  CG  . ASP A 1 24  ? 1.977   15.651  2.572   1.00 18.68 ? 40  ASP A CG  1 
ATOM   202 O  OD1 . ASP A 1 24  ? 2.178   16.192  3.679   1.00 15.66 ? 40  ASP A OD1 1 
ATOM   203 O  OD2 . ASP A 1 24  ? 1.169   14.712  2.411   1.00 22.70 ? 40  ASP A OD2 1 
ATOM   204 N  N   . GLU A 1 25  ? 3.798   18.947  3.365   1.00 11.84 ? 41  GLU A N   1 
ATOM   205 C  CA  . GLU A 1 25  ? 4.678   19.312  4.464   1.00 13.15 ? 41  GLU A CA  1 
ATOM   206 C  C   . GLU A 1 25  ? 4.898   18.220  5.508   1.00 13.28 ? 41  GLU A C   1 
ATOM   207 O  O   . GLU A 1 25  ? 5.903   18.244  6.217   1.00 14.39 ? 41  GLU A O   1 
ATOM   208 C  CB  . GLU A 1 25  ? 4.167   20.579  5.166   1.00 13.24 ? 41  GLU A CB  1 
ATOM   209 C  CG  . GLU A 1 25  ? 2.844   20.441  5.931   1.00 14.70 ? 41  GLU A CG  1 
ATOM   210 C  CD  . GLU A 1 25  ? 1.609   20.598  5.049   1.00 15.88 ? 41  GLU A CD  1 
ATOM   211 O  OE1 . GLU A 1 25  ? 0.524   20.909  5.594   1.00 16.38 ? 41  GLU A OE1 1 
ATOM   212 O  OE2 . GLU A 1 25  ? 1.715   20.402  3.823   1.00 15.37 ? 41  GLU A OE2 1 
ATOM   213 N  N   . ASP A 1 26  ? 3.970   17.273  5.607   1.00 11.10 ? 42  ASP A N   1 
ATOM   214 C  CA  . ASP A 1 26  ? 4.089   16.195  6.589   1.00 11.21 ? 42  ASP A CA  1 
ATOM   215 C  C   . ASP A 1 26  ? 4.636   14.890  6.000   1.00 10.96 ? 42  ASP A C   1 
ATOM   216 O  O   . ASP A 1 26  ? 4.615   13.851  6.657   1.00 10.04 ? 42  ASP A O   1 
ATOM   217 C  CB  . ASP A 1 26  ? 2.726   15.926  7.236   1.00 12.19 ? 42  ASP A CB  1 
ATOM   218 C  CG  . ASP A 1 26  ? 2.176   17.139  7.968   1.00 17.13 ? 42  ASP A CG  1 
ATOM   219 O  OD1 . ASP A 1 26  ? 1.027   17.545  7.683   1.00 18.96 ? 42  ASP A OD1 1 
ATOM   220 O  OD2 . ASP A 1 26  ? 2.891   17.682  8.830   1.00 14.99 ? 42  ASP A OD2 1 
ATOM   221 N  N   . LEU A 1 27  ? 5.145   14.951  4.775   1.00 13.44 ? 43  LEU A N   1 
ATOM   222 C  CA  . LEU A 1 27  ? 5.668   13.760  4.109   1.00 13.57 ? 43  LEU A CA  1 
ATOM   223 C  C   . LEU A 1 27  ? 6.610   12.890  4.954   1.00 14.10 ? 43  LEU A C   1 
ATOM   224 O  O   . LEU A 1 27  ? 6.421   11.677  5.034   1.00 11.57 ? 43  LEU A O   1 
ATOM   225 C  CB  . LEU A 1 27  ? 6.361   14.152  2.799   1.00 14.14 ? 43  LEU A CB  1 
ATOM   226 C  CG  . LEU A 1 27  ? 6.770   13.005  1.866   1.00 17.53 ? 43  LEU A CG  1 
ATOM   227 C  CD1 . LEU A 1 27  ? 5.540   12.235  1.408   1.00 16.02 ? 43  LEU A CD1 1 
ATOM   228 C  CD2 . LEU A 1 27  ? 7.515   13.570  0.667   1.00 19.18 ? 43  LEU A CD2 1 
ATOM   229 N  N   . PRO A 1 28  ? 7.628   13.492  5.600   1.00 15.41 ? 44  PRO A N   1 
ATOM   230 C  CA  . PRO A 1 28  ? 8.567   12.714  6.420   1.00 14.84 ? 44  PRO A CA  1 
ATOM   231 C  C   . PRO A 1 28  ? 7.899   11.750  7.400   1.00 17.75 ? 44  PRO A C   1 
ATOM   232 O  O   . PRO A 1 28  ? 8.220   10.559  7.427   1.00 17.41 ? 44  PRO A O   1 
ATOM   233 C  CB  . PRO A 1 28  ? 9.376   13.793  7.138   1.00 15.62 ? 44  PRO A CB  1 
ATOM   234 C  CG  . PRO A 1 28  ? 9.385   14.915  6.145   1.00 15.38 ? 44  PRO A CG  1 
ATOM   235 C  CD  . PRO A 1 28  ? 7.951   14.929  5.666   1.00 14.86 ? 44  PRO A CD  1 
ATOM   236 N  N   . SER A 1 29  ? 6.970   12.263  8.204   1.00 15.48 ? 45  SER A N   1 
ATOM   237 C  CA  . SER A 1 29  ? 6.280   11.423  9.181   1.00 14.79 ? 45  SER A CA  1 
ATOM   238 C  C   . SER A 1 29  ? 5.172   10.573  8.559   1.00 13.52 ? 45  SER A C   1 
ATOM   239 O  O   . SER A 1 29  ? 4.917   9.448   9.004   1.00 12.39 ? 45  SER A O   1 
ATOM   240 C  CB  . SER A 1 29  ? 5.719   12.287  10.321  1.00 13.47 ? 45  SER A CB  1 
ATOM   241 O  OG  . SER A 1 29  ? 4.863   13.304  9.831   1.00 19.89 ? 45  SER A OG  1 
ATOM   242 N  N   . LYS A 1 30  ? 4.519   11.097  7.523   1.00 14.82 ? 46  LYS A N   1 
ATOM   243 C  CA  . LYS A 1 30  ? 3.449   10.353  6.858   1.00 14.28 ? 46  LYS A CA  1 
ATOM   244 C  C   . LYS A 1 30  ? 3.948   9.065   6.220   1.00 13.74 ? 46  LYS A C   1 
ATOM   245 O  O   . LYS A 1 30  ? 3.304   8.019   6.319   1.00 13.22 ? 46  LYS A O   1 
ATOM   246 C  CB  . LYS A 1 30  ? 2.793   11.195  5.770   1.00 19.05 ? 46  LYS A CB  1 
ATOM   247 C  CG  . LYS A 1 30  ? 1.700   12.116  6.242   1.00 24.55 ? 46  LYS A CG  1 
ATOM   248 C  CD  . LYS A 1 30  ? 0.929   12.630  5.043   1.00 24.08 ? 46  LYS A CD  1 
ATOM   249 C  CE  . LYS A 1 30  ? -0.174  13.576  5.445   1.00 23.85 ? 46  LYS A CE  1 
ATOM   250 N  NZ  . LYS A 1 30  ? -0.899  14.053  4.236   1.00 17.69 ? 46  LYS A NZ  1 
ATOM   251 N  N   . LEU A 1 31  ? 5.085   9.149   5.540   1.00 10.68 ? 47  LEU A N   1 
ATOM   252 C  CA  . LEU A 1 31  ? 5.652   7.982   4.894   1.00 12.13 ? 47  LEU A CA  1 
ATOM   253 C  C   . LEU A 1 31  ? 5.952   6.900   5.919   1.00 10.05 ? 47  LEU A C   1 
ATOM   254 O  O   . LEU A 1 31  ? 5.827   5.715   5.623   1.00 10.69 ? 47  LEU A O   1 
ATOM   255 C  CB  . LEU A 1 31  ? 6.925   8.362   4.131   1.00 10.47 ? 47  LEU A CB  1 
ATOM   256 C  CG  . LEU A 1 31  ? 6.656   9.084   2.809   1.00 11.90 ? 47  LEU A CG  1 
ATOM   257 C  CD1 . LEU A 1 31  ? 7.967   9.519   2.177   1.00 11.65 ? 47  LEU A CD1 1 
ATOM   258 C  CD2 . LEU A 1 31  ? 5.886   8.151   1.868   1.00 12.70 ? 47  LEU A CD2 1 
ATOM   259 N  N   . GLU A 1 32  ? 6.341   7.307   7.124   1.00 13.39 ? 48  GLU A N   1 
ATOM   260 C  CA  . GLU A 1 32  ? 6.644   6.342   8.174   1.00 12.57 ? 48  GLU A CA  1 
ATOM   261 C  C   . GLU A 1 32  ? 5.358   5.690   8.659   1.00 13.82 ? 48  GLU A C   1 
ATOM   262 O  O   . GLU A 1 32  ? 5.325   4.493   8.940   1.00 12.46 ? 48  GLU A O   1 
ATOM   263 C  CB  . GLU A 1 32  ? 7.372   7.017   9.340   1.00 16.64 ? 48  GLU A CB  1 
ATOM   264 C  CG  . GLU A 1 32  ? 8.858   7.243   9.092   1.00 21.60 ? 48  GLU A CG  1 
ATOM   265 C  CD  . GLU A 1 32  ? 9.676   5.966   9.219   1.00 25.71 ? 48  GLU A CD  1 
ATOM   266 O  OE1 . GLU A 1 32  ? 10.890  6.004   8.927   1.00 26.47 ? 48  GLU A OE1 1 
ATOM   267 O  OE2 . GLU A 1 32  ? 9.112   4.924   9.623   1.00 27.81 ? 48  GLU A OE2 1 
ATOM   268 N  N   . GLY A 1 33  ? 4.299   6.486   8.751   1.00 12.18 ? 49  GLY A N   1 
ATOM   269 C  CA  . GLY A 1 33  ? 3.019   5.952   9.176   1.00 12.78 ? 49  GLY A CA  1 
ATOM   270 C  C   . GLY A 1 33  ? 2.456   5.031   8.101   1.00 12.63 ? 49  GLY A C   1 
ATOM   271 O  O   . GLY A 1 33  ? 1.846   4.011   8.411   1.00 11.48 ? 49  GLY A O   1 
ATOM   272 N  N   . PHE A 1 34  ? 2.656   5.382   6.832   1.00 11.26 ? 50  PHE A N   1 
ATOM   273 C  CA  . PHE A 1 34  ? 2.153   4.543   5.748   1.00 11.03 ? 50  PHE A CA  1 
ATOM   274 C  C   . PHE A 1 34  ? 2.919   3.227   5.722   1.00 11.16 ? 50  PHE A C   1 
ATOM   275 O  O   . PHE A 1 34  ? 2.359   2.179   5.393   1.00 12.28 ? 50  PHE A O   1 
ATOM   276 C  CB  . PHE A 1 34  ? 2.267   5.263   4.393   1.00 10.65 ? 50  PHE A CB  1 
ATOM   277 C  CG  . PHE A 1 34  ? 1.298   6.413   4.227   1.00 12.82 ? 50  PHE A CG  1 
ATOM   278 C  CD1 . PHE A 1 34  ? 0.251   6.599   5.132   1.00 12.32 ? 50  PHE A CD1 1 
ATOM   279 C  CD2 . PHE A 1 34  ? 1.428   7.303   3.166   1.00 10.88 ? 50  PHE A CD2 1 
ATOM   280 C  CE1 . PHE A 1 34  ? -0.652  7.661   4.980   1.00 10.70 ? 50  PHE A CE1 1 
ATOM   281 C  CE2 . PHE A 1 34  ? 0.530   8.368   3.005   1.00 11.56 ? 50  PHE A CE2 1 
ATOM   282 C  CZ  . PHE A 1 34  ? -0.508  8.545   3.914   1.00 10.84 ? 50  PHE A CZ  1 
ATOM   283 N  N   . LYS A 1 35  ? 4.200   3.281   6.074   1.00 10.64 ? 51  LYS A N   1 
ATOM   284 C  CA  . LYS A 1 35  ? 5.018   2.075   6.114   1.00 11.00 ? 51  LYS A CA  1 
ATOM   285 C  C   . LYS A 1 35  ? 4.438   1.140   7.176   1.00 12.26 ? 51  LYS A C   1 
ATOM   286 O  O   . LYS A 1 35  ? 4.279   -0.064  6.944   1.00 10.55 ? 51  LYS A O   1 
ATOM   287 C  CB  . LYS A 1 35  ? 6.469   2.420   6.468   1.00 7.14  ? 51  LYS A CB  1 
ATOM   288 C  CG  . LYS A 1 35  ? 7.402   1.208   6.489   1.00 13.32 ? 51  LYS A CG  1 
ATOM   289 C  CD  . LYS A 1 35  ? 8.810   1.568   6.971   1.00 17.84 ? 51  LYS A CD  1 
ATOM   290 C  CE  . LYS A 1 35  ? 8.799   1.985   8.438   1.00 19.51 ? 51  LYS A CE  1 
ATOM   291 N  NZ  . LYS A 1 35  ? 10.170  2.247   8.965   1.00 22.09 ? 51  LYS A NZ  1 
ATOM   292 N  N   . GLU A 1 36  ? 4.117   1.698   8.341   1.00 14.14 ? 52  GLU A N   1 
ATOM   293 C  CA  . GLU A 1 36  ? 3.548   0.904   9.429   1.00 14.62 ? 52  GLU A CA  1 
ATOM   294 C  C   . GLU A 1 36  ? 2.210   0.295   9.013   1.00 14.61 ? 52  GLU A C   1 
ATOM   295 O  O   . GLU A 1 36  ? 1.914   -0.853  9.347   1.00 15.46 ? 52  GLU A O   1 
ATOM   296 C  CB  . GLU A 1 36  ? 3.355   1.763   10.682  1.00 19.14 ? 52  GLU A CB  1 
ATOM   297 C  CG  . GLU A 1 36  ? 4.648   2.242   11.319  1.00 28.22 ? 52  GLU A CG  1 
ATOM   298 C  CD  . GLU A 1 36  ? 5.449   1.115   11.946  1.00 34.45 ? 52  GLU A CD  1 
ATOM   299 O  OE1 . GLU A 1 36  ? 6.569   1.387   12.431  1.00 40.92 ? 52  GLU A OE1 1 
ATOM   300 O  OE2 . GLU A 1 36  ? 4.965   -0.037  11.959  1.00 38.66 ? 52  GLU A OE2 1 
ATOM   301 N  N   . LYS A 1 37  ? 1.405   1.069   8.288   1.00 14.53 ? 53  LYS A N   1 
ATOM   302 C  CA  . LYS A 1 37  ? 0.107   0.592   7.814   1.00 13.13 ? 53  LYS A CA  1 
ATOM   303 C  C   . LYS A 1 37  ? 0.313   -0.571  6.844   1.00 11.82 ? 53  LYS A C   1 
ATOM   304 O  O   . LYS A 1 37  ? -0.391  -1.577  6.902   1.00 11.47 ? 53  LYS A O   1 
ATOM   305 C  CB  . LYS A 1 37  ? -0.651  1.720   7.106   1.00 16.53 ? 53  LYS A CB  1 
ATOM   306 C  CG  . LYS A 1 37  ? -1.972  1.282   6.478   1.00 22.69 ? 53  LYS A CG  1 
ATOM   307 C  CD  . LYS A 1 37  ? -2.936  0.726   7.520   1.00 27.23 ? 53  LYS A CD  1 
ATOM   308 C  CE  . LYS A 1 37  ? -3.329  1.786   8.544   1.00 28.54 ? 53  LYS A CE  1 
ATOM   309 N  NZ  . LYS A 1 37  ? -4.265  1.243   9.566   1.00 29.24 ? 53  LYS A NZ  1 
ATOM   310 N  N   . TYR A 1 38  ? 1.280   -0.419  5.947   1.00 10.16 ? 54  TYR A N   1 
ATOM   311 C  CA  . TYR A 1 38  ? 1.601   -1.461  4.976   1.00 8.87  ? 54  TYR A CA  1 
ATOM   312 C  C   . TYR A 1 38  ? 2.072   -2.732  5.701   1.00 11.95 ? 54  TYR A C   1 
ATOM   313 O  O   . TYR A 1 38  ? 1.692   -3.849  5.338   1.00 11.49 ? 54  TYR A O   1 
ATOM   314 C  CB  . TYR A 1 38  ? 2.711   -0.970  4.045   1.00 8.19  ? 54  TYR A CB  1 
ATOM   315 C  CG  . TYR A 1 38  ? 2.987   -1.876  2.862   1.00 8.47  ? 54  TYR A CG  1 
ATOM   316 C  CD1 . TYR A 1 38  ? 2.126   -1.905  1.776   1.00 9.53  ? 54  TYR A CD1 1 
ATOM   317 C  CD2 . TYR A 1 38  ? 4.123   -2.689  2.826   1.00 10.06 ? 54  TYR A CD2 1 
ATOM   318 C  CE1 . TYR A 1 38  ? 2.377   -2.719  0.673   1.00 14.94 ? 54  TYR A CE1 1 
ATOM   319 C  CE2 . TYR A 1 38  ? 4.389   -3.511  1.722   1.00 11.84 ? 54  TYR A CE2 1 
ATOM   320 C  CZ  . TYR A 1 38  ? 3.507   -3.519  0.651   1.00 12.12 ? 54  TYR A CZ  1 
ATOM   321 O  OH  . TYR A 1 38  ? 3.743   -4.325  -0.440  1.00 11.95 ? 54  TYR A OH  1 
ATOM   322 N  N   . MET A 1 39  ? 2.896   -2.562  6.730   1.00 12.93 ? 55  MET A N   1 
ATOM   323 C  CA  . MET A 1 39  ? 3.415   -3.712  7.470   1.00 14.38 ? 55  MET A CA  1 
ATOM   324 C  C   . MET A 1 39  ? 2.388   -4.446  8.330   1.00 15.80 ? 55  MET A C   1 
ATOM   325 O  O   . MET A 1 39  ? 2.702   -5.471  8.937   1.00 14.10 ? 55  MET A O   1 
ATOM   326 C  CB  . MET A 1 39  ? 4.619   -3.292  8.318   1.00 16.23 ? 55  MET A CB  1 
ATOM   327 C  CG  . MET A 1 39  ? 5.804   -2.844  7.469   1.00 19.27 ? 55  MET A CG  1 
ATOM   328 S  SD  . MET A 1 39  ? 7.305   -2.486  8.403   1.00 25.35 ? 55  MET A SD  1 
ATOM   329 C  CE  . MET A 1 39  ? 6.820   -1.004  9.257   1.00 28.24 ? 55  MET A CE  1 
ATOM   330 N  N   . GLU A 1 40  ? 1.167   -3.923  8.390   1.00 17.50 ? 56  GLU A N   1 
ATOM   331 C  CA  . GLU A 1 40  ? 0.111   -4.585  9.149   1.00 18.23 ? 56  GLU A CA  1 
ATOM   332 C  C   . GLU A 1 40  ? -0.413  -5.749  8.307   1.00 17.08 ? 56  GLU A C   1 
ATOM   333 O  O   . GLU A 1 40  ? -0.987  -6.699  8.836   1.00 15.43 ? 56  GLU A O   1 
ATOM   334 C  CB  . GLU A 1 40  ? -1.032  -3.618  9.461   1.00 19.85 ? 56  GLU A CB  1 
ATOM   335 C  CG  . GLU A 1 40  ? -0.668  -2.526  10.453  1.00 25.13 ? 56  GLU A CG  1 
ATOM   336 C  CD  . GLU A 1 40  ? -1.852  -1.653  10.824  1.00 28.05 ? 56  GLU A CD  1 
ATOM   337 O  OE1 . GLU A 1 40  ? -1.651  -0.663  11.557  1.00 30.83 ? 56  GLU A OE1 1 
ATOM   338 O  OE2 . GLU A 1 40  ? -2.984  -1.955  10.387  1.00 27.42 ? 56  GLU A OE2 1 
ATOM   339 N  N   . PHE A 1 41  ? -0.209  -5.655  6.994   1.00 12.52 ? 57  PHE A N   1 
ATOM   340 C  CA  . PHE A 1 41  ? -0.627  -6.691  6.044   1.00 9.86  ? 57  PHE A CA  1 
ATOM   341 C  C   . PHE A 1 41  ? 0.389   -7.830  6.047   1.00 11.48 ? 57  PHE A C   1 
ATOM   342 O  O   . PHE A 1 41  ? 1.534   -7.655  6.468   1.00 10.64 ? 57  PHE A O   1 
ATOM   343 C  CB  . PHE A 1 41  ? -0.633  -6.153  4.604   1.00 11.23 ? 57  PHE A CB  1 
ATOM   344 C  CG  . PHE A 1 41  ? -1.761  -5.217  4.277   1.00 10.19 ? 57  PHE A CG  1 
ATOM   345 C  CD1 . PHE A 1 41  ? -2.917  -5.690  3.656   1.00 11.51 ? 57  PHE A CD1 1 
ATOM   346 C  CD2 . PHE A 1 41  ? -1.642  -3.855  4.515   1.00 11.71 ? 57  PHE A CD2 1 
ATOM   347 C  CE1 . PHE A 1 41  ? -3.931  -4.813  3.271   1.00 11.64 ? 57  PHE A CE1 1 
ATOM   348 C  CE2 . PHE A 1 41  ? -2.650  -2.969  4.136   1.00 13.48 ? 57  PHE A CE2 1 
ATOM   349 C  CZ  . PHE A 1 41  ? -3.796  -3.449  3.511   1.00 14.60 ? 57  PHE A CZ  1 
ATOM   350 N  N   . ASP A 1 42  ? -0.033  -8.995  5.565   1.00 11.70 ? 58  ASP A N   1 
ATOM   351 C  CA  . ASP A 1 42  ? 0.883   -10.117 5.418   1.00 14.08 ? 58  ASP A CA  1 
ATOM   352 C  C   . ASP A 1 42  ? 1.611   -9.740  4.124   1.00 13.31 ? 58  ASP A C   1 
ATOM   353 O  O   . ASP A 1 42  ? 0.965   -9.400  3.133   1.00 14.14 ? 58  ASP A O   1 
ATOM   354 C  CB  . ASP A 1 42  ? 0.122   -11.429 5.198   1.00 15.78 ? 58  ASP A CB  1 
ATOM   355 C  CG  . ASP A 1 42  ? -0.330  -12.078 6.492   1.00 20.44 ? 58  ASP A CG  1 
ATOM   356 O  OD1 . ASP A 1 42  ? -1.069  -13.084 6.420   1.00 23.46 ? 58  ASP A OD1 1 
ATOM   357 O  OD2 . ASP A 1 42  ? 0.054   -11.598 7.578   1.00 17.41 ? 58  ASP A OD2 1 
ATOM   358 N  N   . LEU A 1 43  ? 2.941   -9.763  4.132   1.00 13.01 ? 59  LEU A N   1 
ATOM   359 C  CA  . LEU A 1 43  ? 3.704   -9.424  2.931   1.00 12.58 ? 59  LEU A CA  1 
ATOM   360 C  C   . LEU A 1 43  ? 4.282   -10.713 2.364   1.00 15.15 ? 59  LEU A C   1 
ATOM   361 O  O   . LEU A 1 43  ? 4.800   -11.541 3.117   1.00 14.06 ? 59  LEU A O   1 
ATOM   362 C  CB  . LEU A 1 43  ? 4.847   -8.454  3.265   1.00 11.98 ? 59  LEU A CB  1 
ATOM   363 C  CG  . LEU A 1 43  ? 4.494   -7.157  4.001   1.00 16.10 ? 59  LEU A CG  1 
ATOM   364 C  CD1 . LEU A 1 43  ? 5.707   -6.233  3.967   1.00 12.90 ? 59  LEU A CD1 1 
ATOM   365 C  CD2 . LEU A 1 43  ? 3.294   -6.482  3.358   1.00 11.94 ? 59  LEU A CD2 1 
ATOM   366 N  N   . ASN A 1 44  ? 4.198   -10.892 1.048   1.00 13.80 ? 60  ASN A N   1 
ATOM   367 C  CA  . ASN A 1 44  ? 4.720   -12.115 0.454   1.00 13.82 ? 60  ASN A CA  1 
ATOM   368 C  C   . ASN A 1 44  ? 6.234   -12.080 0.308   1.00 13.06 ? 60  ASN A C   1 
ATOM   369 O  O   . ASN A 1 44  ? 6.893   -11.145 0.772   1.00 12.92 ? 60  ASN A O   1 
ATOM   370 C  CB  . ASN A 1 44  ? 4.048   -12.410 -0.901  1.00 13.20 ? 60  ASN A CB  1 
ATOM   371 C  CG  . ASN A 1 44  ? 4.486   -11.471 -2.012  1.00 12.95 ? 60  ASN A CG  1 
ATOM   372 O  OD1 . ASN A 1 44  ? 5.464   -10.732 -1.889  1.00 14.76 ? 60  ASN A OD1 1 
ATOM   373 N  ND2 . ASN A 1 44  ? 3.764   -11.518 -3.126  1.00 16.34 ? 60  ASN A ND2 1 
ATOM   374 N  N   . GLY A 1 45  ? 6.781   -13.113 -0.327  1.00 15.39 ? 61  GLY A N   1 
ATOM   375 C  CA  . GLY A 1 45  ? 8.218   -13.212 -0.508  1.00 16.12 ? 61  GLY A CA  1 
ATOM   376 C  C   . GLY A 1 45  ? 8.884   -12.033 -1.186  1.00 16.80 ? 61  GLY A C   1 
ATOM   377 O  O   . GLY A 1 45  ? 10.077  -11.793 -0.989  1.00 15.96 ? 61  GLY A O   1 
ATOM   378 N  N   . ASN A 1 46  ? 8.127   -11.295 -1.989  1.00 14.77 ? 62  ASN A N   1 
ATOM   379 C  CA  . ASN A 1 46  ? 8.681   -10.149 -2.689  1.00 16.19 ? 62  ASN A CA  1 
ATOM   380 C  C   . ASN A 1 46  ? 8.356   -8.844  -1.977  1.00 14.87 ? 62  ASN A C   1 
ATOM   381 O  O   . ASN A 1 46  ? 8.735   -7.772  -2.439  1.00 13.39 ? 62  ASN A O   1 
ATOM   382 C  CB  . ASN A 1 46  ? 8.147   -10.104 -4.122  1.00 18.16 ? 62  ASN A CB  1 
ATOM   383 C  CG  . ASN A 1 46  ? 8.355   -11.412 -4.855  1.00 20.34 ? 62  ASN A CG  1 
ATOM   384 O  OD1 . ASN A 1 46  ? 9.475   -11.908 -4.947  1.00 19.14 ? 62  ASN A OD1 1 
ATOM   385 N  ND2 . ASN A 1 46  ? 7.273   -11.980 -5.375  1.00 20.22 ? 62  ASN A ND2 1 
ATOM   386 N  N   . GLY A 1 47  ? 7.660   -8.940  -0.849  1.00 12.76 ? 63  GLY A N   1 
ATOM   387 C  CA  . GLY A 1 47  ? 7.299   -7.745  -0.106  1.00 11.32 ? 63  GLY A CA  1 
ATOM   388 C  C   . GLY A 1 47  ? 6.013   -7.121  -0.613  1.00 11.35 ? 63  GLY A C   1 
ATOM   389 O  O   . GLY A 1 47  ? 5.698   -5.976  -0.283  1.00 11.60 ? 63  GLY A O   1 
ATOM   390 N  N   . ASP A 1 48  ? 5.262   -7.881  -1.409  1.00 12.25 ? 64  ASP A N   1 
ATOM   391 C  CA  . ASP A 1 48  ? 4.007   -7.401  -1.975  1.00 13.07 ? 64  ASP A CA  1 
ATOM   392 C  C   . ASP A 1 48  ? 2.779   -7.955  -1.254  1.00 10.15 ? 64  ASP A C   1 
ATOM   393 O  O   . ASP A 1 48  ? 2.865   -8.925  -0.498  1.00 10.82 ? 64  ASP A O   1 
ATOM   394 C  CB  . ASP A 1 48  ? 3.911   -7.764  -3.458  1.00 11.96 ? 64  ASP A CB  1 
ATOM   395 C  CG  . ASP A 1 48  ? 5.043   -7.179  -4.281  1.00 16.39 ? 64  ASP A CG  1 
ATOM   396 O  OD1 . ASP A 1 48  ? 5.563   -6.107  -3.915  1.00 15.38 ? 64  ASP A OD1 1 
ATOM   397 O  OD2 . ASP A 1 48  ? 5.402   -7.791  -5.308  1.00 18.32 ? 64  ASP A OD2 1 
ATOM   398 N  N   . ILE A 1 49  ? 1.636   -7.330  -1.508  1.00 10.63 ? 65  ILE A N   1 
ATOM   399 C  CA  . ILE A 1 49  ? 0.377   -7.736  -0.896  1.00 10.72 ? 65  ILE A CA  1 
ATOM   400 C  C   . ILE A 1 49  ? -0.468  -8.516  -1.898  1.00 12.99 ? 65  ILE A C   1 
ATOM   401 O  O   . ILE A 1 49  ? -0.748  -8.025  -2.993  1.00 13.96 ? 65  ILE A O   1 
ATOM   402 C  CB  . ILE A 1 49  ? -0.423  -6.500  -0.414  1.00 12.56 ? 65  ILE A CB  1 
ATOM   403 C  CG1 . ILE A 1 49  ? 0.367   -5.771  0.675   1.00 14.75 ? 65  ILE A CG1 1 
ATOM   404 C  CG2 . ILE A 1 49  ? -1.795  -6.920  0.100   1.00 9.45  ? 65  ILE A CG2 1 
ATOM   405 C  CD1 . ILE A 1 49  ? -0.369  -4.598  1.292   1.00 21.22 ? 65  ILE A CD1 1 
ATOM   406 N  N   . ASP A 1 50  ? -0.872  -9.730  -1.525  1.00 12.49 ? 66  ASP A N   1 
ATOM   407 C  CA  . ASP A 1 50  ? -1.693  -10.550 -2.407  1.00 10.27 ? 66  ASP A CA  1 
ATOM   408 C  C   . ASP A 1 50  ? -3.174  -10.566 -2.020  1.00 12.21 ? 66  ASP A C   1 
ATOM   409 O  O   . ASP A 1 50  ? -3.593  -9.898  -1.071  1.00 11.70 ? 66  ASP A O   1 
ATOM   410 C  CB  . ASP A 1 50  ? -1.149  -11.991 -2.492  1.00 9.44  ? 66  ASP A CB  1 
ATOM   411 C  CG  . ASP A 1 50  ? -1.002  -12.659 -1.133  1.00 12.66 ? 66  ASP A CG  1 
ATOM   412 O  OD1 . ASP A 1 50  ? -1.835  -12.414 -0.236  1.00 6.91  ? 66  ASP A OD1 1 
ATOM   413 O  OD2 . ASP A 1 50  ? -0.054  -13.459 -0.977  1.00 9.99  ? 66  ASP A OD2 1 
ATOM   414 N  N   . ILE A 1 51  ? -3.964  -11.325 -2.774  1.00 11.60 ? 67  ILE A N   1 
ATOM   415 C  CA  . ILE A 1 51  ? -5.405  -11.416 -2.555  1.00 12.98 ? 67  ILE A CA  1 
ATOM   416 C  C   . ILE A 1 51  ? -5.815  -11.856 -1.151  1.00 12.52 ? 67  ILE A C   1 
ATOM   417 O  O   . ILE A 1 51  ? -6.667  -11.229 -0.523  1.00 13.00 ? 67  ILE A O   1 
ATOM   418 C  CB  . ILE A 1 51  ? -6.058  -12.382 -3.569  1.00 17.20 ? 67  ILE A CB  1 
ATOM   419 C  CG1 . ILE A 1 51  ? -5.865  -11.859 -4.994  1.00 21.17 ? 67  ILE A CG1 1 
ATOM   420 C  CG2 . ILE A 1 51  ? -7.543  -12.542 -3.249  1.00 18.34 ? 67  ILE A CG2 1 
ATOM   421 C  CD1 . ILE A 1 51  ? -6.634  -10.587 -5.297  1.00 22.71 ? 67  ILE A CD1 1 
ATOM   422 N  N   . MET A 1 52  ? -5.224  -12.942 -0.665  1.00 9.70  ? 68  MET A N   1 
ATOM   423 C  CA  . MET A 1 52  ? -5.561  -13.432 0.665   1.00 13.13 ? 68  MET A CA  1 
ATOM   424 C  C   . MET A 1 52  ? -5.100  -12.467 1.757   1.00 11.59 ? 68  MET A C   1 
ATOM   425 O  O   . MET A 1 52  ? -5.757  -12.334 2.796   1.00 12.20 ? 68  MET A O   1 
ATOM   426 C  CB  . MET A 1 52  ? -4.953  -14.819 0.881   1.00 19.16 ? 68  MET A CB  1 
ATOM   427 C  CG  . MET A 1 52  ? -5.555  -15.877 -0.028  1.00 24.76 ? 68  MET A CG  1 
ATOM   428 S  SD  . MET A 1 52  ? -7.362  -15.856 0.054   1.00 34.16 ? 68  MET A SD  1 
ATOM   429 C  CE  . MET A 1 52  ? -7.629  -16.519 1.702   1.00 33.37 ? 68  MET A CE  1 
ATOM   430 N  N   . SER A 1 53  ? -3.970  -11.803 1.530   1.00 8.83  ? 69  SER A N   1 
ATOM   431 C  CA  . SER A 1 53  ? -3.468  -10.839 2.506   1.00 10.26 ? 69  SER A CA  1 
ATOM   432 C  C   . SER A 1 53  ? -4.455  -9.679  2.616   1.00 12.28 ? 69  SER A C   1 
ATOM   433 O  O   . SER A 1 53  ? -4.811  -9.260  3.715   1.00 12.48 ? 69  SER A O   1 
ATOM   434 C  CB  . SER A 1 53  ? -2.094  -10.304 2.094   1.00 10.53 ? 69  SER A CB  1 
ATOM   435 O  OG  . SER A 1 53  ? -1.662  -9.285  2.988   1.00 10.36 ? 69  SER A OG  1 
ATOM   436 N  N   . LEU A 1 54  ? -4.893  -9.164  1.469   1.00 10.81 ? 70  LEU A N   1 
ATOM   437 C  CA  . LEU A 1 54  ? -5.849  -8.058  1.443   1.00 12.99 ? 70  LEU A CA  1 
ATOM   438 C  C   . LEU A 1 54  ? -7.147  -8.501  2.120   1.00 12.46 ? 70  LEU A C   1 
ATOM   439 O  O   . LEU A 1 54  ? -7.758  -7.743  2.874   1.00 11.40 ? 70  LEU A O   1 
ATOM   440 C  CB  . LEU A 1 54  ? -6.153  -7.646  0.001   1.00 11.29 ? 70  LEU A CB  1 
ATOM   441 C  CG  . LEU A 1 54  ? -6.358  -6.158  -0.314  1.00 20.25 ? 70  LEU A CG  1 
ATOM   442 C  CD1 . LEU A 1 54  ? -7.107  -6.047  -1.631  1.00 16.97 ? 70  LEU A CD1 1 
ATOM   443 C  CD2 . LEU A 1 54  ? -7.121  -5.449  0.790   1.00 18.25 ? 70  LEU A CD2 1 
ATOM   444 N  N   . LYS A 1 55  ? -7.560  -9.734  1.834   1.00 14.06 ? 71  LYS A N   1 
ATOM   445 C  CA  . LYS A 1 55  ? -8.776  -10.304 2.410   1.00 13.55 ? 71  LYS A CA  1 
ATOM   446 C  C   . LYS A 1 55  ? -8.722  -10.271 3.938   1.00 14.01 ? 71  LYS A C   1 
ATOM   447 O  O   . LYS A 1 55  ? -9.657  -9.809  4.598   1.00 13.67 ? 71  LYS A O   1 
ATOM   448 C  CB  . LYS A 1 55  ? -8.946  -11.747 1.934   1.00 11.42 ? 71  LYS A CB  1 
ATOM   449 C  CG  . LYS A 1 55  ? -10.174 -12.444 2.498   1.00 14.35 ? 71  LYS A CG  1 
ATOM   450 C  CD  . LYS A 1 55  ? -10.416 -13.783 1.825   1.00 21.16 ? 71  LYS A CD  1 
ATOM   451 C  CE  . LYS A 1 55  ? -11.727 -14.402 2.312   1.00 24.41 ? 71  LYS A CE  1 
ATOM   452 N  NZ  . LYS A 1 55  ? -12.051 -15.659 1.582   1.00 30.42 ? 71  LYS A NZ  1 
ATOM   453 N  N   . ARG A 1 56  ? -7.618  -10.772 4.483   1.00 14.23 ? 72  ARG A N   1 
ATOM   454 C  CA  . ARG A 1 56  ? -7.388  -10.815 5.922   1.00 15.10 ? 72  ARG A CA  1 
ATOM   455 C  C   . ARG A 1 56  ? -7.454  -9.420  6.551   1.00 14.89 ? 72  ARG A C   1 
ATOM   456 O  O   . ARG A 1 56  ? -8.101  -9.225  7.582   1.00 14.24 ? 72  ARG A O   1 
ATOM   457 C  CB  . ARG A 1 56  ? -6.016  -11.451 6.195   1.00 14.58 ? 72  ARG A CB  1 
ATOM   458 C  CG  . ARG A 1 56  ? -5.431  -11.192 7.580   1.00 17.94 ? 72  ARG A CG  1 
ATOM   459 C  CD  . ARG A 1 56  ? -4.021  -11.788 7.686   1.00 16.94 ? 72  ARG A CD  1 
ATOM   460 N  NE  . ARG A 1 56  ? -3.292  -11.326 8.869   1.00 19.94 ? 72  ARG A NE  1 
ATOM   461 C  CZ  . ARG A 1 56  ? -3.568  -11.688 10.118  1.00 20.49 ? 72  ARG A CZ  1 
ATOM   462 N  NH1 . ARG A 1 56  ? -4.565  -12.531 10.362  1.00 20.64 ? 72  ARG A NH1 1 
ATOM   463 N  NH2 . ARG A 1 56  ? -2.851  -11.200 11.124  1.00 19.72 ? 72  ARG A NH2 1 
ATOM   464 N  N   . MET A 1 57  ? -6.780  -8.455  5.932   1.00 13.56 ? 73  MET A N   1 
ATOM   465 C  CA  . MET A 1 57  ? -6.762  -7.086  6.441   1.00 13.95 ? 73  MET A CA  1 
ATOM   466 C  C   . MET A 1 57  ? -8.151  -6.449  6.459   1.00 15.36 ? 73  MET A C   1 
ATOM   467 O  O   . MET A 1 57  ? -8.541  -5.829  7.450   1.00 15.67 ? 73  MET A O   1 
ATOM   468 C  CB  . MET A 1 57  ? -5.821  -6.222  5.600   1.00 16.46 ? 73  MET A CB  1 
ATOM   469 C  CG  . MET A 1 57  ? -5.712  -4.770  6.055   1.00 17.37 ? 73  MET A CG  1 
ATOM   470 S  SD  . MET A 1 57  ? -4.846  -4.549  7.629   1.00 27.57 ? 73  MET A SD  1 
ATOM   471 C  CE  . MET A 1 57  ? -6.203  -4.380  8.746   1.00 24.06 ? 73  MET A CE  1 
ATOM   472 N  N   . LEU A 1 58  ? -8.897  -6.598  5.368   1.00 15.56 ? 74  LEU A N   1 
ATOM   473 C  CA  . LEU A 1 58  ? -10.229 -6.011  5.302   1.00 15.70 ? 74  LEU A CA  1 
ATOM   474 C  C   . LEU A 1 58  ? -11.170 -6.670  6.308   1.00 15.78 ? 74  LEU A C   1 
ATOM   475 O  O   . LEU A 1 58  ? -12.110 -6.038  6.799   1.00 14.63 ? 74  LEU A O   1 
ATOM   476 C  CB  . LEU A 1 58  ? -10.794 -6.108  3.881   1.00 15.22 ? 74  LEU A CB  1 
ATOM   477 C  CG  . LEU A 1 58  ? -10.019 -5.316  2.817   1.00 15.30 ? 74  LEU A CG  1 
ATOM   478 C  CD1 . LEU A 1 58  ? -10.815 -5.289  1.523   1.00 18.09 ? 74  LEU A CD1 1 
ATOM   479 C  CD2 . LEU A 1 58  ? -9.759  -3.895  3.298   1.00 14.41 ? 74  LEU A CD2 1 
ATOM   480 N  N   . GLU A 1 59  ? -10.914 -7.936  6.618   1.00 16.15 ? 75  GLU A N   1 
ATOM   481 C  CA  . GLU A 1 59  ? -11.729 -8.646  7.597   1.00 16.74 ? 75  GLU A CA  1 
ATOM   482 C  C   . GLU A 1 59  ? -11.551 -7.958  8.946   1.00 16.09 ? 75  GLU A C   1 
ATOM   483 O  O   . GLU A 1 59  ? -12.508 -7.793  9.699   1.00 15.17 ? 75  GLU A O   1 
ATOM   484 C  CB  . GLU A 1 59  ? -11.297 -10.111 7.707   1.00 20.45 ? 75  GLU A CB  1 
ATOM   485 C  CG  . GLU A 1 59  ? -11.744 -10.991 6.549   1.00 25.62 ? 75  GLU A CG  1 
ATOM   486 C  CD  . GLU A 1 59  ? -11.226 -12.417 6.662   1.00 28.23 ? 75  GLU A CD  1 
ATOM   487 O  OE1 . GLU A 1 59  ? -11.574 -13.248 5.795   1.00 30.10 ? 75  GLU A OE1 1 
ATOM   488 O  OE2 . GLU A 1 59  ? -10.473 -12.707 7.618   1.00 30.04 ? 75  GLU A OE2 1 
ATOM   489 N  N   . LYS A 1 60  ? -10.318 -7.557  9.245   1.00 16.39 ? 76  LYS A N   1 
ATOM   490 C  CA  . LYS A 1 60  ? -10.024 -6.883  10.503  1.00 16.08 ? 76  LYS A CA  1 
ATOM   491 C  C   . LYS A 1 60  ? -10.715 -5.526  10.579  1.00 14.63 ? 76  LYS A C   1 
ATOM   492 O  O   . LYS A 1 60  ? -11.038 -5.050  11.666  1.00 13.71 ? 76  LYS A O   1 
ATOM   493 C  CB  . LYS A 1 60  ? -8.510  -6.700  10.674  1.00 16.13 ? 76  LYS A CB  1 
ATOM   494 C  CG  . LYS A 1 60  ? -7.742  -7.998  10.887  1.00 17.50 ? 76  LYS A CG  1 
ATOM   495 C  CD  . LYS A 1 60  ? -6.260  -7.726  11.135  1.00 24.43 ? 76  LYS A CD  1 
ATOM   496 C  CE  . LYS A 1 60  ? -5.484  -9.010  11.382  1.00 28.25 ? 76  LYS A CE  1 
ATOM   497 N  NZ  . LYS A 1 60  ? -5.961  -9.730  12.597  1.00 30.02 ? 76  LYS A NZ  1 
ATOM   498 N  N   . LEU A 1 61  ? -10.946 -4.913  9.421   1.00 11.87 ? 77  LEU A N   1 
ATOM   499 C  CA  . LEU A 1 61  ? -11.594 -3.605  9.357   1.00 12.31 ? 77  LEU A CA  1 
ATOM   500 C  C   . LEU A 1 61  ? -13.118 -3.688  9.246   1.00 12.57 ? 77  LEU A C   1 
ATOM   501 O  O   . LEU A 1 61  ? -13.785 -2.664  9.100   1.00 10.51 ? 77  LEU A O   1 
ATOM   502 C  CB  . LEU A 1 61  ? -11.052 -2.805  8.168   1.00 13.33 ? 77  LEU A CB  1 
ATOM   503 C  CG  . LEU A 1 61  ? -9.548  -2.519  8.127   1.00 13.62 ? 77  LEU A CG  1 
ATOM   504 C  CD1 . LEU A 1 61  ? -9.234  -1.667  6.905   1.00 16.25 ? 77  LEU A CD1 1 
ATOM   505 C  CD2 . LEU A 1 61  ? -9.119  -1.801  9.400   1.00 16.71 ? 77  LEU A CD2 1 
ATOM   506 N  N   . GLY A 1 62  ? -13.662 -4.899  9.311   1.00 11.77 ? 78  GLY A N   1 
ATOM   507 C  CA  . GLY A 1 62  ? -15.105 -5.068  9.211   1.00 12.06 ? 78  GLY A CA  1 
ATOM   508 C  C   . GLY A 1 62  ? -15.619 -4.787  7.811   1.00 14.29 ? 78  GLY A C   1 
ATOM   509 O  O   . GLY A 1 62  ? -16.781 -4.427  7.619   1.00 14.17 ? 78  GLY A O   1 
ATOM   510 N  N   . VAL A 1 63  ? -14.745 -4.961  6.827   1.00 15.59 ? 79  VAL A N   1 
ATOM   511 C  CA  . VAL A 1 63  ? -15.092 -4.720  5.434   1.00 18.84 ? 79  VAL A CA  1 
ATOM   512 C  C   . VAL A 1 63  ? -14.958 -6.005  4.618   1.00 20.32 ? 79  VAL A C   1 
ATOM   513 O  O   . VAL A 1 63  ? -14.028 -6.149  3.829   1.00 22.57 ? 79  VAL A O   1 
ATOM   514 C  CB  . VAL A 1 63  ? -14.161 -3.644  4.809   1.00 19.05 ? 79  VAL A CB  1 
ATOM   515 C  CG1 . VAL A 1 63  ? -14.577 -3.352  3.373   1.00 22.23 ? 79  VAL A CG1 1 
ATOM   516 C  CG2 . VAL A 1 63  ? -14.196 -2.377  5.641   1.00 19.77 ? 79  VAL A CG2 1 
ATOM   517 N  N   . PRO A 1 64  ? -15.881 -6.962  4.806   1.00 22.90 ? 80  PRO A N   1 
ATOM   518 C  CA  . PRO A 1 64  ? -15.798 -8.215  4.046   1.00 24.11 ? 80  PRO A CA  1 
ATOM   519 C  C   . PRO A 1 64  ? -15.929 -7.945  2.548   1.00 23.64 ? 80  PRO A C   1 
ATOM   520 O  O   . PRO A 1 64  ? -16.767 -7.149  2.128   1.00 22.13 ? 80  PRO A O   1 
ATOM   521 C  CB  . PRO A 1 64  ? -16.967 -9.026  4.600   1.00 25.06 ? 80  PRO A CB  1 
ATOM   522 C  CG  . PRO A 1 64  ? -17.981 -7.957  4.921   1.00 26.74 ? 80  PRO A CG  1 
ATOM   523 C  CD  . PRO A 1 64  ? -17.118 -6.915  5.606   1.00 25.51 ? 80  PRO A CD  1 
ATOM   524 N  N   . LYS A 1 65  ? -15.088 -8.597  1.750   1.00 24.61 ? 81  LYS A N   1 
ATOM   525 C  CA  . LYS A 1 65  ? -15.119 -8.423  0.299   1.00 24.28 ? 81  LYS A CA  1 
ATOM   526 C  C   . LYS A 1 65  ? -15.064 -9.764  -0.414  1.00 23.81 ? 81  LYS A C   1 
ATOM   527 O  O   . LYS A 1 65  ? -14.382 -10.686 0.030   1.00 23.43 ? 81  LYS A O   1 
ATOM   528 C  CB  . LYS A 1 65  ? -13.942 -7.561  -0.167  1.00 23.64 ? 81  LYS A CB  1 
ATOM   529 C  CG  . LYS A 1 65  ? -14.047 -6.089  0.196   1.00 23.09 ? 81  LYS A CG  1 
ATOM   530 C  CD  . LYS A 1 65  ? -15.292 -5.465  -0.406  1.00 27.12 ? 81  LYS A CD  1 
ATOM   531 C  CE  . LYS A 1 65  ? -15.386 -3.988  -0.074  1.00 28.29 ? 81  LYS A CE  1 
ATOM   532 N  NZ  . LYS A 1 65  ? -16.633 -3.386  -0.619  1.00 31.07 ? 81  LYS A NZ  1 
ATOM   533 N  N   . THR A 1 66  ? -15.783 -9.869  -1.525  1.00 25.53 ? 82  THR A N   1 
ATOM   534 C  CA  . THR A 1 66  ? -15.792 -11.108 -2.290  1.00 24.70 ? 82  THR A CA  1 
ATOM   535 C  C   . THR A 1 66  ? -14.451 -11.283 -2.982  1.00 23.77 ? 82  THR A C   1 
ATOM   536 O  O   . THR A 1 66  ? -13.684 -10.328 -3.133  1.00 23.04 ? 82  THR A O   1 
ATOM   537 C  CB  . THR A 1 66  ? -16.889 -11.099 -3.365  1.00 26.35 ? 82  THR A CB  1 
ATOM   538 O  OG1 . THR A 1 66  ? -16.668 -10.006 -4.265  1.00 26.35 ? 82  THR A OG1 1 
ATOM   539 C  CG2 . THR A 1 66  ? -18.262 -10.964 -2.728  1.00 27.05 ? 82  THR A CG2 1 
ATOM   540 N  N   . HIS A 1 67  ? -14.169 -12.507 -3.404  1.00 23.21 ? 83  HIS A N   1 
ATOM   541 C  CA  . HIS A 1 67  ? -12.918 -12.801 -4.080  1.00 22.34 ? 83  HIS A CA  1 
ATOM   542 C  C   . HIS A 1 67  ? -12.750 -11.903 -5.302  1.00 19.90 ? 83  HIS A C   1 
ATOM   543 O  O   . HIS A 1 67  ? -11.680 -11.335 -5.530  1.00 17.38 ? 83  HIS A O   1 
ATOM   544 C  CB  . HIS A 1 67  ? -12.894 -14.266 -4.512  1.00 26.71 ? 83  HIS A CB  1 
ATOM   545 C  CG  . HIS A 1 67  ? -11.596 -14.695 -5.119  1.00 29.35 ? 83  HIS A CG  1 
ATOM   546 N  ND1 . HIS A 1 67  ? -10.412 -14.697 -4.414  1.00 31.40 ? 83  HIS A ND1 1 
ATOM   547 C  CD2 . HIS A 1 67  ? -11.295 -15.130 -6.365  1.00 32.21 ? 83  HIS A CD2 1 
ATOM   548 C  CE1 . HIS A 1 67  ? -9.436  -15.117 -5.200  1.00 33.49 ? 83  HIS A CE1 1 
ATOM   549 N  NE2 . HIS A 1 67  ? -9.943  -15.386 -6.387  1.00 32.31 ? 83  HIS A NE2 1 
ATOM   550 N  N   . LEU A 1 68  ? -13.810 -11.781 -6.093  1.00 16.16 ? 84  LEU A N   1 
ATOM   551 C  CA  . LEU A 1 68  ? -13.760 -10.954 -7.290  1.00 15.65 ? 84  LEU A CA  1 
ATOM   552 C  C   . LEU A 1 68  ? -13.610 -9.477  -6.928  1.00 13.72 ? 84  LEU A C   1 
ATOM   553 O  O   . LEU A 1 68  ? -12.961 -8.718  -7.647  1.00 14.31 ? 84  LEU A O   1 
ATOM   554 C  CB  . LEU A 1 68  ? -15.022 -11.160 -8.128  1.00 15.39 ? 84  LEU A CB  1 
ATOM   555 C  CG  . LEU A 1 68  ? -15.007 -10.501 -9.507  1.00 18.16 ? 84  LEU A CG  1 
ATOM   556 C  CD1 . LEU A 1 68  ? -13.908 -11.129 -10.359 1.00 13.69 ? 84  LEU A CD1 1 
ATOM   557 C  CD2 . LEU A 1 68  ? -16.365 -10.681 -10.171 1.00 15.50 ? 84  LEU A CD2 1 
ATOM   558 N  N   . GLU A 1 69  ? -14.216 -9.065  -5.818  1.00 14.91 ? 85  GLU A N   1 
ATOM   559 C  CA  . GLU A 1 69  ? -14.099 -7.674  -5.387  1.00 15.65 ? 85  GLU A CA  1 
ATOM   560 C  C   . GLU A 1 69  ? -12.657 -7.388  -4.985  1.00 15.82 ? 85  GLU A C   1 
ATOM   561 O  O   . GLU A 1 69  ? -12.150 -6.284  -5.189  1.00 14.22 ? 85  GLU A O   1 
ATOM   562 C  CB  . GLU A 1 69  ? -15.029 -7.393  -4.205  1.00 18.46 ? 85  GLU A CB  1 
ATOM   563 C  CG  . GLU A 1 69  ? -16.484 -7.197  -4.590  1.00 24.03 ? 85  GLU A CG  1 
ATOM   564 C  CD  . GLU A 1 69  ? -17.385 -7.063  -3.377  1.00 25.51 ? 85  GLU A CD  1 
ATOM   565 O  OE1 . GLU A 1 69  ? -17.508 -8.044  -2.617  1.00 28.15 ? 85  GLU A OE1 1 
ATOM   566 O  OE2 . GLU A 1 69  ? -17.963 -5.974  -3.182  1.00 27.37 ? 85  GLU A OE2 1 
ATOM   567 N  N   . LEU A 1 70  ? -11.999 -8.379  -4.395  1.00 14.47 ? 86  LEU A N   1 
ATOM   568 C  CA  . LEU A 1 70  ? -10.610 -8.207  -3.990  1.00 14.37 ? 86  LEU A CA  1 
ATOM   569 C  C   . LEU A 1 70  ? -9.747  -8.017  -5.234  1.00 15.57 ? 86  LEU A C   1 
ATOM   570 O  O   . LEU A 1 70  ? -8.814  -7.209  -5.235  1.00 10.88 ? 86  LEU A O   1 
ATOM   571 C  CB  . LEU A 1 70  ? -10.128 -9.423  -3.196  1.00 14.64 ? 86  LEU A CB  1 
ATOM   572 C  CG  . LEU A 1 70  ? -10.758 -9.610  -1.814  1.00 12.97 ? 86  LEU A CG  1 
ATOM   573 C  CD1 . LEU A 1 70  ? -10.438 -11.012 -1.298  1.00 12.27 ? 86  LEU A CD1 1 
ATOM   574 C  CD2 . LEU A 1 70  ? -10.244 -8.531  -0.865  1.00 13.99 ? 86  LEU A CD2 1 
ATOM   575 N  N   . LYS A 1 71  ? -10.063 -8.761  -6.290  1.00 16.16 ? 87  LYS A N   1 
ATOM   576 C  CA  . LYS A 1 71  ? -9.322  -8.657  -7.542  1.00 18.73 ? 87  LYS A CA  1 
ATOM   577 C  C   . LYS A 1 71  ? -9.470  -7.252  -8.112  1.00 18.52 ? 87  LYS A C   1 
ATOM   578 O  O   . LYS A 1 71  ? -8.510  -6.674  -8.613  1.00 17.78 ? 87  LYS A O   1 
ATOM   579 C  CB  . LYS A 1 71  ? -9.837  -9.666  -8.572  1.00 21.87 ? 87  LYS A CB  1 
ATOM   580 C  CG  . LYS A 1 71  ? -9.310  -11.081 -8.411  1.00 27.85 ? 87  LYS A CG  1 
ATOM   581 C  CD  . LYS A 1 71  ? -9.741  -11.932 -9.600  1.00 30.37 ? 87  LYS A CD  1 
ATOM   582 C  CE  . LYS A 1 71  ? -9.022  -13.266 -9.630  1.00 34.80 ? 87  LYS A CE  1 
ATOM   583 N  NZ  . LYS A 1 71  ? -9.354  -14.103 -8.454  1.00 35.79 ? 87  LYS A NZ  1 
ATOM   584 N  N   . LYS A 1 72  ? -10.680 -6.710  -8.030  1.00 17.63 ? 88  LYS A N   1 
ATOM   585 C  CA  . LYS A 1 72  ? -10.949 -5.370  -8.538  1.00 17.80 ? 88  LYS A CA  1 
ATOM   586 C  C   . LYS A 1 72  ? -10.166 -4.316  -7.754  1.00 14.06 ? 88  LYS A C   1 
ATOM   587 O  O   . LYS A 1 72  ? -9.620  -3.379  -8.334  1.00 14.51 ? 88  LYS A O   1 
ATOM   588 C  CB  . LYS A 1 72  ? -12.449 -5.069  -8.462  1.00 19.17 ? 88  LYS A CB  1 
ATOM   589 C  CG  . LYS A 1 72  ? -12.828 -3.668  -8.924  1.00 24.21 ? 88  LYS A CG  1 
ATOM   590 C  CD  . LYS A 1 72  ? -12.317 -3.372  -10.329 1.00 31.37 ? 88  LYS A CD  1 
ATOM   591 C  CE  . LYS A 1 72  ? -12.890 -4.337  -11.355 1.00 33.02 ? 88  LYS A CE  1 
ATOM   592 N  NZ  . LYS A 1 72  ? -12.391 -4.056  -12.732 1.00 35.72 ? 88  LYS A NZ  1 
ATOM   593 N  N   . LEU A 1 73  ? -10.119 -4.475  -6.434  1.00 13.89 ? 89  LEU A N   1 
ATOM   594 C  CA  . LEU A 1 73  ? -9.401  -3.539  -5.569  1.00 11.98 ? 89  LEU A CA  1 
ATOM   595 C  C   . LEU A 1 73  ? -7.915  -3.476  -5.903  1.00 12.70 ? 89  LEU A C   1 
ATOM   596 O  O   . LEU A 1 73  ? -7.347  -2.395  -6.067  1.00 13.56 ? 89  LEU A O   1 
ATOM   597 C  CB  . LEU A 1 73  ? -9.572  -3.944  -4.103  1.00 12.34 ? 89  LEU A CB  1 
ATOM   598 C  CG  . LEU A 1 73  ? -10.968 -3.733  -3.515  1.00 13.61 ? 89  LEU A CG  1 
ATOM   599 C  CD1 . LEU A 1 73  ? -10.983 -4.116  -2.040  1.00 14.40 ? 89  LEU A CD1 1 
ATOM   600 C  CD2 . LEU A 1 73  ? -11.361 -2.274  -3.685  1.00 15.93 ? 89  LEU A CD2 1 
ATOM   601 N  N   . ILE A 1 74  ? -7.289  -4.642  -5.990  1.00 11.93 ? 90  ILE A N   1 
ATOM   602 C  CA  . ILE A 1 74  ? -5.873  -4.721  -6.311  1.00 13.76 ? 90  ILE A CA  1 
ATOM   603 C  C   . ILE A 1 74  ? -5.609  -4.249  -7.740  1.00 13.79 ? 90  ILE A C   1 
ATOM   604 O  O   . ILE A 1 74  ? -4.664  -3.504  -7.984  1.00 14.37 ? 90  ILE A O   1 
ATOM   605 C  CB  . ILE A 1 74  ? -5.355  -6.170  -6.147  1.00 14.68 ? 90  ILE A CB  1 
ATOM   606 C  CG1 . ILE A 1 74  ? -5.404  -6.559  -4.666  1.00 13.88 ? 90  ILE A CG1 1 
ATOM   607 C  CG2 . ILE A 1 74  ? -3.939  -6.298  -6.712  1.00 11.94 ? 90  ILE A CG2 1 
ATOM   608 C  CD1 . ILE A 1 74  ? -4.883  -7.949  -4.371  1.00 17.24 ? 90  ILE A CD1 1 
ATOM   609 N  N   . GLY A 1 75  ? -6.449  -4.682  -8.675  1.00 16.86 ? 91  GLY A N   1 
ATOM   610 C  CA  . GLY A 1 75  ? -6.273  -4.302  -10.068 1.00 17.87 ? 91  GLY A CA  1 
ATOM   611 C  C   . GLY A 1 75  ? -6.309  -2.805  -10.287 1.00 18.25 ? 91  GLY A C   1 
ATOM   612 O  O   . GLY A 1 75  ? -5.869  -2.302  -11.318 1.00 19.42 ? 91  GLY A O   1 
ATOM   613 N  N   . GLU A 1 76  ? -6.830  -2.086  -9.303  1.00 19.16 ? 92  GLU A N   1 
ATOM   614 C  CA  . GLU A 1 76  ? -6.938  -0.641  -9.388  1.00 19.55 ? 92  GLU A CA  1 
ATOM   615 C  C   . GLU A 1 76  ? -5.660  0.081   -8.968  1.00 20.39 ? 92  GLU A C   1 
ATOM   616 O  O   . GLU A 1 76  ? -5.361  1.166   -9.473  1.00 20.24 ? 92  GLU A O   1 
ATOM   617 C  CB  . GLU A 1 76  ? -8.123  -0.172  -8.537  1.00 22.24 ? 92  GLU A CB  1 
ATOM   618 C  CG  . GLU A 1 76  ? -8.180  1.318   -8.282  1.00 22.04 ? 92  GLU A CG  1 
ATOM   619 C  CD  . GLU A 1 76  ? -9.557  1.772   -7.838  1.00 25.04 ? 92  GLU A CD  1 
ATOM   620 O  OE1 . GLU A 1 76  ? -10.122 1.158   -6.902  1.00 21.53 ? 92  GLU A OE1 1 
ATOM   621 O  OE2 . GLU A 1 76  ? -10.070 2.750   -8.424  1.00 23.82 ? 92  GLU A OE2 1 
ATOM   622 N  N   . VAL A 1 77  ? -4.898  -0.524  -8.062  1.00 14.99 ? 93  VAL A N   1 
ATOM   623 C  CA  . VAL A 1 77  ? -3.672  0.097   -7.577  1.00 14.74 ? 93  VAL A CA  1 
ATOM   624 C  C   . VAL A 1 77  ? -2.375  -0.567  -8.043  1.00 12.76 ? 93  VAL A C   1 
ATOM   625 O  O   . VAL A 1 77  ? -1.319  0.050   -8.004  1.00 14.11 ? 93  VAL A O   1 
ATOM   626 C  CB  . VAL A 1 77  ? -3.664  0.159   -6.032  1.00 13.86 ? 93  VAL A CB  1 
ATOM   627 C  CG1 . VAL A 1 77  ? -4.792  1.057   -5.547  1.00 17.51 ? 93  VAL A CG1 1 
ATOM   628 C  CG2 . VAL A 1 77  ? -3.823  -1.224  -5.454  1.00 15.04 ? 93  VAL A CG2 1 
ATOM   629 N  N   . SER A 1 78  ? -2.458  -1.817  -8.486  1.00 14.11 ? 94  SER A N   1 
ATOM   630 C  CA  . SER A 1 78  ? -1.282  -2.549  -8.949  1.00 13.76 ? 94  SER A CA  1 
ATOM   631 C  C   . SER A 1 78  ? -0.710  -1.998  -10.256 1.00 14.36 ? 94  SER A C   1 
ATOM   632 O  O   . SER A 1 78  ? -1.454  -1.696  -11.188 1.00 10.60 ? 94  SER A O   1 
ATOM   633 C  CB  . SER A 1 78  ? -1.630  -4.028  -9.140  1.00 14.16 ? 94  SER A CB  1 
ATOM   634 O  OG  . SER A 1 78  ? -0.510  -4.750  -9.631  1.00 15.14 ? 94  SER A OG  1 
ATOM   635 N  N   . SER A 1 79  ? 0.614   -1.881  -10.315 1.00 13.91 ? 95  SER A N   1 
ATOM   636 C  CA  . SER A 1 79  ? 1.295   -1.395  -11.512 1.00 17.00 ? 95  SER A CA  1 
ATOM   637 C  C   . SER A 1 79  ? 1.761   -2.585  -12.355 1.00 19.16 ? 95  SER A C   1 
ATOM   638 O  O   . SER A 1 79  ? 2.213   -2.420  -13.488 1.00 18.03 ? 95  SER A O   1 
ATOM   639 C  CB  . SER A 1 79  ? 2.506   -0.539  -11.130 1.00 15.95 ? 95  SER A CB  1 
ATOM   640 O  OG  . SER A 1 79  ? 3.458   -1.295  -10.392 1.00 15.59 ? 95  SER A OG  1 
ATOM   641 N  N   . GLY A 1 80  ? 1.644   -3.785  -11.793 1.00 20.75 ? 96  GLY A N   1 
ATOM   642 C  CA  . GLY A 1 80  ? 2.070   -4.980  -12.506 1.00 25.64 ? 96  GLY A CA  1 
ATOM   643 C  C   . GLY A 1 80  ? 0.928   -5.841  -13.008 1.00 29.06 ? 96  GLY A C   1 
ATOM   644 O  O   . GLY A 1 80  ? -0.154  -5.336  -13.304 1.00 25.94 ? 96  GLY A O   1 
ATOM   645 N  N   . SER A 1 81  ? 1.170   -7.145  -13.110 1.00 32.49 ? 97  SER A N   1 
ATOM   646 C  CA  . SER A 1 81  ? 0.148   -8.079  -13.573 1.00 38.61 ? 97  SER A CA  1 
ATOM   647 C  C   . SER A 1 81  ? -0.796  -8.408  -12.424 1.00 40.17 ? 97  SER A C   1 
ATOM   648 O  O   . SER A 1 81  ? -0.459  -9.203  -11.542 1.00 43.58 ? 97  SER A O   1 
ATOM   649 C  CB  . SER A 1 81  ? 0.793   -9.365  -14.098 1.00 39.91 ? 97  SER A CB  1 
ATOM   650 O  OG  . SER A 1 81  ? 1.514   -9.121  -15.298 1.00 43.40 ? 97  SER A OG  1 
ATOM   651 N  N   . GLY A 1 82  ? -1.972  -7.787  -12.447 1.00 40.39 ? 98  GLY A N   1 
ATOM   652 C  CA  . GLY A 1 82  ? -2.971  -7.994  -11.414 1.00 39.86 ? 98  GLY A CA  1 
ATOM   653 C  C   . GLY A 1 82  ? -2.858  -9.316  -10.685 1.00 38.64 ? 98  GLY A C   1 
ATOM   654 O  O   . GLY A 1 82  ? -2.767  -10.377 -11.306 1.00 42.63 ? 98  GLY A O   1 
ATOM   655 N  N   . GLU A 1 83  ? -2.861  -9.234  -9.359  1.00 34.86 ? 99  GLU A N   1 
ATOM   656 C  CA  . GLU A 1 83  ? -2.765  -10.380 -8.458  1.00 29.93 ? 99  GLU A CA  1 
ATOM   657 C  C   . GLU A 1 83  ? -2.161  -9.867  -7.154  1.00 24.20 ? 99  GLU A C   1 
ATOM   658 O  O   . GLU A 1 83  ? -2.490  -10.343 -6.071  1.00 22.88 ? 99  GLU A O   1 
ATOM   659 C  CB  . GLU A 1 83  ? -1.859  -11.476 -9.037  1.00 35.02 ? 99  GLU A CB  1 
ATOM   660 C  CG  . GLU A 1 83  ? -1.769  -12.731 -8.172  1.00 40.38 ? 99  GLU A CG  1 
ATOM   661 C  CD  . GLU A 1 83  ? -3.051  -13.554 -8.171  1.00 45.13 ? 99  GLU A CD  1 
ATOM   662 O  OE1 . GLU A 1 83  ? -4.136  -12.981 -7.929  1.00 47.13 ? 99  GLU A OE1 1 
ATOM   663 O  OE2 . GLU A 1 83  ? -2.970  -14.781 -8.404  1.00 45.87 ? 99  GLU A OE2 1 
ATOM   664 N  N   . THR A 1 84  ? -1.274  -8.883  -7.271  1.00 17.57 ? 100 THR A N   1 
ATOM   665 C  CA  . THR A 1 84  ? -0.614  -8.299  -6.107  1.00 14.86 ? 100 THR A CA  1 
ATOM   666 C  C   . THR A 1 84  ? -0.254  -6.843  -6.387  1.00 13.86 ? 100 THR A C   1 
ATOM   667 O  O   . THR A 1 84  ? -0.247  -6.408  -7.544  1.00 13.34 ? 100 THR A O   1 
ATOM   668 C  CB  . THR A 1 84  ? 0.712   -9.035  -5.783  1.00 15.32 ? 100 THR A CB  1 
ATOM   669 O  OG1 . THR A 1 84  ? 1.647   -8.824  -6.850  1.00 13.79 ? 100 THR A OG1 1 
ATOM   670 C  CG2 . THR A 1 84  ? 0.483   -10.531 -5.628  1.00 14.49 ? 100 THR A CG2 1 
ATOM   671 N  N   . PHE A 1 85  ? 0.020   -6.088  -5.326  1.00 11.04 ? 101 PHE A N   1 
ATOM   672 C  CA  . PHE A 1 85  ? 0.467   -4.707  -5.470  1.00 11.08 ? 101 PHE A CA  1 
ATOM   673 C  C   . PHE A 1 85  ? 1.620   -4.518  -4.485  1.00 11.42 ? 101 PHE A C   1 
ATOM   674 O  O   . PHE A 1 85  ? 1.674   -5.173  -3.439  1.00 10.10 ? 101 PHE A O   1 
ATOM   675 C  CB  . PHE A 1 85  ? -0.676  -3.686  -5.270  1.00 9.60  ? 101 PHE A CB  1 
ATOM   676 C  CG  . PHE A 1 85  ? -1.235  -3.613  -3.870  1.00 10.74 ? 101 PHE A CG  1 
ATOM   677 C  CD1 . PHE A 1 85  ? -0.564  -2.920  -2.869  1.00 13.34 ? 101 PHE A CD1 1 
ATOM   678 C  CD2 . PHE A 1 85  ? -2.463  -4.197  -3.573  1.00 9.82  ? 101 PHE A CD2 1 
ATOM   679 C  CE1 . PHE A 1 85  ? -1.111  -2.809  -1.587  1.00 13.84 ? 101 PHE A CE1 1 
ATOM   680 C  CE2 . PHE A 1 85  ? -3.019  -4.093  -2.295  1.00 12.34 ? 101 PHE A CE2 1 
ATOM   681 C  CZ  . PHE A 1 85  ? -2.341  -3.397  -1.303  1.00 13.10 ? 101 PHE A CZ  1 
ATOM   682 N  N   . SER A 1 86  ? 2.552   -3.643  -4.851  1.00 11.36 ? 102 SER A N   1 
ATOM   683 C  CA  . SER A 1 86  ? 3.764   -3.382  -4.076  1.00 9.94  ? 102 SER A CA  1 
ATOM   684 C  C   . SER A 1 86  ? 3.700   -2.176  -3.150  1.00 11.41 ? 102 SER A C   1 
ATOM   685 O  O   . SER A 1 86  ? 2.699   -1.471  -3.102  1.00 9.73  ? 102 SER A O   1 
ATOM   686 C  CB  . SER A 1 86  ? 4.918   -3.166  -5.041  1.00 12.00 ? 102 SER A CB  1 
ATOM   687 O  OG  . SER A 1 86  ? 4.657   -2.008  -5.825  1.00 10.53 ? 102 SER A OG  1 
ATOM   688 N  N   . TYR A 1 87  ? 4.796   -1.932  -2.433  1.00 10.44 ? 103 TYR A N   1 
ATOM   689 C  CA  . TYR A 1 87  ? 4.853   -0.784  -1.537  1.00 12.31 ? 103 TYR A CA  1 
ATOM   690 C  C   . TYR A 1 87  ? 4.837   0.505   -2.369  1.00 10.67 ? 103 TYR A C   1 
ATOM   691 O  O   . TYR A 1 87  ? 4.151   1.464   -2.018  1.00 12.27 ? 103 TYR A O   1 
ATOM   692 C  CB  . TYR A 1 87  ? 6.106   -0.824  -0.655  1.00 9.81  ? 103 TYR A CB  1 
ATOM   693 C  CG  . TYR A 1 87  ? 6.116   0.265   0.398   1.00 12.10 ? 103 TYR A CG  1 
ATOM   694 C  CD1 . TYR A 1 87  ? 7.259   1.035   0.630   1.00 12.80 ? 103 TYR A CD1 1 
ATOM   695 C  CD2 . TYR A 1 87  ? 4.970   0.543   1.149   1.00 13.19 ? 103 TYR A CD2 1 
ATOM   696 C  CE1 . TYR A 1 87  ? 7.257   2.062   1.583   1.00 13.95 ? 103 TYR A CE1 1 
ATOM   697 C  CE2 . TYR A 1 87  ? 4.957   1.561   2.105   1.00 11.98 ? 103 TYR A CE2 1 
ATOM   698 C  CZ  . TYR A 1 87  ? 6.102   2.317   2.315   1.00 15.06 ? 103 TYR A CZ  1 
ATOM   699 O  OH  . TYR A 1 87  ? 6.083   3.323   3.255   1.00 9.96  ? 103 TYR A OH  1 
ATOM   700 N  N   . PRO A 1 88  ? 5.599   0.550   -3.481  1.00 12.36 ? 104 PRO A N   1 
ATOM   701 C  CA  . PRO A 1 88  ? 5.585   1.774   -4.291  1.00 10.49 ? 104 PRO A CA  1 
ATOM   702 C  C   . PRO A 1 88  ? 4.166   2.012   -4.827  1.00 10.44 ? 104 PRO A C   1 
ATOM   703 O  O   . PRO A 1 88  ? 3.701   3.146   -4.895  1.00 11.40 ? 104 PRO A O   1 
ATOM   704 C  CB  . PRO A 1 88  ? 6.589   1.467   -5.404  1.00 10.95 ? 104 PRO A CB  1 
ATOM   705 C  CG  . PRO A 1 88  ? 7.557   0.530   -4.731  1.00 12.84 ? 104 PRO A CG  1 
ATOM   706 C  CD  . PRO A 1 88  ? 6.623   -0.388  -3.974  1.00 11.19 ? 104 PRO A CD  1 
ATOM   707 N  N   . ASP A 1 89  ? 3.490   0.932   -5.208  1.00 10.49 ? 105 ASP A N   1 
ATOM   708 C  CA  . ASP A 1 89  ? 2.119   1.015   -5.704  1.00 9.85  ? 105 ASP A CA  1 
ATOM   709 C  C   . ASP A 1 89  ? 1.262   1.603   -4.587  1.00 10.79 ? 105 ASP A C   1 
ATOM   710 O  O   . ASP A 1 89  ? 0.413   2.472   -4.811  1.00 10.14 ? 105 ASP A O   1 
ATOM   711 C  CB  . ASP A 1 89  ? 1.570   -0.380  -6.025  1.00 11.05 ? 105 ASP A CB  1 
ATOM   712 C  CG  . ASP A 1 89  ? 2.108   -0.959  -7.324  1.00 12.86 ? 105 ASP A CG  1 
ATOM   713 O  OD1 . ASP A 1 89  ? 1.880   -2.167  -7.548  1.00 10.11 ? 105 ASP A OD1 1 
ATOM   714 O  OD2 . ASP A 1 89  ? 2.740   -0.230  -8.120  1.00 11.79 ? 105 ASP A OD2 1 
ATOM   715 N  N   . PHE A 1 90  ? 1.488   1.095   -3.380  1.00 9.20  ? 106 PHE A N   1 
ATOM   716 C  CA  . PHE A 1 90  ? 0.753   1.525   -2.198  1.00 13.25 ? 106 PHE A CA  1 
ATOM   717 C  C   . PHE A 1 90  ? 0.919   3.019   -1.926  1.00 14.23 ? 106 PHE A C   1 
ATOM   718 O  O   . PHE A 1 90  ? -0.066  3.722   -1.707  1.00 14.77 ? 106 PHE A O   1 
ATOM   719 C  CB  . PHE A 1 90  ? 1.222   0.710   -0.990  1.00 12.48 ? 106 PHE A CB  1 
ATOM   720 C  CG  . PHE A 1 90  ? 0.489   1.023   0.284   1.00 14.18 ? 106 PHE A CG  1 
ATOM   721 C  CD1 . PHE A 1 90  ? 1.155   1.598   1.360   1.00 11.25 ? 106 PHE A CD1 1 
ATOM   722 C  CD2 . PHE A 1 90  ? -0.862  0.718   0.418   1.00 13.93 ? 106 PHE A CD2 1 
ATOM   723 C  CE1 . PHE A 1 90  ? 0.491   1.861   2.554   1.00 14.01 ? 106 PHE A CE1 1 
ATOM   724 C  CE2 . PHE A 1 90  ? -1.537  0.977   1.610   1.00 14.91 ? 106 PHE A CE2 1 
ATOM   725 C  CZ  . PHE A 1 90  ? -0.858  1.549   2.680   1.00 12.84 ? 106 PHE A CZ  1 
ATOM   726 N  N   . LEU A 1 91  ? 2.157   3.504   -1.951  1.00 11.97 ? 107 LEU A N   1 
ATOM   727 C  CA  . LEU A 1 91  ? 2.416   4.922   -1.700  1.00 13.85 ? 107 LEU A CA  1 
ATOM   728 C  C   . LEU A 1 91  ? 1.806   5.840   -2.756  1.00 14.05 ? 107 LEU A C   1 
ATOM   729 O  O   . LEU A 1 91  ? 1.190   6.855   -2.418  1.00 11.36 ? 107 LEU A O   1 
ATOM   730 C  CB  . LEU A 1 91  ? 3.924   5.186   -1.598  1.00 13.47 ? 107 LEU A CB  1 
ATOM   731 C  CG  . LEU A 1 91  ? 4.624   4.570   -0.382  1.00 12.82 ? 107 LEU A CG  1 
ATOM   732 C  CD1 . LEU A 1 91  ? 6.093   4.985   -0.369  1.00 11.55 ? 107 LEU A CD1 1 
ATOM   733 C  CD2 . LEU A 1 91  ? 3.933   5.026   0.897   1.00 13.28 ? 107 LEU A CD2 1 
ATOM   734 N  N   . ARG A 1 92  ? 1.976   5.494   -4.030  1.00 13.56 ? 108 ARG A N   1 
ATOM   735 C  CA  . ARG A 1 92  ? 1.416   6.318   -5.099  1.00 12.19 ? 108 ARG A CA  1 
ATOM   736 C  C   . ARG A 1 92  ? -0.088  6.442   -4.907  1.00 13.79 ? 108 ARG A C   1 
ATOM   737 O  O   . ARG A 1 92  ? -0.670  7.492   -5.171  1.00 8.94  ? 108 ARG A O   1 
ATOM   738 C  CB  . ARG A 1 92  ? 1.703   5.709   -6.474  1.00 13.89 ? 108 ARG A CB  1 
ATOM   739 C  CG  . ARG A 1 92  ? 3.163   5.751   -6.879  1.00 16.89 ? 108 ARG A CG  1 
ATOM   740 C  CD  . ARG A 1 92  ? 3.332   5.257   -8.308  1.00 22.02 ? 108 ARG A CD  1 
ATOM   741 N  NE  . ARG A 1 92  ? 4.433   4.307   -8.418  1.00 28.06 ? 108 ARG A NE  1 
ATOM   742 C  CZ  . ARG A 1 92  ? 5.717   4.640   -8.369  1.00 28.06 ? 108 ARG A CZ  1 
ATOM   743 N  NH1 . ARG A 1 92  ? 6.078   5.909   -8.219  1.00 32.80 ? 108 ARG A NH1 1 
ATOM   744 N  NH2 . ARG A 1 92  ? 6.642   3.699   -8.465  1.00 24.80 ? 108 ARG A NH2 1 
ATOM   745 N  N   . MET A 1 93  ? -0.716  5.362   -4.452  1.00 13.32 ? 109 MET A N   1 
ATOM   746 C  CA  . MET A 1 93  ? -2.152  5.379   -4.226  1.00 17.47 ? 109 MET A CA  1 
ATOM   747 C  C   . MET A 1 93  ? -2.511  6.217   -3.005  1.00 18.66 ? 109 MET A C   1 
ATOM   748 O  O   . MET A 1 93  ? -3.387  7.076   -3.076  1.00 19.67 ? 109 MET A O   1 
ATOM   749 C  CB  . MET A 1 93  ? -2.688  3.965   -4.020  1.00 20.48 ? 109 MET A CB  1 
ATOM   750 C  CG  . MET A 1 93  ? -4.132  3.957   -3.549  1.00 22.89 ? 109 MET A CG  1 
ATOM   751 S  SD  . MET A 1 93  ? -4.551  2.488   -2.633  1.00 25.64 ? 109 MET A SD  1 
ATOM   752 C  CE  . MET A 1 93  ? -3.662  2.747   -1.109  1.00 25.53 ? 109 MET A CE  1 
ATOM   753 N  N   . MET A 1 94  ? -1.839  5.954   -1.883  1.00 19.30 ? 110 MET A N   1 
ATOM   754 C  CA  . MET A 1 94  ? -2.095  6.685   -0.638  1.00 17.08 ? 110 MET A CA  1 
ATOM   755 C  C   . MET A 1 94  ? -1.838  8.170   -0.826  1.00 20.54 ? 110 MET A C   1 
ATOM   756 O  O   . MET A 1 94  ? -2.528  9.013   -0.249  1.00 19.73 ? 110 MET A O   1 
ATOM   757 C  CB  . MET A 1 94  ? -1.223  6.129   0.487   1.00 17.64 ? 110 MET A CB  1 
ATOM   758 C  CG  . MET A 1 94  ? -1.612  4.718   0.888   1.00 15.29 ? 110 MET A CG  1 
ATOM   759 S  SD  . MET A 1 94  ? -3.296  4.632   1.540   1.00 17.69 ? 110 MET A SD  1 
ATOM   760 C  CE  . MET A 1 94  ? -2.999  5.004   3.285   1.00 18.93 ? 110 MET A CE  1 
ATOM   761 N  N   . LEU A 1 95  ? -0.820  8.483   -1.618  1.00 20.24 ? 111 LEU A N   1 
ATOM   762 C  CA  . LEU A 1 95  ? -0.513  9.863   -1.942  1.00 25.44 ? 111 LEU A CA  1 
ATOM   763 C  C   . LEU A 1 95  ? -1.372  9.996   -3.202  1.00 27.95 ? 111 LEU A C   1 
ATOM   764 O  O   . LEU A 1 95  ? -2.445  9.401   -3.268  1.00 34.02 ? 111 LEU A O   1 
ATOM   765 C  CB  . LEU A 1 95  ? 0.981   10.020  -2.252  1.00 20.70 ? 111 LEU A CB  1 
ATOM   766 C  CG  . LEU A 1 95  ? 1.942   9.547   -1.148  1.00 21.59 ? 111 LEU A CG  1 
ATOM   767 C  CD1 . LEU A 1 95  ? 3.386   9.649   -1.631  1.00 22.00 ? 111 LEU A CD1 1 
ATOM   768 C  CD2 . LEU A 1 95  ? 1.740   10.377  0.109   1.00 21.59 ? 111 LEU A CD2 1 
ATOM   769 N  N   . GLY A 1 96  ? -0.935  10.742  -4.203  1.00 31.80 ? 112 GLY A N   1 
ATOM   770 C  CA  . GLY A 1 96  ? -1.748  10.838  -5.405  1.00 31.59 ? 112 GLY A CA  1 
ATOM   771 C  C   . GLY A 1 96  ? -3.116  11.469  -5.200  1.00 31.68 ? 112 GLY A C   1 
ATOM   772 O  O   . GLY A 1 96  ? -3.753  11.305  -4.157  1.00 29.01 ? 112 GLY A O   1 
ATOM   773 N  N   . LYS A 1 97  ? -3.573  12.174  -6.228  1.00 32.48 ? 113 LYS A N   1 
ATOM   774 C  CA  . LYS A 1 97  ? -4.843  12.889  -6.205  1.00 34.96 ? 113 LYS A CA  1 
ATOM   775 C  C   . LYS A 1 97  ? -6.077  12.034  -6.494  1.00 35.07 ? 113 LYS A C   1 
ATOM   776 O  O   . LYS A 1 97  ? -7.170  12.335  -6.019  1.00 36.82 ? 113 LYS A O   1 
ATOM   777 C  CB  . LYS A 1 97  ? -4.750  14.053  -7.192  1.00 36.40 ? 113 LYS A CB  1 
ATOM   778 C  CG  . LYS A 1 97  ? -3.504  14.901  -6.957  1.00 39.16 ? 113 LYS A CG  1 
ATOM   779 C  CD  . LYS A 1 97  ? -3.206  15.855  -8.103  1.00 42.50 ? 113 LYS A CD  1 
ATOM   780 C  CE  . LYS A 1 97  ? -1.874  16.564  -7.876  1.00 44.21 ? 113 LYS A CE  1 
ATOM   781 N  NZ  . LYS A 1 97  ? -1.491  17.447  -9.014  1.00 46.23 ? 113 LYS A NZ  1 
ATOM   782 N  N   . ARG A 1 98  ? -5.904  10.976  -7.278  1.00 36.52 ? 114 ARG A N   1 
ATOM   783 C  CA  . ARG A 1 98  ? -7.006  10.077  -7.609  1.00 36.68 ? 114 ARG A CA  1 
ATOM   784 C  C   . ARG A 1 98  ? -7.326  9.261   -6.359  1.00 34.90 ? 114 ARG A C   1 
ATOM   785 O  O   . ARG A 1 98  ? -6.426  8.934   -5.596  1.00 36.44 ? 114 ARG A O   1 
ATOM   786 C  CB  . ARG A 1 98  ? -6.586  9.148   -8.754  1.00 39.41 ? 114 ARG A CB  1 
ATOM   787 C  CG  . ARG A 1 98  ? -5.303  8.374   -8.473  1.00 42.09 ? 114 ARG A CG  1 
ATOM   788 C  CD  . ARG A 1 98  ? -4.687  7.748   -9.726  1.00 43.80 ? 114 ARG A CD  1 
ATOM   789 N  NE  . ARG A 1 98  ? -5.410  6.577   -10.218 1.00 45.85 ? 114 ARG A NE  1 
ATOM   790 C  CZ  . ARG A 1 98  ? -6.498  6.620   -10.982 1.00 46.85 ? 114 ARG A CZ  1 
ATOM   791 N  NH1 . ARG A 1 98  ? -7.009  7.784   -11.356 1.00 49.63 ? 114 ARG A NH1 1 
ATOM   792 N  NH2 . ARG A 1 98  ? -7.073  5.493   -11.380 1.00 49.12 ? 114 ARG A NH2 1 
ATOM   793 N  N   . SER A 1 99  ? -8.599  8.941   -6.140  1.00 32.58 ? 115 SER A N   1 
ATOM   794 C  CA  . SER A 1 99  ? -8.982  8.163   -4.961  1.00 32.23 ? 115 SER A CA  1 
ATOM   795 C  C   . SER A 1 99  ? -9.457  6.750   -5.274  1.00 28.74 ? 115 SER A C   1 
ATOM   796 O  O   . SER A 1 99  ? -10.617 6.540   -5.620  1.00 30.84 ? 115 SER A O   1 
ATOM   797 C  CB  . SER A 1 99  ? -10.076 8.884   -4.166  1.00 34.28 ? 115 SER A CB  1 
ATOM   798 O  OG  . SER A 1 99  ? -9.560  9.991   -3.446  1.00 37.28 ? 115 SER A OG  1 
ATOM   799 N  N   . ALA A 1 100 ? -8.558  5.782   -5.142  1.00 24.13 ? 116 ALA A N   1 
ATOM   800 C  CA  . ALA A 1 100 ? -8.902  4.386   -5.388  1.00 21.79 ? 116 ALA A CA  1 
ATOM   801 C  C   . ALA A 1 100 ? -9.763  3.915   -4.223  1.00 18.74 ? 116 ALA A C   1 
ATOM   802 O  O   . ALA A 1 100 ? -9.704  4.483   -3.138  1.00 18.31 ? 116 ALA A O   1 
ATOM   803 C  CB  . ALA A 1 100 ? -7.637  3.542   -5.478  1.00 22.50 ? 116 ALA A CB  1 
ATOM   804 N  N   . ILE A 1 101 ? -10.562 2.879   -4.443  1.00 18.27 ? 117 ILE A N   1 
ATOM   805 C  CA  . ILE A 1 101 ? -11.422 2.367   -3.386  1.00 18.67 ? 117 ILE A CA  1 
ATOM   806 C  C   . ILE A 1 101 ? -10.626 1.924   -2.160  1.00 17.40 ? 117 ILE A C   1 
ATOM   807 O  O   . ILE A 1 101 ? -11.029 2.185   -1.025  1.00 18.01 ? 117 ILE A O   1 
ATOM   808 C  CB  . ILE A 1 101 ? -12.272 1.183   -3.882  1.00 20.34 ? 117 ILE A CB  1 
ATOM   809 C  CG1 . ILE A 1 101 ? -13.200 1.645   -5.009  1.00 23.46 ? 117 ILE A CG1 1 
ATOM   810 C  CG2 . ILE A 1 101 ? -13.083 0.607   -2.728  1.00 21.59 ? 117 ILE A CG2 1 
ATOM   811 C  CD1 . ILE A 1 101 ? -14.155 2.755   -4.600  1.00 19.35 ? 117 ILE A CD1 1 
ATOM   812 N  N   . LEU A 1 102 ? -9.493  1.262   -2.380  1.00 15.19 ? 118 LEU A N   1 
ATOM   813 C  CA  . LEU A 1 102 ? -8.683  0.801   -1.259  1.00 14.82 ? 118 LEU A CA  1 
ATOM   814 C  C   . LEU A 1 102 ? -8.177  1.969   -0.416  1.00 15.83 ? 118 LEU A C   1 
ATOM   815 O  O   . LEU A 1 102 ? -8.075  1.863   0.810   1.00 14.73 ? 118 LEU A O   1 
ATOM   816 C  CB  . LEU A 1 102 ? -7.502  -0.039  -1.751  1.00 13.54 ? 118 LEU A CB  1 
ATOM   817 C  CG  . LEU A 1 102 ? -6.645  -0.634  -0.629  1.00 16.75 ? 118 LEU A CG  1 
ATOM   818 C  CD1 . LEU A 1 102 ? -7.517  -1.471  0.303   1.00 15.17 ? 118 LEU A CD1 1 
ATOM   819 C  CD2 . LEU A 1 102 ? -5.534  -1.485  -1.230  1.00 17.80 ? 118 LEU A CD2 1 
ATOM   820 N  N   . LYS A 1 103 ? -7.868  3.083   -1.069  1.00 16.92 ? 119 LYS A N   1 
ATOM   821 C  CA  . LYS A 1 103 ? -7.384  4.264   -0.359  1.00 17.55 ? 119 LYS A CA  1 
ATOM   822 C  C   . LYS A 1 103 ? -8.448  4.779   0.603   1.00 18.22 ? 119 LYS A C   1 
ATOM   823 O  O   . LYS A 1 103 ? -8.157  5.088   1.761   1.00 17.87 ? 119 LYS A O   1 
ATOM   824 C  CB  . LYS A 1 103 ? -7.018  5.383   -1.340  1.00 17.77 ? 119 LYS A CB  1 
ATOM   825 C  CG  . LYS A 1 103 ? -6.527  6.659   -0.655  1.00 20.07 ? 119 LYS A CG  1 
ATOM   826 C  CD  . LYS A 1 103 ? -6.141  7.735   -1.659  1.00 22.28 ? 119 LYS A CD  1 
ATOM   827 C  CE  . LYS A 1 103 ? -5.622  8.981   -0.953  1.00 25.96 ? 119 LYS A CE  1 
ATOM   828 N  NZ  . LYS A 1 103 ? -5.150  10.014  -1.917  1.00 28.79 ? 119 LYS A NZ  1 
ATOM   829 N  N   . MET A 1 104 ? -9.681  4.873   0.118   1.00 18.01 ? 120 MET A N   1 
ATOM   830 C  CA  . MET A 1 104 ? -10.784 5.356   0.938   1.00 20.90 ? 120 MET A CA  1 
ATOM   831 C  C   . MET A 1 104 ? -11.082 4.421   2.101   1.00 19.25 ? 120 MET A C   1 
ATOM   832 O  O   . MET A 1 104 ? -11.452 4.870   3.184   1.00 19.41 ? 120 MET A O   1 
ATOM   833 C  CB  . MET A 1 104 ? -12.033 5.545   0.078   1.00 23.24 ? 120 MET A CB  1 
ATOM   834 C  CG  . MET A 1 104 ? -11.873 6.636   -0.969  1.00 27.81 ? 120 MET A CG  1 
ATOM   835 S  SD  . MET A 1 104 ? -13.380 6.931   -1.905  1.00 36.02 ? 120 MET A SD  1 
ATOM   836 C  CE  . MET A 1 104 ? -13.121 5.881   -3.322  1.00 34.42 ? 120 MET A CE  1 
ATOM   837 N  N   . ILE A 1 105 ? -10.915 3.121   1.878   1.00 15.34 ? 121 ILE A N   1 
ATOM   838 C  CA  . ILE A 1 105 ? -11.151 2.130   2.923   1.00 16.72 ? 121 ILE A CA  1 
ATOM   839 C  C   . ILE A 1 105 ? -10.102 2.266   4.028   1.00 19.56 ? 121 ILE A C   1 
ATOM   840 O  O   . ILE A 1 105 ? -10.430 2.344   5.216   1.00 20.14 ? 121 ILE A O   1 
ATOM   841 C  CB  . ILE A 1 105 ? -11.087 0.680   2.349   1.00 16.29 ? 121 ILE A CB  1 
ATOM   842 C  CG1 . ILE A 1 105 ? -12.300 0.411   1.458   1.00 14.91 ? 121 ILE A CG1 1 
ATOM   843 C  CG2 . ILE A 1 105 ? -11.019 -0.341  3.486   1.00 18.81 ? 121 ILE A CG2 1 
ATOM   844 C  CD1 . ILE A 1 105 ? -12.273 -0.950  0.770   1.00 14.68 ? 121 ILE A CD1 1 
ATOM   845 N  N   . LEU A 1 106 ? -8.837  2.315   3.623   1.00 20.33 ? 122 LEU A N   1 
ATOM   846 C  CA  . LEU A 1 106 ? -7.724  2.407   4.565   1.00 24.19 ? 122 LEU A CA  1 
ATOM   847 C  C   . LEU A 1 106 ? -7.586  3.720   5.332   1.00 26.20 ? 122 LEU A C   1 
ATOM   848 O  O   . LEU A 1 106 ? -7.133  3.726   6.477   1.00 27.16 ? 122 LEU A O   1 
ATOM   849 C  CB  . LEU A 1 106 ? -6.417  2.099   3.837   1.00 22.91 ? 122 LEU A CB  1 
ATOM   850 C  CG  . LEU A 1 106 ? -6.375  0.712   3.197   1.00 21.19 ? 122 LEU A CG  1 
ATOM   851 C  CD1 . LEU A 1 106 ? -5.059  0.536   2.452   1.00 21.97 ? 122 LEU A CD1 1 
ATOM   852 C  CD2 . LEU A 1 106 ? -6.537  -0.363  4.275   1.00 23.37 ? 122 LEU A CD2 1 
ATOM   853 N  N   . MET A 1 107 ? -7.965  4.833   4.714   1.00 28.94 ? 123 MET A N   1 
ATOM   854 C  CA  . MET A 1 107 ? -7.857  6.117   5.396   1.00 31.66 ? 123 MET A CA  1 
ATOM   855 C  C   . MET A 1 107 ? -9.182  6.501   6.039   1.00 32.03 ? 123 MET A C   1 
ATOM   856 O  O   . MET A 1 107 ? -10.140 5.707   5.927   1.00 31.88 ? 123 MET A O   1 
ATOM   857 C  CB  . MET A 1 107 ? -7.416  7.213   4.425   1.00 33.99 ? 123 MET A CB  1 
ATOM   858 C  CG  . MET A 1 107 ? -6.106  6.919   3.713   1.00 36.08 ? 123 MET A CG  1 
ATOM   859 S  SD  . MET A 1 107 ? -5.371  8.389   2.973   1.00 43.48 ? 123 MET A SD  1 
ATOM   860 C  CE  . MET A 1 107 ? -6.781  9.078   2.102   1.00 39.73 ? 123 MET A CE  1 
ATOM   861 O  OXT . MET A 1 107 ? -9.244  7.586   6.654   1.00 32.81 ? 123 MET A OXT 1 
HETATM 862 NI NI  . NI  B 2 .   ? 0.218   -14.882 0.658   1.00 17.84 ? 201 NI  A NI  1 
HETATM 863 O  O   . HOH C 3 .   ? -8.709  -0.121  -4.822  1.00 14.07 ? 301 HOH A O   1 
HETATM 864 O  O   . HOH C 3 .   ? 0.943   -10.634 0.608   1.00 11.77 ? 302 HOH A O   1 
HETATM 865 O  O   . HOH C 3 .   ? 14.117  16.337  -5.410  1.00 27.39 ? 303 HOH A O   1 
HETATM 866 O  O   . HOH C 3 .   ? -8.544  -16.476 -8.010  1.00 30.98 ? 304 HOH A O   1 
HETATM 867 O  O   . HOH C 3 .   ? 1.069   -13.239 1.784   1.00 10.01 ? 305 HOH A O   1 
HETATM 868 O  O   . HOH C 3 .   ? -0.612  2.550   -7.340  1.00 12.44 ? 306 HOH A O   1 
HETATM 869 O  O   . HOH C 3 .   ? 4.783   -10.605 -5.529  1.00 14.18 ? 307 HOH A O   1 
HETATM 870 O  O   . HOH C 3 .   ? -2.864  -9.140  5.853   1.00 12.43 ? 308 HOH A O   1 
HETATM 871 O  O   . HOH C 3 .   ? 1.790   -13.944 -2.974  1.00 11.16 ? 309 HOH A O   1 
HETATM 872 O  O   . HOH C 3 .   ? -6.570  -14.133 9.061   1.00 17.24 ? 310 HOH A O   1 
HETATM 873 O  O   . HOH C 3 .   ? 6.392   -1.958  -7.815  1.00 16.17 ? 311 HOH A O   1 
HETATM 874 O  O   . HOH C 3 .   ? 2.096   -15.386 -0.053  1.00 12.71 ? 312 HOH A O   1 
HETATM 875 O  O   . HOH C 3 .   ? 3.007   -6.467  -6.736  1.00 18.42 ? 313 HOH A O   1 
HETATM 876 O  O   . HOH C 3 .   ? -2.810  -12.764 -5.263  1.00 14.05 ? 314 HOH A O   1 
HETATM 877 O  O   . HOH C 3 .   ? 14.377  17.344  -7.901  1.00 15.03 ? 315 HOH A O   1 
HETATM 878 O  O   . HOH C 3 .   ? -15.046 -8.788  9.513   1.00 17.07 ? 316 HOH A O   1 
HETATM 879 O  O   . HOH C 3 .   ? 11.441  4.987   6.509   1.00 17.08 ? 317 HOH A O   1 
HETATM 880 O  O   . HOH C 3 .   ? 6.629   -11.460 5.178   1.00 26.39 ? 318 HOH A O   1 
HETATM 881 O  O   . HOH C 3 .   ? -3.128  -14.924 -2.102  1.00 21.73 ? 319 HOH A O   1 
HETATM 882 O  O   . HOH C 3 .   ? -12.738 -0.062  9.585   1.00 26.91 ? 320 HOH A O   1 
HETATM 883 O  O   . HOH C 3 .   ? -4.369  5.333   -7.323  1.00 26.70 ? 321 HOH A O   1 
HETATM 884 O  O   . HOH C 3 .   ? 9.992   -5.082  1.503   1.00 23.87 ? 322 HOH A O   1 
HETATM 885 O  O   . HOH C 3 .   ? -11.912 -0.059  -8.467  1.00 38.67 ? 323 HOH A O   1 
HETATM 886 O  O   . HOH C 3 .   ? 8.849   8.064   -5.804  1.00 23.31 ? 324 HOH A O   1 
HETATM 887 O  O   . HOH C 3 .   ? 2.896   -4.345  -8.410  1.00 17.37 ? 325 HOH A O   1 
HETATM 888 O  O   . HOH C 3 .   ? -2.335  -13.896 3.967   1.00 25.03 ? 326 HOH A O   1 
HETATM 889 O  O   . HOH C 3 .   ? 0.314   21.848  8.273   1.00 29.35 ? 328 HOH A O   1 
HETATM 890 O  O   . HOH C 3 .   ? 14.015  -11.201 17.145  1.00 41.15 ? 329 HOH A O   1 
HETATM 891 O  O   . HOH C 3 .   ? 8.679   -0.143  11.974  1.00 26.31 ? 330 HOH A O   1 
HETATM 892 O  O   . HOH C 3 .   ? 0.255   -16.331 2.264   1.00 18.15 ? 331 HOH A O   1 
HETATM 893 O  O   . HOH C 3 .   ? -9.395  -3.136  -11.134 1.00 20.88 ? 332 HOH A O   1 
HETATM 894 O  O   . HOH C 3 .   ? 1.513   2.327   -8.893  1.00 21.05 ? 333 HOH A O   1 
HETATM 895 O  O   . HOH C 3 .   ? 0.095   13.661  0.217   1.00 27.73 ? 334 HOH A O   1 
HETATM 896 O  O   . HOH C 3 .   ? -9.307  5.969   -9.946  1.00 50.08 ? 335 HOH A O   1 
HETATM 897 O  O   . HOH C 3 .   ? -2.706  11.911  3.943   1.00 19.21 ? 336 HOH A O   1 
HETATM 898 O  O   . HOH C 3 .   ? 8.720   20.027  0.976   1.00 35.44 ? 337 HOH A O   1 
HETATM 899 O  O   . HOH C 3 .   ? 0.057   18.800  -0.527  1.00 31.43 ? 338 HOH A O   1 
HETATM 900 O  O   . HOH C 3 .   ? 4.914   8.616   -8.401  1.00 25.97 ? 339 HOH A O   1 
HETATM 901 O  O   . HOH C 3 .   ? 3.174   -10.914 -8.134  1.00 24.00 ? 341 HOH A O   1 
HETATM 902 O  O   . HOH C 3 .   ? 0.849   9.283   -6.882  1.00 23.06 ? 342 HOH A O   1 
HETATM 903 O  O   . HOH C 3 .   ? -1.767  -14.334 1.506   1.00 17.43 ? 343 HOH A O   1 
HETATM 904 O  O   . HOH C 3 .   ? 2.830   -2.073  11.493  1.00 24.65 ? 344 HOH A O   1 
HETATM 905 O  O   . HOH C 3 .   ? -6.867  -14.621 4.015   1.00 26.80 ? 345 HOH A O   1 
HETATM 906 O  O   . HOH C 3 .   ? -18.696 -1.936  3.086   1.00 29.23 ? 347 HOH A O   1 
HETATM 907 O  O   . HOH C 3 .   ? 16.615  4.526   -1.588  1.00 40.27 ? 348 HOH A O   1 
HETATM 908 O  O   . HOH C 3 .   ? 9.100   12.678  -9.962  1.00 22.81 ? 349 HOH A O   1 
HETATM 909 O  O   . HOH C 3 .   ? 6.961   0.419   -8.835  1.00 31.12 ? 350 HOH A O   1 
HETATM 910 O  O   . HOH C 3 .   ? -0.833  -9.575  9.018   1.00 33.78 ? 351 HOH A O   1 
HETATM 911 O  O   . HOH C 3 .   ? 7.137   -3.778  -2.438  1.00 18.62 ? 352 HOH A O   1 
HETATM 912 O  O   . HOH C 3 .   ? 2.879   -8.248  9.085   1.00 33.98 ? 353 HOH A O   1 
HETATM 913 O  O   . HOH C 3 .   ? -3.875  -8.069  8.204   1.00 14.56 ? 354 HOH A O   1 
HETATM 914 O  O   . HOH C 3 .   ? -0.619  -16.390 -0.478  1.00 23.95 ? 355 HOH A O   1 
HETATM 915 O  O   . HOH C 3 .   ? -0.103  -14.144 -5.243  1.00 19.48 ? 356 HOH A O   1 
HETATM 916 O  O   . HOH C 3 .   ? -7.227  10.723  -3.003  1.00 25.23 ? 359 HOH A O   1 
HETATM 917 O  O   . HOH C 3 .   ? 5.086   -3.418  -10.125 1.00 24.75 ? 360 HOH A O   1 
HETATM 918 O  O   . HOH C 3 .   ? 16.099  17.214  -3.993  1.00 30.45 ? 361 HOH A O   1 
HETATM 919 O  O   . HOH C 3 .   ? -8.492  -11.672 9.097   1.00 27.81 ? 362 HOH A O   1 
HETATM 920 O  O   . HOH C 3 .   ? -5.158  6.939   -5.356  1.00 28.79 ? 363 HOH A O   1 
HETATM 921 O  O   . HOH C 3 .   ? 6.912   15.291  9.000   1.00 29.79 ? 364 HOH A O   1 
HETATM 922 O  O   . HOH C 3 .   ? 3.904   -10.274 -10.700 1.00 27.14 ? 365 HOH A O   1 
HETATM 923 O  O   . HOH C 3 .   ? 13.151  1.770   10.609  1.00 43.14 ? 366 HOH A O   1 
HETATM 924 O  O   . HOH C 3 .   ? -5.030  12.130  0.353   1.00 31.90 ? 367 HOH A O   1 
HETATM 925 O  O   . HOH C 3 .   ? 10.899  -1.249  -5.874  1.00 30.93 ? 368 HOH A O   1 
HETATM 926 O  O   . HOH C 3 .   ? 10.273  -12.328 5.994   1.00 41.57 ? 369 HOH A O   1 
HETATM 927 O  O   . HOH C 3 .   ? -2.031  11.355  1.470   1.00 30.79 ? 370 HOH A O   1 
HETATM 928 O  O   . HOH C 3 .   ? -13.902 -12.051 3.513   1.00 37.17 ? 371 HOH A O   1 
HETATM 929 O  O   . HOH C 3 .   ? 2.336   20.129  9.863   1.00 32.38 ? 372 HOH A O   1 
HETATM 930 O  O   . HOH C 3 .   ? -12.148 -9.299  3.117   1.00 19.64 ? 373 HOH A O   1 
HETATM 931 O  O   . HOH C 3 .   ? -6.447  -16.922 -9.522  1.00 47.77 ? 374 HOH A O   1 
HETATM 932 O  O   . HOH C 3 .   ? 10.897  -13.796 -3.992  1.00 35.11 ? 375 HOH A O   1 
HETATM 933 O  O   . HOH C 3 .   ? 14.823  -13.959 4.376   1.00 28.25 ? 376 HOH A O   1 
HETATM 934 O  O   . HOH C 3 .   ? -6.919  1.231   7.725   1.00 35.32 ? 377 HOH A O   1 
HETATM 935 O  O   . HOH C 3 .   ? -0.235  17.104  5.293   1.00 32.57 ? 378 HOH A O   1 
HETATM 936 O  O   . HOH C 3 .   ? 9.018   15.340  -1.709  1.00 33.84 ? 379 HOH A O   1 
HETATM 937 O  O   . HOH C 3 .   ? 5.069   -7.506  8.082   1.00 36.62 ? 380 HOH A O   1 
HETATM 938 O  O   . HOH C 3 .   ? -0.868  -4.959  -19.346 1.00 36.71 ? 381 HOH A O   1 
HETATM 939 O  O   . HOH C 3 .   ? 7.959   -5.245  -4.755  1.00 36.18 ? 382 HOH A O   1 
HETATM 940 O  O   . HOH C 3 .   ? 5.331   4.371   -11.581 1.00 49.01 ? 383 HOH A O   1 
HETATM 941 O  O   . HOH C 3 .   ? 7.306   -13.356 6.862   1.00 44.77 ? 385 HOH A O   1 
HETATM 942 O  O   . HOH C 3 .   ? 4.195   -10.751 6.497   1.00 28.50 ? 386 HOH A O   1 
HETATM 943 O  O   . HOH C 3 .   ? 9.593   -3.622  -0.952  1.00 37.46 ? 387 HOH A O   1 
HETATM 944 O  O   . HOH C 3 .   ? 4.371   16.038  10.345  1.00 37.60 ? 388 HOH A O   1 
HETATM 945 O  O   . HOH C 3 .   ? -5.717  12.750  3.898   1.00 49.53 ? 389 HOH A O   1 
HETATM 946 O  O   . HOH C 3 .   ? -8.287  -13.832 6.214   1.00 33.46 ? 391 HOH A O   1 
HETATM 947 O  O   . HOH C 3 .   ? 8.713   20.997  3.636   1.00 36.41 ? 392 HOH A O   1 
HETATM 948 O  O   . HOH C 3 .   ? 4.472   18.346  -4.628  1.00 33.87 ? 394 HOH A O   1 
HETATM 949 O  O   . HOH C 3 .   ? -3.620  -3.114  -12.294 1.00 28.51 ? 395 HOH A O   1 
HETATM 950 O  O   . HOH C 3 .   ? 11.157  -10.122 0.859   1.00 35.11 ? 396 HOH A O   1 
HETATM 951 O  O   . HOH C 3 .   ? 13.731  5.865   5.375   1.00 40.30 ? 397 HOH A O   1 
HETATM 952 O  O   . HOH C 3 .   ? -17.978 -2.574  5.559   1.00 32.88 ? 398 HOH A O   1 
HETATM 953 O  O   . HOH C 3 .   ? -11.176 5.617   8.354   1.00 40.80 ? 399 HOH A O   1 
HETATM 954 O  O   . HOH C 3 .   ? -2.284  -17.020 2.576   1.00 47.24 ? 401 HOH A O   1 
HETATM 955 O  O   . HOH C 3 .   ? -0.093  12.582  -7.391  1.00 44.30 ? 402 HOH A O   1 
HETATM 956 O  O   . HOH C 3 .   ? 12.427  -12.417 4.203   1.00 36.05 ? 403 HOH A O   1 
HETATM 957 O  O   . HOH C 3 .   ? 7.857   17.767  2.782   1.00 32.37 ? 404 HOH A O   1 
HETATM 958 O  O   . HOH C 3 .   ? -12.080 7.674   4.515   1.00 39.89 ? 405 HOH A O   1 
HETATM 959 O  O   . HOH C 3 .   ? -6.786  4.311   -8.929  1.00 50.05 ? 406 HOH A O   1 
HETATM 960 O  O   . HOH C 3 .   ? -15.925 -14.728 -2.378  1.00 35.57 ? 408 HOH A O   1 
HETATM 961 O  O   . HOH C 3 .   ? -11.904 -14.724 -1.427  1.00 46.70 ? 410 HOH A O   1 
HETATM 962 O  O   . HOH C 3 .   ? 8.696   2.208   -7.751  1.00 48.16 ? 411 HOH A O   1 
HETATM 963 O  O   . HOH C 3 .   ? 8.313   -3.416  -6.785  1.00 28.43 ? 412 HOH A O   1 
HETATM 964 O  O   . HOH C 3 .   ? 9.520   -2.969  -4.444  1.00 36.74 ? 413 HOH A O   1 
HETATM 965 O  O   . HOH C 3 .   ? -9.505  -5.556  -12.469 1.00 34.51 ? 415 HOH A O   1 
HETATM 966 O  O   . HOH C 3 .   ? -10.781 2.781   8.415   1.00 43.54 ? 416 HOH A O   1 
HETATM 967 O  O   . HOH C 3 .   ? 13.580  -10.053 2.528   1.00 39.73 ? 418 HOH A O   1 
HETATM 968 O  O   . HOH C 3 .   ? -10.553 2.738   -11.363 1.00 47.90 ? 419 HOH A O   1 
HETATM 969 O  O   . HOH C 3 .   ? 11.539  18.448  -4.147  1.00 36.59 ? 420 HOH A O   1 
# 
